data_1DQ9
#
_entry.id   1DQ9
#
_cell.length_a   74.580
_cell.length_b   171.200
_cell.length_c   80.370
_cell.angle_alpha   90.00
_cell.angle_beta   116.59
_cell.angle_gamma   90.00
#
_symmetry.space_group_name_H-M   'P 1 21 1'
#
loop_
_entity.id
_entity.type
_entity.pdbx_description
1 polymer 'PROTEIN (HMG-COA REDUCTASE)'
2 non-polymer '3-HYDROXY-3-METHYLGLUTARYL-COENZYME A'
#
_entity_poly.entity_id   1
_entity_poly.type   'polypeptide(L)'
_entity_poly.pdbx_seq_one_letter_code
;GAMASSVLVTQEPEIELPREPRPNEECLQILGNAEKGAKFLSDAEIIQLVNAKHIPAYKLETLIETHERGVSIRRQLLSK
KLSEPSSLQYLPYRDYNYSLVMGACCENVIGYMPIPVGVAGPLCLDEKEFQVPMATTEGCLVASTNRGCRAIGLGGGASS
RVLADGMTRGPVVRLPRACDSAEVKAWLETSEGFAVIKEAFDSTSRFARLQKLHTSIAGRNLYIRFQSRSGDAMGMNMIS
KGTEKALSKLHEYFPEMQILAVSGNYCTDKKPAAINWIEGRGKSVVCEAVIPAKVVREVLKTTTEAMIEVNINKNLVGSA
MAGSIGGYNAHAANIVTAIYIACGQDAAQNVGSSNCITLMEASGPTNEDLYISCTMPSIEIGTVGGGTNLLPQQACLQML
GVQGACKDNPGENARQLARIVCGTVMAGELSLMAALAAGHLVKSHMIHNRSKINLQDLQGACTKKTA
;
_entity_poly.pdbx_strand_id   A,B,C,D
#
# COMPACT_ATOMS: atom_id res chain seq x y z
N PHE A 40 -21.86 19.66 49.63
CA PHE A 40 -20.65 19.27 50.33
C PHE A 40 -20.86 17.96 51.11
N LEU A 41 -21.64 18.09 52.19
CA LEU A 41 -21.90 17.05 53.21
C LEU A 41 -22.53 15.67 52.88
N SER A 42 -21.84 14.63 53.34
CA SER A 42 -22.26 13.24 53.18
C SER A 42 -21.94 12.65 51.78
N ASP A 43 -22.09 11.33 51.70
CA ASP A 43 -21.82 10.53 50.49
C ASP A 43 -23.10 9.89 49.97
N ALA A 44 -23.67 8.97 50.79
CA ALA A 44 -24.91 8.31 50.40
C ALA A 44 -25.91 9.36 49.96
N GLU A 45 -25.79 10.55 50.53
CA GLU A 45 -26.71 11.62 50.20
C GLU A 45 -26.42 12.19 48.82
N ILE A 46 -25.17 12.57 48.58
CA ILE A 46 -24.81 13.09 47.26
C ILE A 46 -25.38 12.12 46.23
N ILE A 47 -25.22 10.83 46.49
CA ILE A 47 -25.73 9.82 45.58
C ILE A 47 -27.23 9.98 45.36
N GLN A 48 -28.05 9.49 46.30
CA GLN A 48 -29.51 9.60 46.15
C GLN A 48 -29.89 10.90 45.47
N LEU A 49 -29.32 11.99 45.98
CA LEU A 49 -29.53 13.33 45.47
C LEU A 49 -29.21 13.28 43.98
N VAL A 50 -28.09 12.63 43.66
CA VAL A 50 -27.66 12.47 42.28
C VAL A 50 -28.64 11.55 41.58
N ASN A 51 -28.68 10.29 42.01
CA ASN A 51 -29.58 9.31 41.41
C ASN A 51 -30.95 9.88 41.10
N ALA A 52 -31.49 10.65 42.04
CA ALA A 52 -32.81 11.26 41.89
C ALA A 52 -32.81 12.34 40.81
N LYS A 53 -32.29 13.51 41.15
CA LYS A 53 -32.22 14.60 40.19
C LYS A 53 -31.36 14.07 39.04
N HIS A 54 -30.97 12.79 39.15
CA HIS A 54 -30.13 12.08 38.19
C HIS A 54 -29.12 12.99 37.53
N ILE A 55 -28.03 13.30 38.23
CA ILE A 55 -27.00 14.18 37.69
C ILE A 55 -26.01 13.34 36.90
N PRO A 56 -25.49 13.91 35.80
CA PRO A 56 -24.53 13.13 35.03
C PRO A 56 -23.31 12.93 35.90
N ALA A 57 -22.94 11.67 36.08
CA ALA A 57 -21.77 11.34 36.86
C ALA A 57 -20.61 12.25 36.46
N TYR A 58 -20.48 12.54 35.18
CA TYR A 58 -19.36 13.37 34.75
C TYR A 58 -19.35 14.82 35.25
N LYS A 59 -20.45 15.28 35.85
CA LYS A 59 -20.50 16.64 36.36
C LYS A 59 -20.07 16.70 37.82
N LEU A 60 -20.00 15.52 38.42
CA LEU A 60 -19.62 15.33 39.82
C LEU A 60 -18.53 16.25 40.35
N GLU A 61 -17.59 16.63 39.50
CA GLU A 61 -16.47 17.47 39.91
C GLU A 61 -16.90 18.88 40.28
N THR A 62 -17.95 19.36 39.61
CA THR A 62 -18.49 20.70 39.82
C THR A 62 -19.51 20.80 40.96
N LEU A 63 -19.61 19.74 41.76
CA LEU A 63 -20.55 19.70 42.87
C LEU A 63 -19.87 19.19 44.14
N ILE A 64 -18.61 18.75 44.05
CA ILE A 64 -17.91 18.24 45.23
C ILE A 64 -16.58 18.93 45.54
N GLU A 65 -16.42 19.38 46.78
CA GLU A 65 -15.24 20.13 47.24
C GLU A 65 -13.87 19.68 46.75
N THR A 66 -13.59 18.39 46.83
CA THR A 66 -12.31 17.87 46.39
C THR A 66 -12.52 16.93 45.21
N HIS A 67 -11.58 16.93 44.28
CA HIS A 67 -11.68 16.06 43.11
C HIS A 67 -11.80 14.61 43.48
N GLU A 68 -10.90 14.18 44.35
CA GLU A 68 -10.89 12.81 44.78
C GLU A 68 -12.20 12.27 45.33
N ARG A 69 -12.99 13.14 45.97
CA ARG A 69 -14.27 12.67 46.49
C ARG A 69 -15.24 12.64 45.33
N GLY A 70 -14.87 13.32 44.25
CA GLY A 70 -15.69 13.29 43.07
C GLY A 70 -15.48 11.90 42.50
N VAL A 71 -14.22 11.56 42.20
CA VAL A 71 -13.96 10.24 41.64
C VAL A 71 -14.28 9.11 42.63
N SER A 72 -14.32 9.43 43.93
CA SER A 72 -14.65 8.42 44.94
C SER A 72 -16.14 8.14 44.90
N ILE A 73 -16.92 9.18 44.62
CA ILE A 73 -18.37 9.04 44.52
C ILE A 73 -18.63 8.36 43.20
N ARG A 74 -18.03 8.90 42.14
CA ARG A 74 -18.16 8.37 40.80
C ARG A 74 -18.01 6.86 40.86
N ARG A 75 -16.93 6.41 41.51
CA ARG A 75 -16.63 4.97 41.63
C ARG A 75 -17.69 4.15 42.38
N GLN A 76 -18.24 4.72 43.45
CA GLN A 76 -19.27 4.02 44.23
C GLN A 76 -20.49 3.95 43.35
N LEU A 77 -20.83 5.12 42.82
CA LEU A 77 -21.96 5.34 41.93
C LEU A 77 -21.96 4.35 40.76
N LEU A 78 -20.77 3.97 40.29
CA LEU A 78 -20.63 3.04 39.17
C LEU A 78 -20.63 1.56 39.54
N SER A 79 -20.25 1.29 40.78
CA SER A 79 -20.16 -0.07 41.27
C SER A 79 -21.51 -0.77 41.24
N LYS A 80 -22.57 -0.05 41.61
CA LYS A 80 -23.88 -0.63 41.60
C LYS A 80 -24.07 -1.19 40.20
N LYS A 81 -23.81 -0.35 39.21
CA LYS A 81 -23.95 -0.67 37.79
C LYS A 81 -23.02 -1.74 37.23
N LEU A 82 -22.50 -2.63 38.07
CA LEU A 82 -21.59 -3.70 37.61
C LEU A 82 -22.08 -5.09 38.00
N SER A 83 -21.70 -6.10 37.22
CA SER A 83 -22.12 -7.46 37.50
C SER A 83 -21.43 -7.91 38.77
N GLU A 84 -20.36 -7.20 39.09
CA GLU A 84 -19.58 -7.48 40.28
C GLU A 84 -19.19 -6.13 40.85
N PRO A 85 -19.98 -5.61 41.80
CA PRO A 85 -19.73 -4.31 42.44
C PRO A 85 -18.32 -4.11 42.94
N SER A 86 -17.69 -5.20 43.37
CA SER A 86 -16.34 -5.11 43.87
C SER A 86 -15.30 -5.34 42.77
N SER A 87 -15.30 -4.51 41.73
CA SER A 87 -14.34 -4.73 40.68
C SER A 87 -13.19 -3.76 40.73
N LEU A 88 -13.52 -2.50 41.06
CA LEU A 88 -12.51 -1.48 41.13
C LEU A 88 -11.71 -1.61 42.41
N GLN A 89 -12.01 -2.66 43.19
CA GLN A 89 -11.31 -2.88 44.44
C GLN A 89 -9.86 -2.49 44.23
N TYR A 90 -9.13 -3.27 43.42
CA TYR A 90 -7.71 -3.00 43.17
C TYR A 90 -7.35 -1.94 42.13
N LEU A 91 -8.31 -1.12 41.73
CA LEU A 91 -7.99 -0.05 40.79
C LEU A 91 -7.75 1.19 41.63
N PRO A 92 -6.51 1.70 41.63
CA PRO A 92 -6.00 2.86 42.36
C PRO A 92 -6.84 4.09 42.14
N TYR A 93 -6.59 5.13 42.92
CA TYR A 93 -7.29 6.39 42.73
C TYR A 93 -6.86 7.44 43.73
N ARG A 94 -6.68 7.06 44.98
CA ARG A 94 -6.29 8.03 45.97
C ARG A 94 -4.90 8.66 45.88
N ASP A 95 -4.86 9.95 46.17
CA ASP A 95 -3.63 10.72 46.13
C ASP A 95 -2.97 10.59 44.76
N TYR A 96 -3.55 11.26 43.78
CA TYR A 96 -2.99 11.26 42.46
C TYR A 96 -2.83 12.69 41.96
N ASN A 97 -3.76 13.56 42.35
CA ASN A 97 -3.74 14.96 41.93
C ASN A 97 -4.47 15.10 40.59
N TYR A 98 -5.77 14.86 40.64
CA TYR A 98 -6.63 14.95 39.49
C TYR A 98 -6.69 16.39 38.99
N SER A 99 -6.21 17.31 39.81
CA SER A 99 -6.20 18.71 39.44
C SER A 99 -5.60 18.90 38.04
N LEU A 100 -4.40 18.37 37.83
CA LEU A 100 -3.73 18.50 36.54
C LEU A 100 -4.41 17.73 35.39
N VAL A 101 -5.32 16.84 35.76
CA VAL A 101 -6.06 16.00 34.81
C VAL A 101 -7.42 16.59 34.46
N MET A 102 -8.13 17.03 35.50
CA MET A 102 -9.46 17.59 35.33
C MET A 102 -9.51 18.66 34.26
N GLY A 103 -10.49 18.52 33.38
CA GLY A 103 -10.68 19.47 32.29
C GLY A 103 -9.45 19.69 31.44
N ALA A 104 -8.73 18.62 31.11
CA ALA A 104 -7.54 18.78 30.31
C ALA A 104 -6.99 17.49 29.76
N CYS A 105 -7.02 16.43 30.54
CA CYS A 105 -6.45 15.20 30.06
C CYS A 105 -7.38 14.02 30.07
N CYS A 106 -8.50 14.11 30.79
CA CYS A 106 -9.39 12.97 30.86
C CYS A 106 -10.70 13.27 31.59
N GLU A 107 -11.80 12.65 31.14
CA GLU A 107 -13.12 12.87 31.70
C GLU A 107 -13.58 11.64 32.48
N ASN A 108 -14.66 11.81 33.26
CA ASN A 108 -15.20 10.73 34.06
C ASN A 108 -14.11 9.92 34.73
N VAL A 109 -13.15 10.58 35.37
CA VAL A 109 -12.09 9.83 36.01
C VAL A 109 -12.56 9.04 37.20
N ILE A 110 -12.19 7.75 37.23
CA ILE A 110 -12.52 6.85 38.30
C ILE A 110 -11.23 6.32 38.90
N GLY A 111 -10.12 6.95 38.55
CA GLY A 111 -8.86 6.49 39.10
C GLY A 111 -7.77 6.61 38.07
N TYR A 112 -6.67 5.88 38.28
CA TYR A 112 -5.53 5.93 37.37
C TYR A 112 -4.95 4.54 37.16
N MET A 113 -4.25 4.37 36.04
CA MET A 113 -3.65 3.08 35.72
C MET A 113 -2.12 3.06 35.82
N PRO A 114 -1.58 2.23 36.72
CA PRO A 114 -0.14 2.08 36.96
C PRO A 114 0.55 1.20 35.91
N ILE A 115 1.47 1.79 35.15
CA ILE A 115 2.22 1.06 34.14
C ILE A 115 3.69 0.96 34.57
N PRO A 116 4.18 -0.26 34.76
CA PRO A 116 5.58 -0.41 35.17
C PRO A 116 6.50 0.44 34.30
N VAL A 117 7.44 1.11 34.93
CA VAL A 117 8.37 1.94 34.19
C VAL A 117 9.78 1.43 34.41
N GLY A 118 10.40 0.93 33.35
CA GLY A 118 11.76 0.44 33.46
C GLY A 118 12.68 1.48 32.87
N VAL A 119 13.98 1.23 32.90
CA VAL A 119 14.91 2.19 32.35
C VAL A 119 15.97 1.43 31.56
N ALA A 120 16.39 2.01 30.45
CA ALA A 120 17.39 1.37 29.60
C ALA A 120 18.48 2.36 29.28
N GLY A 121 19.71 1.89 29.22
CA GLY A 121 20.81 2.77 28.92
C GLY A 121 22.08 2.51 29.70
N PRO A 122 23.04 3.44 29.65
CA PRO A 122 22.94 4.68 28.91
C PRO A 122 22.84 4.52 27.39
N LEU A 123 22.22 5.50 26.75
CA LEU A 123 22.12 5.45 25.32
C LEU A 123 23.16 6.45 24.89
N CYS A 124 24.22 5.95 24.29
CA CYS A 124 25.29 6.81 23.84
C CYS A 124 24.90 7.32 22.48
N LEU A 125 24.24 8.47 22.50
CA LEU A 125 23.72 9.12 21.32
C LEU A 125 24.26 10.51 21.15
N ASP A 126 24.84 10.78 19.98
CA ASP A 126 25.40 12.09 19.72
C ASP A 126 26.25 12.59 20.87
N GLU A 127 27.19 11.75 21.28
CA GLU A 127 28.12 12.09 22.33
C GLU A 127 27.45 12.52 23.61
N LYS A 128 26.41 11.81 24.01
CA LYS A 128 25.73 12.11 25.25
C LYS A 128 25.23 10.77 25.72
N GLU A 129 24.75 10.72 26.94
CA GLU A 129 24.23 9.46 27.45
C GLU A 129 22.88 9.75 28.03
N PHE A 130 21.92 8.91 27.69
CA PHE A 130 20.58 9.12 28.19
C PHE A 130 20.11 7.90 28.91
N GLN A 131 19.34 8.11 29.98
CA GLN A 131 18.77 7.02 30.73
C GLN A 131 17.32 7.05 30.26
N VAL A 132 16.98 6.17 29.32
CA VAL A 132 15.65 6.12 28.74
C VAL A 132 14.60 5.38 29.52
N PRO A 133 13.52 6.09 29.91
CA PRO A 133 12.39 5.55 30.67
C PRO A 133 11.46 4.88 29.70
N MET A 134 10.94 3.71 30.06
CA MET A 134 10.05 2.98 29.20
C MET A 134 8.92 2.41 30.02
N ALA A 135 7.73 2.97 29.85
CA ALA A 135 6.55 2.50 30.58
C ALA A 135 5.99 1.32 29.81
N THR A 136 6.17 0.13 30.35
CA THR A 136 5.66 -1.05 29.66
C THR A 136 5.17 -2.14 30.59
N THR A 137 4.59 -3.16 29.95
CA THR A 137 4.04 -4.31 30.62
C THR A 137 4.50 -5.60 29.91
N GLU A 138 5.41 -5.45 28.95
CA GLU A 138 5.94 -6.58 28.20
C GLU A 138 7.35 -6.98 28.64
N GLY A 139 7.45 -8.17 29.23
CA GLY A 139 8.75 -8.66 29.67
C GLY A 139 9.83 -8.75 28.60
N CYS A 140 11.05 -8.37 28.99
CA CYS A 140 12.22 -8.39 28.11
C CYS A 140 12.38 -7.16 27.25
N LEU A 141 11.30 -6.39 27.07
CA LEU A 141 11.38 -5.19 26.24
C LEU A 141 12.49 -4.28 26.76
N VAL A 142 12.43 -4.00 28.06
CA VAL A 142 13.44 -3.15 28.68
C VAL A 142 14.77 -3.87 28.65
N ALA A 143 14.78 -5.14 29.07
CA ALA A 143 16.01 -5.91 29.07
C ALA A 143 16.67 -5.85 27.69
N SER A 144 15.87 -6.11 26.66
CA SER A 144 16.34 -6.12 25.28
C SER A 144 16.85 -4.77 24.81
N THR A 145 16.11 -3.72 25.13
CA THR A 145 16.51 -2.38 24.70
C THR A 145 17.81 -2.01 25.39
N ASN A 146 17.98 -2.52 26.60
CA ASN A 146 19.17 -2.28 27.36
C ASN A 146 20.32 -2.97 26.64
N ARG A 147 20.18 -4.28 26.43
CA ARG A 147 21.20 -5.07 25.75
C ARG A 147 21.59 -4.40 24.44
N GLY A 148 20.60 -3.78 23.79
CA GLY A 148 20.87 -3.10 22.54
C GLY A 148 21.66 -1.84 22.79
N CYS A 149 21.34 -1.12 23.85
CA CYS A 149 22.05 0.12 24.17
C CYS A 149 23.50 -0.21 24.46
N ARG A 150 23.70 -1.36 25.07
CA ARG A 150 25.01 -1.84 25.45
C ARG A 150 25.91 -2.01 24.23
N ALA A 151 25.42 -2.76 23.26
CA ALA A 151 26.16 -2.98 22.04
C ALA A 151 26.57 -1.63 21.44
N ILE A 152 25.67 -0.67 21.50
CA ILE A 152 25.95 0.65 20.94
C ILE A 152 27.03 1.39 21.74
N GLY A 153 26.94 1.33 23.05
CA GLY A 153 27.92 1.99 23.89
C GLY A 153 29.33 1.48 23.62
N LEU A 154 29.48 0.15 23.58
CA LEU A 154 30.77 -0.46 23.31
C LEU A 154 31.08 -0.36 21.82
N GLY A 155 30.30 0.44 21.10
CA GLY A 155 30.54 0.54 19.67
C GLY A 155 30.94 1.94 19.25
N GLY A 156 31.21 2.76 20.24
CA GLY A 156 31.59 4.13 19.92
C GLY A 156 30.40 5.06 19.94
N GLY A 157 29.22 4.50 20.21
CA GLY A 157 28.02 5.30 20.27
C GLY A 157 27.29 5.45 18.94
N ALA A 158 26.16 6.14 18.99
CA ALA A 158 25.33 6.37 17.84
C ALA A 158 25.18 7.85 17.46
N SER A 159 24.88 8.10 16.19
CA SER A 159 24.70 9.45 15.67
C SER A 159 23.30 9.60 15.08
N SER A 160 22.71 10.77 15.26
CA SER A 160 21.36 11.03 14.77
C SER A 160 21.20 12.43 14.22
N ARG A 161 20.24 12.58 13.31
CA ARG A 161 19.95 13.87 12.67
C ARG A 161 18.46 14.00 12.44
N VAL A 162 17.93 15.18 12.78
CA VAL A 162 16.51 15.47 12.56
C VAL A 162 16.50 15.98 11.14
N LEU A 163 15.83 15.27 10.25
CA LEU A 163 15.79 15.64 8.84
C LEU A 163 14.72 16.67 8.50
N ALA A 164 13.62 16.65 9.24
CA ALA A 164 12.55 17.61 8.99
C ALA A 164 11.66 17.74 10.20
N ASP A 165 10.93 18.86 10.29
CA ASP A 165 10.06 19.12 11.41
C ASP A 165 8.80 19.85 10.98
N GLY A 166 7.65 19.25 11.22
CA GLY A 166 6.40 19.90 10.86
C GLY A 166 5.21 19.01 11.10
N MET A 167 4.27 19.50 11.91
CA MET A 167 3.04 18.75 12.19
C MET A 167 2.12 19.14 11.05
N THR A 168 1.16 18.29 10.71
CA THR A 168 0.29 18.58 9.59
C THR A 168 -1.17 18.41 9.89
N ARG A 169 -2.00 19.03 9.04
CA ARG A 169 -3.44 18.95 9.13
C ARG A 169 -3.97 19.07 7.70
N GLY A 170 -4.79 18.11 7.31
CA GLY A 170 -5.32 18.14 5.96
C GLY A 170 -6.82 18.08 5.84
N PRO A 171 -7.50 19.23 5.89
CA PRO A 171 -8.97 19.23 5.78
C PRO A 171 -9.46 18.89 4.39
N VAL A 172 -10.76 18.55 4.32
CA VAL A 172 -11.38 18.30 3.00
C VAL A 172 -12.23 19.53 2.78
N VAL A 173 -12.13 20.06 1.57
CA VAL A 173 -12.89 21.22 1.22
C VAL A 173 -13.59 20.89 -0.11
N ARG A 174 -14.76 21.46 -0.35
CA ARG A 174 -15.49 21.18 -1.57
C ARG A 174 -15.85 22.39 -2.38
N LEU A 175 -15.97 22.18 -3.68
CA LEU A 175 -16.36 23.24 -4.59
C LEU A 175 -17.49 22.73 -5.45
N PRO A 176 -18.16 23.64 -6.17
CA PRO A 176 -19.26 23.19 -7.01
C PRO A 176 -18.80 22.21 -8.08
N ARG A 177 -17.75 22.56 -8.81
CA ARG A 177 -17.24 21.69 -9.84
C ARG A 177 -15.77 21.44 -9.69
N ALA A 178 -15.30 20.37 -10.32
CA ALA A 178 -13.89 20.02 -10.27
C ALA A 178 -13.04 21.15 -10.83
N CYS A 179 -13.59 21.84 -11.83
CA CYS A 179 -12.91 22.95 -12.46
C CYS A 179 -12.67 24.04 -11.46
N ASP A 180 -13.52 24.08 -10.46
CA ASP A 180 -13.40 25.07 -9.42
C ASP A 180 -12.31 24.67 -8.45
N SER A 181 -12.33 23.40 -8.05
CA SER A 181 -11.31 22.84 -7.15
C SER A 181 -9.98 23.18 -7.81
N ALA A 182 -9.92 22.84 -9.10
CA ALA A 182 -8.74 23.06 -9.89
C ALA A 182 -8.23 24.46 -9.75
N GLU A 183 -9.13 25.43 -9.87
CA GLU A 183 -8.78 26.84 -9.78
C GLU A 183 -8.22 27.17 -8.42
N VAL A 184 -8.86 26.70 -7.37
CA VAL A 184 -8.38 26.95 -6.02
C VAL A 184 -6.96 26.38 -5.83
N LYS A 185 -6.75 25.14 -6.32
CA LYS A 185 -5.45 24.49 -6.22
C LYS A 185 -4.40 25.37 -6.82
N ALA A 186 -4.65 25.84 -8.04
CA ALA A 186 -3.70 26.71 -8.72
C ALA A 186 -3.47 27.99 -7.93
N TRP A 187 -4.54 28.52 -7.35
CA TRP A 187 -4.45 29.75 -6.57
C TRP A 187 -3.50 29.54 -5.39
N LEU A 188 -3.80 28.50 -4.60
CA LEU A 188 -3.01 28.16 -3.43
C LEU A 188 -1.57 27.97 -3.81
N GLU A 189 -1.32 27.66 -5.09
CA GLU A 189 0.03 27.44 -5.56
C GLU A 189 0.75 28.67 -6.07
N THR A 190 0.04 29.77 -6.22
CA THR A 190 0.69 31.00 -6.65
C THR A 190 1.35 31.54 -5.39
N SER A 191 2.45 32.26 -5.55
CA SER A 191 3.17 32.81 -4.41
C SER A 191 2.34 33.78 -3.56
N GLU A 192 1.55 34.61 -4.20
CA GLU A 192 0.73 35.55 -3.46
C GLU A 192 -0.38 34.83 -2.70
N GLY A 193 -1.03 33.88 -3.37
CA GLY A 193 -2.10 33.11 -2.75
C GLY A 193 -1.58 32.43 -1.48
N PHE A 194 -0.40 31.82 -1.59
CA PHE A 194 0.20 31.14 -0.46
C PHE A 194 0.51 32.12 0.66
N ALA A 195 0.93 33.33 0.27
CA ALA A 195 1.26 34.38 1.24
C ALA A 195 0.07 34.81 2.07
N VAL A 196 -1.10 34.96 1.45
CA VAL A 196 -2.27 35.37 2.22
C VAL A 196 -2.72 34.22 3.10
N ILE A 197 -2.56 32.99 2.62
CA ILE A 197 -2.96 31.86 3.43
C ILE A 197 -2.00 31.72 4.62
N LYS A 198 -0.71 31.90 4.35
CA LYS A 198 0.31 31.80 5.37
C LYS A 198 0.11 32.85 6.45
N GLU A 199 -0.18 34.08 6.02
CA GLU A 199 -0.38 35.19 6.94
C GLU A 199 -1.49 34.83 7.90
N ALA A 200 -2.60 34.40 7.34
CA ALA A 200 -3.75 34.02 8.14
C ALA A 200 -3.37 32.93 9.09
N PHE A 201 -2.73 31.90 8.55
CA PHE A 201 -2.34 30.75 9.35
C PHE A 201 -1.39 31.13 10.52
N ASP A 202 -0.34 31.88 10.19
CA ASP A 202 0.63 32.26 11.21
C ASP A 202 0.11 33.21 12.28
N SER A 203 -0.89 34.02 11.93
CA SER A 203 -1.46 34.98 12.88
C SER A 203 -2.23 34.26 13.98
N THR A 204 -2.22 32.93 13.90
CA THR A 204 -2.91 32.08 14.84
C THR A 204 -2.17 31.84 16.16
N SER A 205 -0.85 31.77 16.08
CA SER A 205 -0.08 31.50 17.25
C SER A 205 1.33 32.07 17.16
N ARG A 206 2.02 32.05 18.29
CA ARG A 206 3.37 32.57 18.34
C ARG A 206 4.34 31.65 17.63
N PHE A 207 4.01 30.36 17.53
CA PHE A 207 4.89 29.41 16.88
C PHE A 207 4.41 28.92 15.53
N ALA A 208 3.18 29.28 15.16
CA ALA A 208 2.61 28.87 13.87
C ALA A 208 3.32 29.53 12.68
N ARG A 209 4.22 28.79 12.04
CA ARG A 209 4.92 29.31 10.88
C ARG A 209 4.80 28.31 9.75
N LEU A 210 3.71 28.48 8.99
CA LEU A 210 3.35 27.63 7.86
C LEU A 210 4.46 27.44 6.85
N GLN A 211 4.87 26.19 6.70
CA GLN A 211 5.90 25.82 5.74
C GLN A 211 5.17 25.65 4.42
N LYS A 212 5.45 24.55 3.72
CA LYS A 212 4.80 24.28 2.45
C LYS A 212 3.31 24.03 2.59
N LEU A 213 2.71 23.75 1.44
CA LEU A 213 1.29 23.47 1.34
C LEU A 213 1.12 22.40 0.26
N HIS A 214 0.71 21.19 0.64
CA HIS A 214 0.53 20.11 -0.34
C HIS A 214 -0.96 19.93 -0.65
N THR A 215 -1.37 20.20 -1.88
CA THR A 215 -2.78 20.06 -2.22
C THR A 215 -3.03 18.80 -3.05
N SER A 216 -4.23 18.27 -2.94
CA SER A 216 -4.58 17.07 -3.68
C SER A 216 -6.07 17.07 -4.03
N ILE A 217 -6.34 16.94 -5.33
CA ILE A 217 -7.68 16.96 -5.90
C ILE A 217 -8.29 15.61 -6.16
N ALA A 218 -9.57 15.50 -5.81
CA ALA A 218 -10.37 14.29 -6.05
C ALA A 218 -11.68 14.83 -6.58
N GLY A 219 -11.74 15.08 -7.88
CA GLY A 219 -12.97 15.61 -8.43
C GLY A 219 -13.20 16.99 -7.89
N ARG A 220 -14.38 17.26 -7.34
CA ARG A 220 -14.62 18.60 -6.83
C ARG A 220 -14.16 18.75 -5.40
N ASN A 221 -13.47 17.73 -4.89
CA ASN A 221 -12.91 17.74 -3.54
C ASN A 221 -11.48 18.25 -3.62
N LEU A 222 -11.05 18.93 -2.56
CA LEU A 222 -9.69 19.44 -2.50
C LEU A 222 -9.13 19.15 -1.13
N TYR A 223 -8.06 18.36 -1.06
CA TYR A 223 -7.43 18.05 0.24
C TYR A 223 -6.21 18.94 0.35
N ILE A 224 -6.18 19.77 1.39
CA ILE A 224 -5.06 20.69 1.62
C ILE A 224 -4.28 20.26 2.84
N ARG A 225 -3.00 19.94 2.64
CA ARG A 225 -2.15 19.51 3.74
C ARG A 225 -1.38 20.75 4.21
N PHE A 226 -1.67 21.20 5.42
CA PHE A 226 -0.99 22.35 5.99
C PHE A 226 0.17 21.86 6.83
N GLN A 227 1.34 22.46 6.65
CA GLN A 227 2.50 22.04 7.44
C GLN A 227 3.19 23.21 8.16
N SER A 228 3.38 23.06 9.46
CA SER A 228 3.99 24.12 10.24
C SER A 228 4.78 23.56 11.41
N ARG A 229 5.74 24.34 11.92
CA ARG A 229 6.52 23.93 13.07
C ARG A 229 5.61 24.25 14.22
N SER A 230 6.07 24.06 15.45
CA SER A 230 5.24 24.37 16.60
C SER A 230 6.01 24.33 17.90
N GLY A 231 7.24 24.85 17.86
CA GLY A 231 8.07 24.83 19.04
C GLY A 231 8.25 23.42 19.61
N ASP A 232 8.10 23.29 20.92
CA ASP A 232 8.26 22.00 21.57
C ASP A 232 6.92 21.33 21.84
N ALA A 233 5.89 21.76 21.10
CA ALA A 233 4.56 21.19 21.25
C ALA A 233 4.38 20.18 20.13
N MET A 234 3.60 19.14 20.35
CA MET A 234 3.39 18.15 19.31
C MET A 234 2.65 18.90 18.21
N GLY A 235 1.90 19.91 18.63
CA GLY A 235 1.22 20.80 17.70
C GLY A 235 -0.06 20.42 16.98
N MET A 236 -0.65 19.29 17.35
CA MET A 236 -1.88 18.88 16.70
C MET A 236 -2.94 19.98 16.89
N ASN A 237 -3.00 20.55 18.08
CA ASN A 237 -3.96 21.60 18.36
C ASN A 237 -3.64 22.92 17.68
N MET A 238 -2.41 23.39 17.83
CA MET A 238 -2.02 24.64 17.21
C MET A 238 -2.34 24.67 15.72
N ILE A 239 -1.99 23.59 15.03
CA ILE A 239 -2.22 23.46 13.59
C ILE A 239 -3.70 23.50 13.20
N SER A 240 -4.55 22.86 13.97
CA SER A 240 -5.97 22.86 13.68
C SER A 240 -6.48 24.31 13.71
N LYS A 241 -6.07 25.05 14.75
CA LYS A 241 -6.46 26.45 14.90
C LYS A 241 -5.95 27.25 13.72
N GLY A 242 -4.74 26.93 13.26
CA GLY A 242 -4.14 27.61 12.14
C GLY A 242 -4.83 27.31 10.81
N THR A 243 -5.09 26.04 10.52
CA THR A 243 -5.73 25.73 9.27
C THR A 243 -7.15 26.30 9.26
N GLU A 244 -7.82 26.28 10.40
CA GLU A 244 -9.16 26.83 10.44
C GLU A 244 -9.14 28.31 10.06
N LYS A 245 -8.28 29.09 10.69
CA LYS A 245 -8.18 30.49 10.38
C LYS A 245 -7.86 30.69 8.89
N ALA A 246 -7.01 29.82 8.38
CA ALA A 246 -6.59 29.90 6.97
C ALA A 246 -7.72 29.55 6.03
N LEU A 247 -8.51 28.53 6.40
CA LEU A 247 -9.61 28.10 5.57
C LEU A 247 -10.63 29.21 5.45
N SER A 248 -10.71 30.08 6.47
CA SER A 248 -11.65 31.18 6.45
C SER A 248 -11.19 32.17 5.42
N LYS A 249 -9.95 32.61 5.56
CA LYS A 249 -9.41 33.55 4.62
C LYS A 249 -9.54 32.97 3.21
N LEU A 250 -9.36 31.66 3.10
CA LEU A 250 -9.47 30.99 1.80
C LEU A 250 -10.90 31.15 1.27
N HIS A 251 -11.86 31.06 2.20
CA HIS A 251 -13.26 31.16 1.86
C HIS A 251 -13.60 32.54 1.31
N GLU A 252 -12.98 33.57 1.88
CA GLU A 252 -13.20 34.94 1.47
C GLU A 252 -12.95 35.07 -0.02
N TYR A 253 -11.98 34.31 -0.52
CA TYR A 253 -11.65 34.34 -1.94
C TYR A 253 -12.51 33.42 -2.80
N PHE A 254 -12.96 32.31 -2.22
CA PHE A 254 -13.79 31.37 -2.95
C PHE A 254 -14.97 31.07 -2.07
N PRO A 255 -15.88 32.05 -1.99
CA PRO A 255 -17.12 32.01 -1.20
C PRO A 255 -17.95 30.76 -1.50
N GLU A 256 -17.80 30.20 -2.69
CA GLU A 256 -18.55 29.01 -3.04
C GLU A 256 -17.94 27.72 -2.53
N MET A 257 -16.89 27.83 -1.72
CA MET A 257 -16.20 26.68 -1.19
C MET A 257 -16.77 26.14 0.11
N GLN A 258 -17.03 24.85 0.15
CA GLN A 258 -17.56 24.23 1.35
C GLN A 258 -16.44 23.57 2.18
N ILE A 259 -16.31 23.99 3.44
CA ILE A 259 -15.31 23.41 4.33
C ILE A 259 -16.00 22.21 4.97
N LEU A 260 -15.78 21.03 4.39
CA LEU A 260 -16.40 19.81 4.88
C LEU A 260 -15.93 19.33 6.24
N ALA A 261 -14.63 19.39 6.50
CA ALA A 261 -14.04 18.93 7.79
C ALA A 261 -12.57 19.37 7.92
N VAL A 262 -12.20 19.98 9.06
CA VAL A 262 -10.81 20.43 9.27
C VAL A 262 -9.84 19.29 9.08
N SER A 263 -10.37 18.08 9.26
CA SER A 263 -9.56 16.90 9.07
C SER A 263 -10.24 15.94 8.12
N GLY A 264 -9.69 15.85 6.92
CA GLY A 264 -10.23 14.95 5.92
C GLY A 264 -9.31 13.77 5.72
N ASN A 265 -8.66 13.36 6.80
CA ASN A 265 -7.72 12.23 6.80
C ASN A 265 -6.53 12.38 5.87
N TYR A 266 -6.18 13.61 5.49
CA TYR A 266 -5.05 13.80 4.62
C TYR A 266 -3.85 14.33 5.44
N CYS A 267 -3.97 14.30 6.76
CA CYS A 267 -2.88 14.79 7.61
C CYS A 267 -1.62 13.92 7.55
N THR A 268 -1.70 12.63 7.88
CA THR A 268 -2.90 11.93 8.33
C THR A 268 -2.68 11.69 9.82
N ASP A 269 -3.74 11.73 10.63
CA ASP A 269 -3.53 11.52 12.05
C ASP A 269 -4.05 10.17 12.53
N LYS A 270 -3.21 9.46 13.30
CA LYS A 270 -3.52 8.17 13.90
C LYS A 270 -4.08 7.07 13.02
N LYS A 271 -3.78 7.13 11.73
CA LYS A 271 -4.21 6.09 10.77
C LYS A 271 -3.02 5.81 9.84
N PRO A 272 -2.85 4.55 9.42
CA PRO A 272 -1.72 4.27 8.53
C PRO A 272 -1.88 5.04 7.23
N ALA A 273 -0.82 5.67 6.75
CA ALA A 273 -0.90 6.43 5.51
C ALA A 273 0.44 6.63 4.79
N ALA A 274 0.52 6.20 3.54
CA ALA A 274 1.71 6.34 2.74
C ALA A 274 2.21 7.78 2.69
N ILE A 275 1.30 8.74 2.86
CA ILE A 275 1.71 10.13 2.78
C ILE A 275 2.60 10.52 3.97
N ASN A 276 2.29 9.99 5.15
CA ASN A 276 3.12 10.29 6.32
C ASN A 276 4.50 9.70 6.07
N TRP A 277 4.53 8.49 5.51
CA TRP A 277 5.77 7.81 5.19
C TRP A 277 6.63 8.51 4.14
N ILE A 278 5.98 8.98 3.08
CA ILE A 278 6.68 9.66 1.99
C ILE A 278 6.94 11.15 2.18
N GLU A 279 5.95 11.86 2.72
CA GLU A 279 6.06 13.31 2.91
C GLU A 279 6.59 13.65 4.29
N GLY A 280 6.47 12.72 5.24
CA GLY A 280 6.91 12.95 6.60
C GLY A 280 5.83 13.67 7.41
N ARG A 281 5.86 13.52 8.72
CA ARG A 281 4.90 14.20 9.58
C ARG A 281 5.49 14.26 10.97
N GLY A 282 5.58 15.44 11.54
CA GLY A 282 6.17 15.54 12.86
C GLY A 282 7.66 15.70 12.63
N LYS A 283 8.46 14.86 13.27
CA LYS A 283 9.89 14.93 13.09
C LYS A 283 10.41 13.70 12.36
N SER A 284 11.21 13.94 11.33
CA SER A 284 11.82 12.87 10.54
C SER A 284 13.26 12.80 11.04
N VAL A 285 13.73 11.60 11.37
CA VAL A 285 15.08 11.50 11.89
C VAL A 285 15.82 10.22 11.48
N VAL A 286 17.13 10.31 11.26
CA VAL A 286 17.96 9.15 10.92
C VAL A 286 18.84 8.78 12.10
N CYS A 287 19.24 7.52 12.14
CA CYS A 287 20.07 7.07 13.21
C CYS A 287 21.02 6.02 12.68
N GLU A 288 22.20 5.94 13.29
CA GLU A 288 23.21 4.96 12.87
C GLU A 288 24.21 4.70 14.00
N ALA A 289 24.95 3.60 13.85
CA ALA A 289 25.96 3.18 14.81
C ALA A 289 26.67 2.04 14.14
N VAL A 290 27.87 1.71 14.60
CA VAL A 290 28.59 0.57 14.03
C VAL A 290 29.01 -0.29 15.21
N ILE A 291 28.51 -1.51 15.26
CA ILE A 291 28.87 -2.40 16.34
C ILE A 291 30.08 -3.26 15.94
N PRO A 292 31.15 -3.22 16.76
CA PRO A 292 32.38 -3.98 16.52
C PRO A 292 32.08 -5.47 16.52
N ALA A 293 32.58 -6.17 15.50
CA ALA A 293 32.37 -7.63 15.39
C ALA A 293 32.46 -8.37 16.74
N LYS A 294 33.43 -7.98 17.58
CA LYS A 294 33.57 -8.61 18.89
C LYS A 294 32.28 -8.43 19.69
N VAL A 295 31.81 -7.19 19.76
CA VAL A 295 30.58 -6.82 20.51
C VAL A 295 29.34 -7.56 20.01
N VAL A 296 29.29 -7.84 18.71
CA VAL A 296 28.16 -8.55 18.15
C VAL A 296 28.17 -9.99 18.65
N ARG A 297 29.37 -10.59 18.66
CA ARG A 297 29.51 -11.97 19.10
C ARG A 297 29.34 -12.07 20.60
N GLU A 298 29.91 -11.11 21.32
CA GLU A 298 29.82 -11.13 22.77
C GLU A 298 28.53 -10.61 23.40
N VAL A 299 28.15 -9.38 23.11
CA VAL A 299 26.93 -8.81 23.69
C VAL A 299 25.66 -9.36 23.01
N LEU A 300 25.59 -9.19 21.69
CA LEU A 300 24.41 -9.62 20.94
C LEU A 300 24.30 -11.11 20.68
N LYS A 301 25.38 -11.84 20.94
CA LYS A 301 25.39 -13.30 20.77
C LYS A 301 25.19 -13.84 19.37
N THR A 302 25.74 -13.18 18.35
CA THR A 302 25.63 -13.65 16.97
C THR A 302 26.72 -13.11 16.08
N THR A 303 26.42 -13.11 14.79
CA THR A 303 27.33 -12.67 13.75
C THR A 303 26.78 -11.52 12.95
N THR A 304 27.64 -10.59 12.56
CA THR A 304 27.22 -9.48 11.73
C THR A 304 26.62 -10.08 10.46
N GLU A 305 27.26 -11.12 9.96
CA GLU A 305 26.76 -11.76 8.75
C GLU A 305 25.35 -12.31 8.95
N ALA A 306 25.08 -12.87 10.13
CA ALA A 306 23.77 -13.44 10.42
C ALA A 306 22.73 -12.33 10.60
N MET A 307 23.11 -11.27 11.29
CA MET A 307 22.23 -10.14 11.51
C MET A 307 21.74 -9.65 10.15
N ILE A 308 22.70 -9.27 9.30
CA ILE A 308 22.40 -8.79 7.96
C ILE A 308 21.55 -9.73 7.15
N GLU A 309 21.82 -11.03 7.22
CA GLU A 309 21.05 -12.02 6.46
C GLU A 309 19.59 -12.01 6.92
N VAL A 310 19.39 -11.69 8.20
CA VAL A 310 18.05 -11.65 8.77
C VAL A 310 17.35 -10.32 8.49
N ASN A 311 18.08 -9.23 8.63
CA ASN A 311 17.49 -7.93 8.41
C ASN A 311 16.89 -7.85 7.03
N ILE A 312 17.65 -8.27 6.03
CA ILE A 312 17.18 -8.19 4.65
C ILE A 312 15.96 -9.04 4.38
N ASN A 313 16.02 -10.31 4.75
CA ASN A 313 14.91 -11.20 4.48
C ASN A 313 13.71 -11.02 5.41
N LYS A 314 13.93 -10.33 6.52
CA LYS A 314 12.83 -10.11 7.45
C LYS A 314 12.29 -8.69 7.24
N ASN A 315 13.06 -7.69 7.64
CA ASN A 315 12.65 -6.30 7.53
C ASN A 315 12.49 -5.75 6.12
N LEU A 316 12.99 -6.44 5.11
CA LEU A 316 12.83 -5.93 3.76
C LEU A 316 11.95 -6.87 2.96
N VAL A 317 12.48 -8.04 2.63
CA VAL A 317 11.72 -9.00 1.85
C VAL A 317 10.44 -9.43 2.53
N GLY A 318 10.50 -9.64 3.84
CA GLY A 318 9.32 -10.09 4.56
C GLY A 318 8.22 -9.04 4.63
N SER A 319 8.60 -7.84 5.04
CA SER A 319 7.68 -6.74 5.12
C SER A 319 7.03 -6.52 3.74
N ALA A 320 7.83 -6.59 2.70
CA ALA A 320 7.30 -6.39 1.38
C ALA A 320 6.31 -7.51 1.06
N MET A 321 6.58 -8.71 1.54
CA MET A 321 5.69 -9.79 1.20
C MET A 321 4.35 -9.62 1.87
N ALA A 322 4.36 -8.98 3.04
CA ALA A 322 3.13 -8.77 3.80
C ALA A 322 2.41 -7.52 3.33
N GLY A 323 2.97 -6.86 2.33
CA GLY A 323 2.35 -5.65 1.82
C GLY A 323 2.36 -4.53 2.85
N SER A 324 3.54 -4.21 3.38
CA SER A 324 3.64 -3.15 4.37
C SER A 324 3.96 -1.85 3.71
N ILE A 325 3.48 -0.76 4.30
CA ILE A 325 3.82 0.57 3.81
C ILE A 325 4.35 1.18 5.09
N GLY A 326 5.64 1.48 5.15
CA GLY A 326 6.19 2.08 6.37
C GLY A 326 6.75 1.20 7.47
N GLY A 327 6.51 -0.10 7.42
CA GLY A 327 7.02 -0.99 8.47
C GLY A 327 8.14 -1.94 8.13
N TYR A 328 9.27 -1.40 7.74
CA TYR A 328 10.42 -2.23 7.43
C TYR A 328 11.32 -2.25 8.65
N ASN A 329 10.79 -2.78 9.75
CA ASN A 329 11.52 -2.83 10.99
C ASN A 329 10.98 -3.99 11.81
N ALA A 330 11.72 -4.37 12.85
CA ALA A 330 11.34 -5.51 13.68
C ALA A 330 10.28 -5.17 14.71
N HIS A 331 10.54 -4.21 15.58
CA HIS A 331 9.53 -3.87 16.56
C HIS A 331 9.63 -2.42 17.02
N ALA A 332 9.88 -1.52 16.08
CA ALA A 332 9.99 -0.12 16.43
C ALA A 332 8.83 0.31 17.33
N ALA A 333 7.64 -0.24 17.10
CA ALA A 333 6.47 0.10 17.88
C ALA A 333 6.66 -0.11 19.38
N ASN A 334 7.19 -1.27 19.76
CA ASN A 334 7.42 -1.59 21.17
C ASN A 334 8.17 -0.47 21.86
N ILE A 335 9.19 0.05 21.18
CA ILE A 335 10.00 1.11 21.75
C ILE A 335 9.29 2.46 21.78
N VAL A 336 8.56 2.79 20.71
CA VAL A 336 7.85 4.06 20.67
C VAL A 336 6.79 4.16 21.75
N THR A 337 5.94 3.14 21.82
CA THR A 337 4.88 3.11 22.80
C THR A 337 5.40 3.28 24.24
N ALA A 338 6.39 2.46 24.60
CA ALA A 338 6.94 2.51 25.94
C ALA A 338 7.41 3.91 26.31
N ILE A 339 8.26 4.50 25.48
CA ILE A 339 8.76 5.83 25.73
C ILE A 339 7.57 6.83 25.70
N TYR A 340 6.65 6.63 24.77
CA TYR A 340 5.52 7.53 24.67
C TYR A 340 4.66 7.55 25.93
N ILE A 341 4.34 6.38 26.45
CA ILE A 341 3.52 6.32 27.65
C ILE A 341 4.29 6.91 28.85
N ALA A 342 5.58 6.61 28.93
CA ALA A 342 6.41 7.09 30.02
C ALA A 342 6.59 8.58 30.00
N CYS A 343 6.67 9.17 28.81
CA CYS A 343 6.88 10.60 28.69
C CYS A 343 5.69 11.47 28.34
N GLY A 344 4.47 10.98 28.59
CA GLY A 344 3.28 11.76 28.32
C GLY A 344 2.91 12.12 26.88
N GLN A 345 3.31 11.31 25.91
CA GLN A 345 2.97 11.54 24.51
C GLN A 345 1.64 10.87 24.22
N ASP A 346 1.12 11.03 23.00
CA ASP A 346 -0.16 10.40 22.64
C ASP A 346 0.12 8.97 22.20
N ALA A 347 -0.07 8.02 23.12
CA ALA A 347 0.20 6.63 22.77
C ALA A 347 -0.51 6.10 21.52
N ALA A 348 -1.56 6.78 21.08
CA ALA A 348 -2.28 6.34 19.90
C ALA A 348 -1.56 6.76 18.64
N GLN A 349 -0.68 7.75 18.74
CA GLN A 349 0.07 8.20 17.57
C GLN A 349 1.16 7.20 17.29
N ASN A 350 1.12 6.18 18.12
CA ASN A 350 2.04 5.08 18.02
C ASN A 350 1.93 4.57 16.60
N VAL A 351 0.76 4.74 16.01
CA VAL A 351 0.46 4.30 14.65
C VAL A 351 1.42 4.82 13.59
N GLY A 352 1.49 6.14 13.46
CA GLY A 352 2.36 6.72 12.45
C GLY A 352 3.79 6.97 12.91
N SER A 353 3.95 7.20 14.22
CA SER A 353 5.24 7.45 14.79
C SER A 353 6.20 6.24 14.67
N SER A 354 5.64 5.06 14.63
CA SER A 354 6.41 3.84 14.52
C SER A 354 6.97 3.58 13.13
N ASN A 355 6.55 4.34 12.12
CA ASN A 355 7.10 4.11 10.79
C ASN A 355 8.62 4.10 10.92
N CYS A 356 9.24 3.10 10.33
CA CYS A 356 10.68 2.99 10.42
C CYS A 356 11.28 1.95 9.52
N ILE A 357 12.32 2.32 8.78
CA ILE A 357 13.02 1.31 8.00
C ILE A 357 14.41 1.10 8.67
N THR A 358 14.71 -0.13 9.09
CA THR A 358 16.01 -0.37 9.70
C THR A 358 16.91 -1.14 8.71
N LEU A 359 18.10 -0.63 8.48
CA LEU A 359 19.03 -1.21 7.54
C LEU A 359 20.34 -1.65 8.21
N MET A 360 20.88 -2.78 7.75
CA MET A 360 22.13 -3.33 8.29
C MET A 360 23.15 -3.75 7.23
N GLU A 361 24.35 -3.20 7.27
CA GLU A 361 25.40 -3.55 6.31
C GLU A 361 26.63 -4.07 7.01
N ALA A 362 27.45 -4.75 6.23
CA ALA A 362 28.71 -5.27 6.73
C ALA A 362 29.64 -4.06 6.71
N SER A 363 30.49 -3.91 7.71
CA SER A 363 31.38 -2.76 7.73
C SER A 363 32.71 -3.10 8.36
N GLY A 364 33.66 -2.18 8.24
CA GLY A 364 34.96 -2.40 8.82
C GLY A 364 35.99 -2.97 7.86
N PRO A 365 37.26 -3.00 8.28
CA PRO A 365 38.39 -3.51 7.50
C PRO A 365 38.17 -4.95 7.02
N THR A 366 37.40 -5.71 7.79
CA THR A 366 37.14 -7.09 7.42
C THR A 366 35.67 -7.35 7.15
N ASN A 367 34.85 -6.31 7.26
CA ASN A 367 33.42 -6.45 7.04
C ASN A 367 32.84 -7.37 8.08
N GLU A 368 33.36 -7.27 9.29
CA GLU A 368 32.89 -8.11 10.39
C GLU A 368 32.08 -7.23 11.31
N ASP A 369 32.22 -5.93 11.12
CA ASP A 369 31.51 -4.98 11.94
C ASP A 369 30.12 -4.75 11.37
N LEU A 370 29.18 -4.49 12.26
CA LEU A 370 27.82 -4.26 11.87
C LEU A 370 27.45 -2.78 11.76
N TYR A 371 27.11 -2.34 10.55
CA TYR A 371 26.66 -0.97 10.36
C TYR A 371 25.15 -1.04 10.41
N ILE A 372 24.53 -0.22 11.27
CA ILE A 372 23.10 -0.22 11.41
C ILE A 372 22.52 1.19 11.39
N SER A 373 21.41 1.36 10.66
CA SER A 373 20.74 2.66 10.61
C SER A 373 19.25 2.44 10.79
N CYS A 374 18.57 3.49 11.23
CA CYS A 374 17.14 3.46 11.42
C CYS A 374 16.56 4.82 11.00
N THR A 375 15.71 4.84 9.97
CA THR A 375 15.10 6.09 9.53
C THR A 375 13.61 6.11 9.86
N MET A 376 13.20 7.12 10.65
CA MET A 376 11.81 7.28 11.07
C MET A 376 11.36 8.66 10.60
N PRO A 377 10.54 8.70 9.53
CA PRO A 377 9.98 9.89 8.88
C PRO A 377 8.85 10.63 9.56
N SER A 378 8.15 10.00 10.48
CA SER A 378 7.01 10.63 11.09
C SER A 378 6.84 10.48 12.59
N ILE A 379 7.81 10.98 13.35
CA ILE A 379 7.74 10.86 14.81
C ILE A 379 6.92 12.02 15.34
N GLU A 380 5.69 11.75 15.75
CA GLU A 380 4.84 12.79 16.28
C GLU A 380 5.13 12.85 17.75
N ILE A 381 5.78 13.94 18.16
CA ILE A 381 6.18 14.06 19.54
C ILE A 381 6.16 15.51 19.98
N GLY A 382 6.14 15.73 21.29
CA GLY A 382 6.12 17.07 21.85
C GLY A 382 6.60 17.04 23.29
N THR A 383 7.05 18.18 23.80
CA THR A 383 7.59 18.29 25.14
C THR A 383 6.80 19.29 26.00
N VAL A 384 5.66 19.70 25.49
CA VAL A 384 4.84 20.66 26.18
C VAL A 384 3.39 20.36 25.91
N GLY A 385 2.55 20.62 26.90
CA GLY A 385 1.13 20.38 26.74
C GLY A 385 0.78 18.91 26.83
N GLY A 386 -0.50 18.62 26.73
CA GLY A 386 -0.96 17.24 26.77
C GLY A 386 -0.60 16.55 28.05
N GLY A 387 -0.22 15.29 27.95
CA GLY A 387 0.17 14.51 29.11
C GLY A 387 1.49 15.03 29.62
N THR A 388 2.12 15.88 28.83
CA THR A 388 3.38 16.48 29.21
C THR A 388 3.21 17.45 30.39
N ASN A 389 1.97 17.79 30.73
CA ASN A 389 1.71 18.71 31.82
C ASN A 389 1.59 18.00 33.14
N LEU A 390 1.45 16.69 33.12
CA LEU A 390 1.31 15.93 34.37
C LEU A 390 2.71 15.76 34.97
N LEU A 391 2.80 15.75 36.29
CA LEU A 391 4.08 15.66 36.97
C LEU A 391 4.85 14.36 36.86
N PRO A 392 4.17 13.21 36.97
CA PRO A 392 4.94 11.97 36.86
C PRO A 392 5.54 11.82 35.46
N GLN A 393 4.76 12.17 34.44
CA GLN A 393 5.25 12.07 33.07
C GLN A 393 6.41 13.04 32.94
N GLN A 394 6.25 14.22 33.54
CA GLN A 394 7.28 15.25 33.49
C GLN A 394 8.58 14.74 34.09
N ALA A 395 8.45 13.82 35.04
CA ALA A 395 9.61 13.24 35.70
C ALA A 395 10.48 12.51 34.66
N CYS A 396 9.84 11.70 33.83
CA CYS A 396 10.54 10.95 32.81
C CYS A 396 11.11 11.88 31.74
N LEU A 397 10.50 13.05 31.59
CA LEU A 397 11.01 13.99 30.62
C LEU A 397 12.29 14.62 31.16
N GLN A 398 12.29 14.99 32.42
CA GLN A 398 13.47 15.60 33.03
C GLN A 398 14.57 14.59 33.00
N MET A 399 14.21 13.36 33.29
CA MET A 399 15.16 12.27 33.31
C MET A 399 15.97 12.31 32.02
N LEU A 400 15.35 12.77 30.93
CA LEU A 400 16.04 12.86 29.64
C LEU A 400 16.41 14.29 29.34
N GLY A 401 16.12 15.14 30.31
CA GLY A 401 16.42 16.56 30.17
C GLY A 401 15.79 17.16 28.95
N VAL A 402 14.49 16.92 28.79
CA VAL A 402 13.78 17.42 27.63
C VAL A 402 12.55 18.22 28.06
N GLN A 403 12.04 17.87 29.25
CA GLN A 403 10.85 18.48 29.87
C GLN A 403 10.60 19.96 29.53
N GLY A 404 9.32 20.29 29.33
CA GLY A 404 8.93 21.66 29.00
C GLY A 404 9.44 22.29 27.73
N ALA A 405 9.16 23.58 27.55
CA ALA A 405 9.61 24.25 26.35
C ALA A 405 11.06 24.61 26.45
N CYS A 406 11.76 24.64 25.32
CA CYS A 406 13.14 25.04 25.35
C CYS A 406 13.16 26.53 25.06
N LYS A 407 13.29 27.33 26.13
CA LYS A 407 13.32 28.77 26.03
C LYS A 407 14.27 29.33 24.98
N ASP A 408 15.55 29.03 25.13
CA ASP A 408 16.53 29.54 24.19
C ASP A 408 16.25 29.15 22.75
N ASN A 409 16.23 27.85 22.48
CA ASN A 409 15.95 27.36 21.12
C ASN A 409 14.65 26.58 21.05
N PRO A 410 13.52 27.26 20.75
CA PRO A 410 12.19 26.63 20.64
C PRO A 410 12.17 25.44 19.70
N GLY A 411 11.62 24.34 20.21
CA GLY A 411 11.53 23.13 19.42
C GLY A 411 12.64 22.16 19.72
N GLU A 412 13.72 22.67 20.29
CA GLU A 412 14.87 21.87 20.62
C GLU A 412 14.56 20.63 21.46
N ASN A 413 13.75 20.80 22.50
CA ASN A 413 13.41 19.65 23.34
C ASN A 413 12.62 18.60 22.56
N ALA A 414 11.62 19.05 21.81
CA ALA A 414 10.84 18.13 21.01
C ALA A 414 11.80 17.39 20.09
N ARG A 415 12.62 18.14 19.38
CA ARG A 415 13.57 17.52 18.49
C ARG A 415 14.53 16.57 19.18
N GLN A 416 15.06 16.98 20.33
CA GLN A 416 16.00 16.13 21.05
C GLN A 416 15.34 14.81 21.45
N LEU A 417 14.13 14.90 21.97
CA LEU A 417 13.39 13.71 22.36
C LEU A 417 13.15 12.79 21.15
N ALA A 418 12.89 13.39 20.00
CA ALA A 418 12.65 12.63 18.79
C ALA A 418 13.90 11.81 18.48
N ARG A 419 15.05 12.43 18.60
CA ARG A 419 16.30 11.74 18.33
C ARG A 419 16.54 10.60 19.30
N ILE A 420 16.13 10.80 20.53
CA ILE A 420 16.30 9.77 21.54
C ILE A 420 15.37 8.62 21.18
N VAL A 421 14.14 8.94 20.76
CA VAL A 421 13.19 7.89 20.38
C VAL A 421 13.78 7.08 19.24
N CYS A 422 14.36 7.75 18.25
CA CYS A 422 14.95 7.06 17.13
C CYS A 422 16.17 6.25 17.59
N GLY A 423 16.99 6.84 18.46
CA GLY A 423 18.17 6.14 18.98
C GLY A 423 17.78 4.87 19.73
N THR A 424 16.87 4.99 20.68
CA THR A 424 16.43 3.85 21.43
C THR A 424 15.80 2.80 20.52
N VAL A 425 15.15 3.24 19.45
CA VAL A 425 14.54 2.28 18.54
C VAL A 425 15.62 1.46 17.89
N MET A 426 16.71 2.11 17.48
CA MET A 426 17.82 1.39 16.84
C MET A 426 18.37 0.37 17.82
N ALA A 427 18.49 0.79 19.07
CA ALA A 427 18.98 -0.09 20.13
C ALA A 427 18.10 -1.33 20.18
N GLY A 428 16.80 -1.14 20.35
CA GLY A 428 15.89 -2.28 20.39
C GLY A 428 15.93 -3.13 19.11
N GLU A 429 16.08 -2.47 17.96
CA GLU A 429 16.14 -3.18 16.71
C GLU A 429 17.36 -4.10 16.74
N LEU A 430 18.48 -3.54 17.16
CA LEU A 430 19.74 -4.27 17.30
C LEU A 430 19.57 -5.56 18.12
N SER A 431 19.12 -5.41 19.36
CA SER A 431 18.91 -6.56 20.25
C SER A 431 17.92 -7.61 19.77
N LEU A 432 16.73 -7.19 19.33
CA LEU A 432 15.74 -8.16 18.90
C LEU A 432 16.20 -8.86 17.63
N MET A 433 16.75 -8.10 16.70
CA MET A 433 17.23 -8.70 15.46
C MET A 433 18.23 -9.78 15.79
N ALA A 434 19.14 -9.46 16.70
CA ALA A 434 20.16 -10.40 17.16
C ALA A 434 19.50 -11.66 17.71
N ALA A 435 18.65 -11.49 18.72
CA ALA A 435 17.93 -12.59 19.34
C ALA A 435 17.29 -13.48 18.28
N LEU A 436 16.67 -12.86 17.27
CA LEU A 436 16.03 -13.62 16.19
C LEU A 436 17.05 -14.41 15.38
N ALA A 437 18.18 -13.77 15.10
CA ALA A 437 19.25 -14.38 14.34
C ALA A 437 19.76 -15.58 15.13
N ALA A 438 20.05 -15.36 16.41
CA ALA A 438 20.57 -16.41 17.27
C ALA A 438 19.58 -17.51 17.65
N GLY A 439 18.30 -17.29 17.39
CA GLY A 439 17.28 -18.28 17.74
C GLY A 439 17.01 -18.19 19.23
N HIS A 440 17.06 -16.98 19.77
CA HIS A 440 16.85 -16.79 21.20
C HIS A 440 15.48 -16.27 21.61
N LEU A 441 14.50 -16.29 20.73
CA LEU A 441 13.25 -15.70 21.14
C LEU A 441 12.44 -16.53 22.09
N VAL A 442 11.69 -17.51 21.58
CA VAL A 442 10.79 -18.07 22.55
C VAL A 442 11.43 -17.93 23.99
N LYS A 443 12.30 -18.79 24.45
CA LYS A 443 12.95 -18.74 25.78
C LYS A 443 13.49 -17.42 26.37
N SER A 444 13.59 -16.40 25.51
CA SER A 444 14.09 -15.05 25.89
C SER A 444 15.62 -14.93 25.69
N LYS B 39 21.59 -8.93 51.49
CA LYS B 39 20.48 -8.92 52.48
C LYS B 39 20.29 -7.55 53.08
N PHE B 40 19.95 -7.55 54.36
CA PHE B 40 19.71 -6.33 55.10
C PHE B 40 21.04 -5.72 55.52
N LEU B 41 21.40 -4.65 54.82
CA LEU B 41 22.60 -3.86 55.10
C LEU B 41 22.06 -2.43 55.16
N SER B 42 22.54 -1.56 54.28
CA SER B 42 22.02 -0.20 54.28
C SER B 42 22.05 0.31 52.84
N ASP B 43 20.92 0.90 52.42
CA ASP B 43 20.81 1.46 51.07
C ASP B 43 22.12 2.21 50.82
N ALA B 44 22.68 2.75 51.89
CA ALA B 44 23.92 3.52 51.84
C ALA B 44 25.11 2.71 51.34
N GLU B 45 25.20 1.44 51.73
CA GLU B 45 26.30 0.59 51.31
C GLU B 45 25.91 -0.53 50.38
N ILE B 46 24.63 -0.93 50.38
CA ILE B 46 24.17 -1.98 49.45
C ILE B 46 24.46 -1.40 48.07
N ILE B 47 24.66 -0.08 48.08
CA ILE B 47 24.97 0.71 46.91
C ILE B 47 26.47 0.62 46.60
N GLN B 48 27.33 0.64 47.61
CA GLN B 48 28.75 0.53 47.30
C GLN B 48 29.08 -0.76 46.55
N LEU B 49 28.72 -1.92 47.11
CA LEU B 49 29.01 -3.19 46.43
C LEU B 49 28.65 -2.99 44.97
N VAL B 50 27.44 -2.51 44.77
CA VAL B 50 26.91 -2.23 43.45
C VAL B 50 27.86 -1.31 42.70
N ASN B 51 28.32 -0.25 43.36
CA ASN B 51 29.24 0.70 42.73
C ASN B 51 30.59 0.05 42.53
N ALA B 52 30.75 -1.13 43.12
CA ALA B 52 31.98 -1.91 42.95
C ALA B 52 31.63 -2.85 41.79
N LYS B 53 30.58 -2.45 41.06
CA LYS B 53 30.06 -3.19 39.91
C LYS B 53 29.93 -4.66 40.20
N HIS B 54 30.02 -5.01 41.48
CA HIS B 54 29.89 -6.39 41.92
C HIS B 54 28.43 -6.82 41.72
N ILE B 55 27.61 -5.86 41.33
CA ILE B 55 26.18 -6.09 41.09
C ILE B 55 25.62 -5.15 40.00
N PRO B 56 24.87 -5.71 39.03
CA PRO B 56 24.29 -4.88 37.96
C PRO B 56 22.88 -4.42 38.38
N ALA B 57 22.69 -3.10 38.37
CA ALA B 57 21.43 -2.49 38.79
C ALA B 57 20.21 -3.35 38.48
N TYR B 58 20.18 -3.94 37.29
CA TYR B 58 19.04 -4.75 36.89
C TYR B 58 18.99 -6.14 37.52
N LYS B 59 19.57 -6.28 38.70
CA LYS B 59 19.53 -7.57 39.36
C LYS B 59 19.21 -7.37 40.82
N LEU B 60 19.32 -6.14 41.29
CA LEU B 60 19.03 -5.84 42.69
C LEU B 60 18.01 -6.83 43.17
N GLU B 61 17.01 -7.08 42.34
CA GLU B 61 15.95 -8.01 42.65
C GLU B 61 16.52 -9.33 43.14
N THR B 62 17.29 -10.01 42.29
CA THR B 62 17.87 -11.28 42.71
C THR B 62 18.51 -11.18 44.11
N LEU B 63 19.26 -10.10 44.36
CA LEU B 63 19.90 -9.90 45.67
C LEU B 63 18.88 -9.50 46.75
N ILE B 64 18.72 -8.18 46.84
CA ILE B 64 17.83 -7.49 47.76
C ILE B 64 16.40 -8.00 47.66
N GLU B 65 16.11 -9.12 48.29
CA GLU B 65 14.76 -9.65 48.20
C GLU B 65 13.72 -8.85 48.99
N THR B 66 13.09 -7.93 48.27
CA THR B 66 12.03 -7.04 48.76
C THR B 66 11.89 -5.96 47.73
N HIS B 67 11.30 -6.38 46.63
CA HIS B 67 11.04 -5.57 45.45
C HIS B 67 11.11 -4.06 45.56
N GLU B 68 10.21 -3.47 46.33
CA GLU B 68 10.21 -2.02 46.45
C GLU B 68 11.56 -1.40 46.81
N ARG B 69 12.31 -2.13 47.62
CA ARG B 69 13.63 -1.70 48.06
C ARG B 69 14.57 -1.78 46.87
N GLY B 70 14.44 -2.86 46.11
CA GLY B 70 15.26 -3.04 44.93
C GLY B 70 15.05 -1.84 44.03
N VAL B 71 13.78 -1.54 43.75
CA VAL B 71 13.44 -0.39 42.92
C VAL B 71 14.07 0.87 43.54
N SER B 72 13.78 1.05 44.84
CA SER B 72 14.24 2.18 45.66
C SER B 72 15.74 2.48 45.54
N ILE B 73 16.56 1.46 45.72
CA ILE B 73 17.99 1.60 45.61
C ILE B 73 18.31 2.04 44.18
N ARG B 74 17.71 1.34 43.21
CA ARG B 74 17.95 1.66 41.81
C ARG B 74 17.62 3.12 41.44
N ARG B 75 16.57 3.67 42.03
CA ARG B 75 16.23 5.06 41.75
C ARG B 75 17.40 5.93 42.22
N GLN B 76 17.82 5.70 43.46
CA GLN B 76 18.93 6.42 44.09
C GLN B 76 20.19 6.36 43.22
N LEU B 77 20.58 5.15 42.86
CA LEU B 77 21.73 4.92 42.01
C LEU B 77 21.60 5.62 40.65
N LEU B 78 20.36 5.84 40.21
CA LEU B 78 20.09 6.47 38.91
C LEU B 78 20.10 7.98 38.99
N SER B 79 19.61 8.48 40.12
CA SER B 79 19.53 9.91 40.35
C SER B 79 20.91 10.49 40.15
N LYS B 80 21.88 9.80 40.70
CA LYS B 80 23.26 10.24 40.60
C LYS B 80 23.67 10.34 39.15
N LYS B 81 23.26 9.38 38.33
CA LYS B 81 23.64 9.40 36.92
C LYS B 81 22.88 10.49 36.17
N LEU B 82 21.82 11.03 36.76
CA LEU B 82 21.07 12.07 36.08
C LEU B 82 21.65 13.48 36.19
N SER B 83 21.49 14.26 35.12
CA SER B 83 21.95 15.64 35.07
C SER B 83 21.13 16.44 36.06
N GLU B 84 19.96 15.92 36.39
CA GLU B 84 19.13 16.59 37.36
C GLU B 84 18.78 15.50 38.35
N PRO B 85 19.71 15.22 39.26
CA PRO B 85 19.61 14.20 40.30
C PRO B 85 18.24 13.97 40.91
N SER B 86 17.38 14.99 40.91
CA SER B 86 16.05 14.83 41.51
C SER B 86 14.89 14.88 40.50
N SER B 87 15.21 14.64 39.23
CA SER B 87 14.19 14.66 38.18
C SER B 87 13.15 13.57 38.43
N LEU B 88 13.53 12.52 39.16
CA LEU B 88 12.59 11.44 39.47
C LEU B 88 11.76 11.80 40.69
N GLN B 89 11.87 13.06 41.09
CA GLN B 89 11.14 13.51 42.25
C GLN B 89 9.70 13.08 42.20
N TYR B 90 9.05 13.31 41.07
CA TYR B 90 7.64 12.97 40.94
C TYR B 90 7.23 11.68 40.25
N LEU B 91 8.16 10.74 40.13
CA LEU B 91 7.88 9.44 39.54
C LEU B 91 7.52 8.47 40.71
N PRO B 92 6.22 8.15 40.88
CA PRO B 92 5.73 7.25 41.93
C PRO B 92 6.48 5.95 41.91
N TYR B 93 6.31 5.11 42.92
CA TYR B 93 6.98 3.82 42.95
C TYR B 93 6.67 3.08 44.22
N ARG B 94 6.30 3.84 45.23
CA ARG B 94 6.01 3.24 46.50
C ARG B 94 4.67 2.56 46.54
N ASP B 95 4.67 1.46 47.28
CA ASP B 95 3.48 0.69 47.52
C ASP B 95 2.83 0.00 46.32
N TYR B 96 3.56 -0.11 45.21
CA TYR B 96 3.01 -0.80 44.03
C TYR B 96 3.41 -2.26 44.18
N ASN B 97 2.55 -3.19 43.79
CA ASN B 97 2.86 -4.59 43.94
C ASN B 97 3.87 -5.22 42.98
N TYR B 98 5.08 -4.67 42.91
CA TYR B 98 6.09 -5.19 42.00
C TYR B 98 6.20 -6.71 42.00
N SER B 99 5.60 -7.37 42.98
CA SER B 99 5.67 -8.82 43.08
C SER B 99 5.38 -9.46 41.73
N LEU B 100 4.23 -9.13 41.18
CA LEU B 100 3.81 -9.67 39.91
C LEU B 100 4.54 -9.07 38.69
N VAL B 101 4.92 -7.81 38.79
CA VAL B 101 5.62 -7.16 37.67
C VAL B 101 6.97 -7.76 37.42
N MET B 102 7.82 -7.73 38.43
CA MET B 102 9.18 -8.23 38.29
C MET B 102 9.23 -9.62 37.65
N GLY B 103 10.10 -9.75 36.66
CA GLY B 103 10.28 -11.00 35.95
C GLY B 103 9.09 -11.47 35.13
N ALA B 104 8.40 -10.55 34.45
CA ALA B 104 7.24 -10.95 33.66
C ALA B 104 6.59 -9.80 32.88
N CYS B 105 6.88 -8.56 33.28
CA CYS B 105 6.32 -7.38 32.63
C CYS B 105 7.32 -6.26 32.50
N CYS B 106 8.40 -6.30 33.27
CA CYS B 106 9.35 -5.21 33.18
C CYS B 106 10.73 -5.51 33.77
N GLU B 107 11.77 -4.92 33.20
CA GLU B 107 13.12 -5.10 33.67
C GLU B 107 13.60 -3.72 34.11
N ASN B 108 14.63 -3.68 34.93
CA ASN B 108 15.16 -2.42 35.45
C ASN B 108 14.10 -1.44 35.95
N VAL B 109 13.12 -1.97 36.68
CA VAL B 109 12.03 -1.17 37.20
C VAL B 109 12.47 -0.04 38.11
N ILE B 110 11.85 1.13 38.00
CA ILE B 110 12.21 2.24 38.85
C ILE B 110 10.98 3.02 39.30
N GLY B 111 9.82 2.41 39.14
CA GLY B 111 8.58 3.06 39.55
C GLY B 111 7.47 2.71 38.59
N TYR B 112 6.38 3.47 38.61
CA TYR B 112 5.26 3.21 37.72
C TYR B 112 4.68 4.52 37.20
N MET B 113 3.98 4.44 36.06
CA MET B 113 3.39 5.62 35.43
C MET B 113 1.86 5.64 35.52
N PRO B 114 1.30 6.66 36.21
CA PRO B 114 -0.14 6.85 36.40
C PRO B 114 -0.82 7.46 35.17
N ILE B 115 -1.74 6.70 34.58
CA ILE B 115 -2.49 7.17 33.41
C ILE B 115 -3.95 7.39 33.80
N PRO B 116 -4.43 8.62 33.70
CA PRO B 116 -5.83 8.87 34.08
C PRO B 116 -6.76 7.85 33.43
N VAL B 117 -7.70 7.33 34.20
CA VAL B 117 -8.64 6.35 33.68
C VAL B 117 -10.06 6.91 33.76
N GLY B 118 -10.66 7.17 32.60
CA GLY B 118 -12.02 7.67 32.59
C GLY B 118 -12.95 6.51 32.27
N VAL B 119 -14.24 6.76 32.22
CA VAL B 119 -15.16 5.69 31.91
C VAL B 119 -16.22 6.23 30.96
N ALA B 120 -16.65 5.41 30.01
CA ALA B 120 -17.64 5.83 29.05
C ALA B 120 -18.75 4.80 28.97
N GLY B 121 -19.97 5.26 28.80
CA GLY B 121 -21.08 4.34 28.70
C GLY B 121 -22.36 4.79 29.41
N PRO B 122 -23.32 3.87 29.57
CA PRO B 122 -23.21 2.47 29.15
C PRO B 122 -23.10 2.27 27.63
N LEU B 123 -22.49 1.17 27.24
CA LEU B 123 -22.38 0.88 25.83
C LEU B 123 -23.43 -0.19 25.65
N CYS B 124 -24.48 0.16 24.96
CA CYS B 124 -25.56 -0.80 24.73
C CYS B 124 -25.15 -1.61 23.53
N LEU B 125 -24.52 -2.73 23.83
CA LEU B 125 -24.00 -3.61 22.80
C LEU B 125 -24.56 -5.00 22.98
N ASP B 126 -25.11 -5.56 21.90
CA ASP B 126 -25.66 -6.90 21.95
C ASP B 126 -26.54 -7.12 23.18
N GLU B 127 -27.46 -6.19 23.39
CA GLU B 127 -28.38 -6.28 24.51
C GLU B 127 -27.71 -6.40 25.84
N LYS B 128 -26.69 -5.60 26.06
CA LYS B 128 -25.99 -5.61 27.33
C LYS B 128 -25.49 -4.19 27.48
N GLU B 129 -25.02 -3.85 28.67
CA GLU B 129 -24.50 -2.53 28.88
C GLU B 129 -23.14 -2.67 29.51
N PHE B 130 -22.16 -1.96 28.97
CA PHE B 130 -20.84 -2.04 29.52
C PHE B 130 -20.36 -0.68 29.91
N GLN B 131 -19.61 -0.64 31.00
CA GLN B 131 -19.03 0.61 31.47
C GLN B 131 -17.59 0.48 31.02
N VAL B 132 -17.28 1.10 29.88
CA VAL B 132 -15.94 1.02 29.31
C VAL B 132 -14.86 1.92 29.91
N PRO B 133 -13.80 1.31 30.45
CA PRO B 133 -12.67 2.01 31.07
C PRO B 133 -11.70 2.45 29.98
N MET B 134 -11.23 3.69 30.06
CA MET B 134 -10.32 4.18 29.05
C MET B 134 -9.16 4.91 29.72
N ALA B 135 -7.97 4.32 29.67
CA ALA B 135 -6.80 4.95 30.28
C ALA B 135 -6.23 5.94 29.28
N THR B 136 -6.42 7.23 29.50
CA THR B 136 -5.91 8.20 28.56
C THR B 136 -5.42 9.48 29.18
N THR B 137 -4.84 10.31 28.34
CA THR B 137 -4.30 11.59 28.75
C THR B 137 -4.76 12.66 27.75
N GLU B 138 -5.66 12.29 26.84
CA GLU B 138 -6.20 13.22 25.83
C GLU B 138 -7.61 13.72 26.18
N GLY B 139 -7.72 15.02 26.45
CA GLY B 139 -9.01 15.59 26.80
C GLY B 139 -10.07 15.45 25.73
N CYS B 140 -11.30 15.16 26.17
CA CYS B 140 -12.45 14.98 25.31
C CYS B 140 -12.62 13.58 24.79
N LEU B 141 -11.55 12.79 24.74
CA LEU B 141 -11.65 11.41 24.23
C LEU B 141 -12.73 10.66 24.98
N VAL B 142 -12.66 10.68 26.30
CA VAL B 142 -13.67 10.00 27.09
C VAL B 142 -15.02 10.70 26.90
N ALA B 143 -15.03 12.03 26.98
CA ALA B 143 -16.27 12.79 26.81
C ALA B 143 -16.92 12.44 25.48
N SER B 144 -16.12 12.42 24.42
CA SER B 144 -16.58 12.12 23.08
C SER B 144 -17.09 10.70 22.95
N THR B 145 -16.34 9.74 23.49
CA THR B 145 -16.75 8.34 23.40
C THR B 145 -18.06 8.15 24.16
N ASN B 146 -18.22 8.93 25.22
CA ASN B 146 -19.42 8.86 26.00
C ASN B 146 -20.58 9.37 25.13
N ARG B 147 -20.42 10.60 24.62
CA ARG B 147 -21.43 11.21 23.77
C ARG B 147 -21.80 10.23 22.66
N GLY B 148 -20.82 9.49 22.18
CA GLY B 148 -21.07 8.53 21.13
C GLY B 148 -21.89 7.36 21.66
N CYS B 149 -21.58 6.91 22.87
CA CYS B 149 -22.29 5.79 23.48
C CYS B 149 -23.75 6.17 23.69
N ARG B 150 -23.94 7.43 24.00
CA ARG B 150 -25.25 8.00 24.25
C ARG B 150 -26.15 7.86 23.02
N ALA B 151 -25.66 8.36 21.89
CA ALA B 151 -26.41 8.30 20.65
C ALA B 151 -26.82 6.87 20.37
N ILE B 152 -25.92 5.93 20.66
CA ILE B 152 -26.20 4.51 20.43
C ILE B 152 -27.26 3.97 21.39
N GLY B 153 -27.20 4.38 22.65
CA GLY B 153 -28.17 3.91 23.63
C GLY B 153 -29.57 4.34 23.24
N LEU B 154 -29.72 5.62 22.90
CA LEU B 154 -31.01 6.15 22.49
C LEU B 154 -31.33 5.72 21.04
N GLY B 155 -30.55 4.78 20.52
CA GLY B 155 -30.77 4.34 19.16
C GLY B 155 -31.16 2.88 19.08
N GLY B 156 -31.46 2.29 20.24
CA GLY B 156 -31.85 0.90 20.26
C GLY B 156 -30.65 0.00 20.50
N GLY B 157 -29.47 0.60 20.64
CA GLY B 157 -28.27 -0.16 20.90
C GLY B 157 -27.55 -0.61 19.66
N ALA B 158 -26.42 -1.29 19.88
CA ALA B 158 -25.59 -1.78 18.78
C ALA B 158 -25.44 -3.30 18.78
N SER B 159 -25.14 -3.84 17.60
CA SER B 159 -24.95 -5.29 17.42
C SER B 159 -23.55 -5.58 16.89
N SER B 160 -22.98 -6.69 17.35
CA SER B 160 -21.62 -7.04 16.93
C SER B 160 -21.46 -8.53 16.71
N ARG B 161 -20.49 -8.88 15.86
CA ARG B 161 -20.19 -10.27 15.55
C ARG B 161 -18.70 -10.46 15.37
N VAL B 162 -18.18 -11.53 15.97
CA VAL B 162 -16.77 -11.86 15.82
C VAL B 162 -16.75 -12.73 14.56
N LEU B 163 -16.07 -12.25 13.53
CA LEU B 163 -16.03 -12.94 12.24
C LEU B 163 -14.99 -14.03 12.17
N ALA B 164 -13.88 -13.83 12.86
CA ALA B 164 -12.80 -14.82 12.86
C ALA B 164 -11.91 -14.65 14.08
N ASP B 165 -11.20 -15.72 14.42
CA ASP B 165 -10.32 -15.71 15.58
C ASP B 165 -9.05 -16.53 15.35
N GLY B 166 -7.91 -15.86 15.39
CA GLY B 166 -6.67 -16.58 15.20
C GLY B 166 -5.47 -15.66 15.22
N MET B 167 -4.55 -15.93 16.14
CA MET B 167 -3.32 -15.15 16.24
C MET B 167 -2.39 -15.81 15.22
N THR B 168 -1.43 -15.07 14.68
CA THR B 168 -0.55 -15.63 13.67
C THR B 168 0.91 -15.39 13.93
N ARG B 169 1.75 -16.19 13.27
CA ARG B 169 3.20 -16.09 13.35
C ARG B 169 3.73 -16.54 11.99
N GLY B 170 4.56 -15.72 11.37
CA GLY B 170 5.07 -16.08 10.06
C GLY B 170 6.60 -16.02 9.94
N PRO B 171 7.26 -17.14 10.23
CA PRO B 171 8.72 -17.17 10.13
C PRO B 171 9.23 -17.18 8.71
N VAL B 172 10.50 -16.83 8.54
CA VAL B 172 11.12 -16.89 7.22
C VAL B 172 11.96 -18.17 7.28
N VAL B 173 11.89 -18.95 6.23
CA VAL B 173 12.64 -20.17 6.18
C VAL B 173 13.34 -20.16 4.82
N ARG B 174 14.51 -20.78 4.73
CA ARG B 174 15.24 -20.79 3.48
C ARG B 174 15.61 -22.17 3.00
N LEU B 175 15.74 -22.28 1.68
CA LEU B 175 16.12 -23.51 1.04
C LEU B 175 17.23 -23.22 0.05
N PRO B 176 17.94 -24.27 -0.38
CA PRO B 176 19.04 -24.03 -1.33
C PRO B 176 18.59 -23.35 -2.60
N ARG B 177 17.52 -23.86 -3.21
CA ARG B 177 17.01 -23.31 -4.46
C ARG B 177 15.52 -23.01 -4.34
N ALA B 178 15.05 -22.10 -5.18
CA ALA B 178 13.65 -21.72 -5.20
C ALA B 178 12.83 -22.95 -5.51
N CYS B 179 13.38 -23.86 -6.32
CA CYS B 179 12.68 -25.09 -6.68
C CYS B 179 12.43 -25.90 -5.45
N ASP B 180 13.29 -25.71 -4.45
CA ASP B 180 13.16 -26.43 -3.20
C ASP B 180 12.07 -25.80 -2.38
N SER B 181 12.09 -24.47 -2.27
CA SER B 181 11.07 -23.73 -1.52
C SER B 181 9.74 -24.20 -2.08
N ALA B 182 9.66 -24.15 -3.41
CA ALA B 182 8.48 -24.56 -4.14
C ALA B 182 7.97 -25.91 -3.67
N GLU B 183 8.87 -26.89 -3.61
CA GLU B 183 8.51 -28.23 -3.18
C GLU B 183 7.94 -28.23 -1.76
N VAL B 184 8.59 -27.51 -0.85
CA VAL B 184 8.12 -27.45 0.53
C VAL B 184 6.73 -26.84 0.56
N LYS B 185 6.51 -25.77 -0.21
CA LYS B 185 5.22 -25.11 -0.25
C LYS B 185 4.16 -26.11 -0.62
N ALA B 186 4.40 -26.84 -1.70
CA ALA B 186 3.45 -27.84 -2.16
C ALA B 186 3.22 -28.91 -1.10
N TRP B 187 4.28 -29.28 -0.39
CA TRP B 187 4.20 -30.29 0.65
C TRP B 187 3.27 -29.82 1.75
N LEU B 188 3.56 -28.61 2.25
CA LEU B 188 2.77 -28.01 3.33
C LEU B 188 1.31 -27.93 2.91
N GLU B 189 1.07 -27.89 1.60
CA GLU B 189 -0.29 -27.78 1.08
C GLU B 189 -1.01 -29.10 0.89
N THR B 190 -0.29 -30.21 0.99
CA THR B 190 -0.94 -31.53 0.86
C THR B 190 -1.61 -31.75 2.21
N SER B 191 -2.70 -32.50 2.23
CA SER B 191 -3.41 -32.75 3.47
C SER B 191 -2.60 -33.50 4.52
N GLU B 192 -1.79 -34.45 4.09
CA GLU B 192 -1.00 -35.19 5.05
C GLU B 192 0.11 -34.30 5.61
N GLY B 193 0.76 -33.54 4.74
CA GLY B 193 1.83 -32.66 5.17
C GLY B 193 1.33 -31.70 6.23
N PHE B 194 0.16 -31.12 5.98
CA PHE B 194 -0.45 -30.19 6.93
C PHE B 194 -0.79 -30.89 8.25
N ALA B 195 -1.18 -32.15 8.15
CA ALA B 195 -1.54 -32.91 9.31
C ALA B 195 -0.34 -33.14 10.22
N VAL B 196 0.82 -33.46 9.65
CA VAL B 196 1.98 -33.69 10.50
C VAL B 196 2.44 -32.36 11.09
N ILE B 197 2.29 -31.28 10.32
CA ILE B 197 2.68 -29.98 10.84
C ILE B 197 1.71 -29.55 11.95
N LYS B 198 0.43 -29.79 11.73
CA LYS B 198 -0.58 -29.45 12.72
C LYS B 198 -0.37 -30.23 14.01
N GLU B 199 -0.11 -31.53 13.90
CA GLU B 199 0.09 -32.37 15.08
C GLU B 199 1.22 -31.81 15.92
N ALA B 200 2.33 -31.55 15.28
CA ALA B 200 3.49 -31.00 15.96
C ALA B 200 3.12 -29.69 16.63
N PHE B 201 2.48 -28.81 15.87
CA PHE B 201 2.07 -27.51 16.37
C PHE B 201 1.12 -27.61 17.57
N ASP B 202 0.08 -28.40 17.44
CA ASP B 202 -0.91 -28.53 18.50
C ASP B 202 -0.40 -29.19 19.76
N SER B 203 0.60 -30.07 19.62
CA SER B 203 1.17 -30.78 20.78
C SER B 203 1.94 -29.81 21.67
N THR B 204 1.95 -28.55 21.28
CA THR B 204 2.65 -27.49 22.00
C THR B 204 1.89 -26.94 23.22
N SER B 205 0.58 -26.88 23.11
CA SER B 205 -0.21 -26.35 24.19
C SER B 205 -1.60 -26.93 24.22
N ARG B 206 -2.29 -26.63 25.31
CA ARG B 206 -3.63 -27.10 25.54
C ARG B 206 -4.61 -26.40 24.61
N PHE B 207 -4.27 -25.17 24.20
CA PHE B 207 -5.15 -24.39 23.32
C PHE B 207 -4.66 -24.25 21.89
N ALA B 208 -3.44 -24.68 21.63
CA ALA B 208 -2.87 -24.60 20.29
C ALA B 208 -3.61 -25.51 19.30
N ARG B 209 -4.46 -24.92 18.47
CA ARG B 209 -5.23 -25.69 17.51
C ARG B 209 -5.06 -25.02 16.14
N LEU B 210 -3.98 -25.35 15.47
CA LEU B 210 -3.61 -24.79 14.16
C LEU B 210 -4.72 -24.86 13.15
N GLN B 211 -5.13 -23.69 12.68
CA GLN B 211 -6.16 -23.56 11.67
C GLN B 211 -5.43 -23.68 10.34
N LYS B 212 -5.70 -22.77 9.43
CA LYS B 212 -5.06 -22.82 8.12
C LYS B 212 -3.57 -22.53 8.18
N LEU B 213 -2.96 -22.53 7.01
CA LEU B 213 -1.53 -22.29 6.85
C LEU B 213 -1.36 -21.52 5.54
N HIS B 214 -0.94 -20.27 5.62
CA HIS B 214 -0.75 -19.45 4.43
C HIS B 214 0.73 -19.36 4.07
N THR B 215 1.15 -19.94 2.96
CA THR B 215 2.56 -19.88 2.58
C THR B 215 2.80 -18.85 1.48
N SER B 216 4.00 -18.31 1.43
CA SER B 216 4.33 -17.31 0.43
C SER B 216 5.83 -17.38 0.10
N ILE B 217 6.12 -17.55 -1.18
CA ILE B 217 7.46 -17.70 -1.72
C ILE B 217 8.09 -16.45 -2.28
N ALA B 218 9.36 -16.28 -1.98
CA ALA B 218 10.15 -15.18 -2.47
C ALA B 218 11.47 -15.82 -2.87
N GLY B 219 11.54 -16.34 -4.08
CA GLY B 219 12.77 -16.99 -4.51
C GLY B 219 12.99 -18.22 -3.66
N ARG B 220 14.17 -18.35 -3.06
CA ARG B 220 14.41 -19.53 -2.23
C ARG B 220 13.94 -19.35 -0.80
N ASN B 221 13.24 -18.23 -0.55
CA ASN B 221 12.69 -17.93 0.77
C ASN B 221 11.27 -18.44 0.83
N LEU B 222 10.83 -18.82 2.01
CA LEU B 222 9.45 -19.30 2.17
C LEU B 222 8.91 -18.71 3.43
N TYR B 223 7.82 -17.94 3.33
CA TYR B 223 7.19 -17.34 4.50
C TYR B 223 5.94 -18.17 4.84
N ILE B 224 5.92 -18.73 6.04
CA ILE B 224 4.80 -19.55 6.46
C ILE B 224 4.02 -18.85 7.56
N ARG B 225 2.75 -18.59 7.27
CA ARG B 225 1.90 -17.92 8.22
C ARG B 225 1.14 -18.99 8.98
N PHE B 226 1.43 -19.14 10.28
CA PHE B 226 0.73 -20.12 11.10
C PHE B 226 -0.44 -19.43 11.81
N GLN B 227 -1.60 -20.07 11.79
CA GLN B 227 -2.76 -19.47 12.44
C GLN B 227 -3.43 -20.43 13.39
N SER B 228 -3.62 -19.98 14.64
CA SER B 228 -4.24 -20.84 15.64
C SER B 228 -5.03 -20.03 16.65
N ARG B 229 -6.00 -20.67 17.31
CA ARG B 229 -6.77 -19.99 18.32
C ARG B 229 -5.85 -20.02 19.53
N SER B 230 -6.33 -19.55 20.67
CA SER B 230 -5.51 -19.57 21.86
C SER B 230 -6.29 -19.21 23.12
N GLY B 231 -7.51 -19.75 23.20
CA GLY B 231 -8.34 -19.45 24.35
C GLY B 231 -8.51 -17.96 24.56
N ASP B 232 -8.37 -17.51 25.80
CA ASP B 232 -8.53 -16.11 26.12
C ASP B 232 -7.20 -15.40 26.22
N ALA B 233 -6.17 -15.99 25.63
CA ALA B 233 -4.84 -15.40 25.65
C ALA B 233 -4.65 -14.68 24.33
N MET B 234 -3.89 -13.60 24.31
CA MET B 234 -3.67 -12.90 23.04
C MET B 234 -2.90 -13.89 22.15
N GLY B 235 -2.18 -14.80 22.80
CA GLY B 235 -1.49 -15.88 22.11
C GLY B 235 -0.20 -15.68 21.35
N MET B 236 0.38 -14.50 21.39
CA MET B 236 1.62 -14.24 20.66
C MET B 236 2.68 -15.26 21.11
N ASN B 237 2.73 -15.53 22.41
CA ASN B 237 3.70 -16.48 22.94
C ASN B 237 3.39 -17.92 22.58
N MET B 238 2.16 -18.33 22.85
CA MET B 238 1.71 -19.67 22.57
C MET B 238 2.05 -20.07 21.13
N ILE B 239 1.72 -19.18 20.19
CA ILE B 239 1.96 -19.39 18.76
C ILE B 239 3.42 -19.54 18.37
N SER B 240 4.29 -18.73 18.99
CA SER B 240 5.72 -18.82 18.70
C SER B 240 6.23 -20.22 19.07
N LYS B 241 5.80 -20.70 20.24
CA LYS B 241 6.17 -22.02 20.74
C LYS B 241 5.67 -23.08 19.77
N GLY B 242 4.49 -22.86 19.24
CA GLY B 242 3.91 -23.81 18.31
C GLY B 242 4.58 -23.83 16.96
N THR B 243 4.87 -22.65 16.41
CA THR B 243 5.49 -22.64 15.10
C THR B 243 6.90 -23.20 15.21
N GLU B 244 7.55 -22.92 16.32
CA GLU B 244 8.90 -23.44 16.49
C GLU B 244 8.90 -24.97 16.47
N LYS B 245 8.03 -25.61 17.27
CA LYS B 245 8.00 -27.05 17.27
C LYS B 245 7.61 -27.56 15.88
N ALA B 246 6.75 -26.82 15.19
CA ALA B 246 6.32 -27.24 13.85
C ALA B 246 7.46 -27.10 12.85
N LEU B 247 8.23 -26.04 12.98
CA LEU B 247 9.34 -25.83 12.06
C LEU B 247 10.37 -26.93 12.22
N SER B 248 10.44 -27.52 13.40
CA SER B 248 11.38 -28.61 13.65
C SER B 248 10.92 -29.84 12.88
N LYS B 249 9.68 -30.22 13.10
CA LYS B 249 9.15 -31.37 12.40
C LYS B 249 9.27 -31.13 10.90
N LEU B 250 9.11 -29.88 10.48
CA LEU B 250 9.20 -29.54 9.07
C LEU B 250 10.63 -29.80 8.61
N HIS B 251 11.57 -29.52 9.50
CA HIS B 251 12.99 -29.69 9.19
C HIS B 251 13.33 -31.17 8.98
N GLU B 252 12.72 -32.02 9.79
CA GLU B 252 12.95 -33.44 9.70
C GLU B 252 12.71 -33.92 8.27
N TYR B 253 11.74 -33.31 7.60
CA TYR B 253 11.42 -33.68 6.24
C TYR B 253 12.26 -32.98 5.21
N PHE B 254 12.71 -31.76 5.50
CA PHE B 254 13.54 -31.02 4.56
C PHE B 254 14.73 -30.54 5.32
N PRO B 255 15.62 -31.48 5.65
CA PRO B 255 16.85 -31.24 6.39
C PRO B 255 17.68 -30.10 5.82
N GLU B 256 17.54 -29.84 4.54
CA GLU B 256 18.30 -28.76 3.92
C GLU B 256 17.68 -27.37 4.12
N MET B 257 16.63 -27.29 4.92
CA MET B 257 15.94 -26.04 5.16
C MET B 257 16.51 -25.24 6.31
N GLN B 258 16.79 -23.96 6.06
CA GLN B 258 17.31 -23.06 7.08
C GLN B 258 16.21 -22.24 7.73
N ILE B 259 16.09 -22.34 9.05
CA ILE B 259 15.09 -21.57 9.75
C ILE B 259 15.76 -20.24 10.09
N LEU B 260 15.58 -19.24 9.24
CA LEU B 260 16.18 -17.94 9.43
C LEU B 260 15.69 -17.14 10.64
N ALA B 261 14.38 -17.13 10.91
CA ALA B 261 13.80 -16.40 12.04
C ALA B 261 12.32 -16.80 12.27
N VAL B 262 11.95 -17.10 13.52
CA VAL B 262 10.56 -17.51 13.83
C VAL B 262 9.59 -16.45 13.38
N SER B 263 10.11 -15.23 13.24
CA SER B 263 9.30 -14.12 12.79
C SER B 263 9.99 -13.42 11.66
N GLY B 264 9.45 -13.62 10.47
CA GLY B 264 10.01 -12.97 9.29
C GLY B 264 9.10 -11.86 8.82
N ASN B 265 8.40 -11.20 9.77
CA ASN B 265 7.48 -10.11 9.50
C ASN B 265 6.28 -10.47 8.62
N TYR B 266 5.93 -11.75 8.57
CA TYR B 266 4.79 -12.16 7.76
C TYR B 266 3.61 -12.48 8.66
N CYS B 267 3.71 -12.14 9.94
CA CYS B 267 2.63 -12.43 10.87
C CYS B 267 1.38 -11.59 10.62
N THR B 268 1.46 -10.26 10.64
CA THR B 268 2.65 -9.45 10.91
C THR B 268 2.45 -8.87 12.31
N ASP B 269 3.51 -8.72 13.10
CA ASP B 269 3.31 -8.18 14.43
C ASP B 269 3.84 -6.76 14.58
N LYS B 270 3.01 -5.89 15.17
CA LYS B 270 3.32 -4.49 15.44
C LYS B 270 3.87 -3.62 14.32
N LYS B 271 3.58 -3.99 13.07
CA LYS B 271 3.99 -3.21 11.90
C LYS B 271 2.81 -3.16 10.93
N PRO B 272 2.62 -2.02 10.24
CA PRO B 272 1.51 -1.96 9.29
C PRO B 272 1.68 -3.00 8.19
N ALA B 273 0.62 -3.75 7.91
CA ALA B 273 0.68 -4.78 6.88
C ALA B 273 -0.68 -5.15 6.21
N ALA B 274 -0.72 -5.04 4.88
CA ALA B 274 -1.93 -5.37 4.12
C ALA B 274 -2.43 -6.77 4.42
N ILE B 275 -1.52 -7.66 4.80
CA ILE B 275 -1.92 -9.02 5.08
C ILE B 275 -2.79 -9.11 6.33
N ASN B 276 -2.53 -8.28 7.33
CA ASN B 276 -3.37 -8.34 8.53
C ASN B 276 -4.75 -7.84 8.15
N TRP B 277 -4.77 -6.80 7.31
CA TRP B 277 -6.02 -6.18 6.86
C TRP B 277 -6.86 -7.12 6.01
N ILE B 278 -6.21 -7.83 5.10
CA ILE B 278 -6.91 -8.74 4.18
C ILE B 278 -7.16 -10.14 4.73
N GLU B 279 -6.16 -10.71 5.40
CA GLU B 279 -6.28 -12.06 5.94
C GLU B 279 -6.82 -12.05 7.35
N GLY B 280 -6.65 -10.94 8.06
CA GLY B 280 -7.12 -10.84 9.44
C GLY B 280 -6.04 -11.35 10.42
N ARG B 281 -6.11 -10.90 11.66
CA ARG B 281 -5.15 -11.35 12.66
C ARG B 281 -5.74 -11.07 14.01
N GLY B 282 -5.82 -12.09 14.85
CA GLY B 282 -6.41 -11.88 16.14
C GLY B 282 -7.89 -12.10 15.95
N LYS B 283 -8.70 -11.13 16.37
CA LYS B 283 -10.14 -11.26 16.20
C LYS B 283 -10.66 -10.24 15.22
N SER B 284 -11.46 -10.71 14.26
CA SER B 284 -12.08 -9.84 13.24
C SER B 284 -13.50 -9.65 13.71
N VAL B 285 -13.96 -8.41 13.76
CA VAL B 285 -15.32 -8.18 14.23
C VAL B 285 -16.05 -7.03 13.54
N VAL B 286 -17.38 -7.18 13.37
CA VAL B 286 -18.21 -6.12 12.75
C VAL B 286 -19.09 -5.48 13.80
N CYS B 287 -19.48 -4.25 13.53
CA CYS B 287 -20.31 -3.55 14.47
C CYS B 287 -21.26 -2.66 13.70
N GLU B 288 -22.44 -2.43 14.27
CA GLU B 288 -23.44 -1.58 13.63
C GLU B 288 -24.45 -1.06 14.67
N ALA B 289 -25.18 -0.02 14.26
CA ALA B 289 -26.20 0.61 15.08
C ALA B 289 -26.92 1.56 14.14
N VAL B 290 -28.13 1.99 14.52
CA VAL B 290 -28.85 2.97 13.70
C VAL B 290 -29.25 4.07 14.62
N ILE B 291 -28.76 5.27 14.37
CA ILE B 291 -29.11 6.38 15.24
C ILE B 291 -30.32 7.12 14.65
N PRO B 292 -31.38 7.28 15.46
CA PRO B 292 -32.62 7.98 15.06
C PRO B 292 -32.33 9.43 14.71
N ALA B 293 -32.81 9.87 13.56
CA ALA B 293 -32.59 11.24 13.10
C ALA B 293 -32.67 12.27 14.23
N LYS B 294 -33.63 12.10 15.12
CA LYS B 294 -33.80 13.01 16.25
C LYS B 294 -32.51 13.01 17.05
N VAL B 295 -32.05 11.82 17.43
CA VAL B 295 -30.82 11.65 18.23
C VAL B 295 -29.56 12.25 17.58
N VAL B 296 -29.51 12.22 16.25
CA VAL B 296 -28.38 12.78 15.57
C VAL B 296 -28.40 14.30 15.72
N ARG B 297 -29.59 14.89 15.57
CA ARG B 297 -29.74 16.32 15.68
C ARG B 297 -29.56 16.76 17.12
N GLU B 298 -30.14 16.00 18.06
CA GLU B 298 -30.05 16.38 19.46
C GLU B 298 -28.76 16.04 20.21
N VAL B 299 -28.37 14.77 20.20
CA VAL B 299 -27.15 14.37 20.88
C VAL B 299 -25.91 14.73 20.08
N LEU B 300 -25.82 14.23 18.84
CA LEU B 300 -24.64 14.48 18.03
C LEU B 300 -24.54 15.86 17.42
N LYS B 301 -25.61 16.63 17.52
CA LYS B 301 -25.62 18.02 17.01
C LYS B 301 -25.40 18.22 15.51
N THR B 302 -25.94 17.33 14.68
CA THR B 302 -25.83 17.46 13.21
C THR B 302 -26.93 16.71 12.50
N THR B 303 -26.63 16.42 11.23
CA THR B 303 -27.54 15.75 10.32
C THR B 303 -26.96 14.45 9.80
N THR B 304 -27.82 13.44 9.65
CA THR B 304 -27.41 12.17 9.10
C THR B 304 -26.83 12.46 7.73
N GLU B 305 -27.45 13.39 7.01
CA GLU B 305 -26.97 13.73 5.69
C GLU B 305 -25.56 14.30 5.75
N ALA B 306 -25.30 15.12 6.75
CA ALA B 306 -23.99 15.74 6.92
C ALA B 306 -22.94 14.70 7.35
N MET B 307 -23.32 13.84 8.28
CA MET B 307 -22.45 12.79 8.74
C MET B 307 -21.95 12.00 7.53
N ILE B 308 -22.90 11.44 6.79
CA ILE B 308 -22.61 10.63 5.61
C ILE B 308 -21.75 11.35 4.60
N GLU B 309 -22.01 12.64 4.37
CA GLU B 309 -21.24 13.41 3.41
C GLU B 309 -19.78 13.50 3.84
N VAL B 310 -19.58 13.50 5.16
CA VAL B 310 -18.25 13.60 5.73
C VAL B 310 -17.57 12.25 5.77
N ASN B 311 -18.30 11.21 6.17
CA ASN B 311 -17.71 9.89 6.25
C ASN B 311 -17.10 9.46 4.94
N ILE B 312 -17.85 9.67 3.87
CA ILE B 312 -17.39 9.26 2.56
C ILE B 312 -16.18 10.01 2.10
N ASN B 313 -16.24 11.33 2.16
CA ASN B 313 -15.14 12.12 1.69
C ASN B 313 -13.93 12.18 2.63
N LYS B 314 -14.13 11.79 3.88
CA LYS B 314 -13.04 11.79 4.84
C LYS B 314 -12.48 10.36 4.97
N ASN B 315 -13.28 9.47 5.59
CA ASN B 315 -12.88 8.09 5.81
C ASN B 315 -12.70 7.21 4.58
N LEU B 316 -13.19 7.65 3.43
CA LEU B 316 -13.01 6.84 2.23
C LEU B 316 -12.14 7.56 1.24
N VAL B 317 -12.67 8.61 0.63
CA VAL B 317 -11.91 9.35 -0.36
C VAL B 317 -10.64 9.95 0.20
N GLY B 318 -10.69 10.47 1.43
CA GLY B 318 -9.51 11.07 2.03
C GLY B 318 -8.42 10.03 2.34
N SER B 319 -8.82 8.98 3.03
CA SER B 319 -7.91 7.94 3.37
C SER B 319 -7.28 7.40 2.10
N ALA B 320 -8.07 7.25 1.06
CA ALA B 320 -7.52 6.74 -0.17
C ALA B 320 -6.53 7.73 -0.76
N MET B 321 -6.78 9.00 -0.56
CA MET B 321 -5.88 9.99 -1.15
C MET B 321 -4.55 10.00 -0.47
N ALA B 322 -4.56 9.64 0.82
CA ALA B 322 -3.35 9.60 1.62
C ALA B 322 -2.60 8.26 1.45
N GLY B 323 -3.16 7.38 0.63
CA GLY B 323 -2.53 6.10 0.42
C GLY B 323 -2.59 5.24 1.67
N SER B 324 -3.75 5.09 2.26
CA SER B 324 -3.87 4.29 3.46
C SER B 324 -4.18 2.84 3.14
N ILE B 325 -3.73 1.93 3.99
CA ILE B 325 -4.05 0.52 3.84
C ILE B 325 -4.57 0.23 5.21
N GLY B 326 -5.87 -0.01 5.34
CA GLY B 326 -6.42 -0.33 6.65
C GLY B 326 -6.99 0.79 7.51
N GLY B 327 -6.69 2.04 7.17
CA GLY B 327 -7.19 3.16 7.96
C GLY B 327 -8.36 4.01 7.42
N TYR B 328 -9.49 3.38 7.19
CA TYR B 328 -10.63 4.11 6.69
C TYR B 328 -11.53 4.40 7.87
N ASN B 329 -11.01 5.17 8.80
CA ASN B 329 -11.74 5.53 10.00
C ASN B 329 -11.20 6.84 10.53
N ALA B 330 -11.96 7.44 11.44
CA ALA B 330 -11.57 8.74 11.99
C ALA B 330 -10.49 8.67 13.05
N HIS B 331 -10.76 7.97 14.13
CA HIS B 331 -9.76 7.85 15.16
C HIS B 331 -9.89 6.56 15.95
N ALA B 332 -10.10 5.45 15.24
CA ALA B 332 -10.23 4.17 15.90
C ALA B 332 -9.07 3.97 16.89
N ALA B 333 -7.88 4.44 16.51
CA ALA B 333 -6.70 4.31 17.38
C ALA B 333 -6.90 4.89 18.79
N ASN B 334 -7.43 6.10 18.88
CA ASN B 334 -7.67 6.71 20.17
C ASN B 334 -8.43 5.78 21.10
N ILE B 335 -9.44 5.11 20.57
CA ILE B 335 -10.25 4.23 21.40
C ILE B 335 -9.55 2.93 21.74
N VAL B 336 -8.80 2.37 20.80
CA VAL B 336 -8.12 1.10 21.05
C VAL B 336 -7.05 1.27 22.12
N THR B 337 -6.19 2.26 21.93
CA THR B 337 -5.12 2.53 22.88
C THR B 337 -5.64 2.72 24.32
N ALA B 338 -6.62 3.62 24.46
CA ALA B 338 -7.19 3.88 25.78
C ALA B 338 -7.66 2.60 26.46
N ILE B 339 -8.51 1.82 25.79
CA ILE B 339 -9.02 0.59 26.34
C ILE B 339 -7.84 -0.38 26.55
N TYR B 340 -6.91 -0.42 25.61
CA TYR B 340 -5.78 -1.32 25.73
C TYR B 340 -4.91 -1.05 26.96
N ILE B 341 -4.63 0.22 27.22
CA ILE B 341 -3.80 0.58 28.37
C ILE B 341 -4.56 0.32 29.66
N ALA B 342 -5.84 0.60 29.64
CA ALA B 342 -6.67 0.39 30.81
C ALA B 342 -6.85 -1.08 31.14
N CYS B 343 -6.92 -1.91 30.11
CA CYS B 343 -7.16 -3.33 30.34
C CYS B 343 -5.97 -4.27 30.20
N GLY B 344 -4.75 -3.75 30.34
CA GLY B 344 -3.56 -4.59 30.27
C GLY B 344 -3.18 -5.29 28.96
N GLN B 345 -3.59 -4.73 27.83
CA GLN B 345 -3.25 -5.28 26.51
C GLN B 345 -1.91 -4.69 26.07
N ASP B 346 -1.39 -5.12 24.93
CA ASP B 346 -0.10 -4.60 24.47
C ASP B 346 -0.37 -3.30 23.69
N ALA B 347 -0.21 -2.16 24.34
CA ALA B 347 -0.46 -0.89 23.68
C ALA B 347 0.27 -0.69 22.35
N ALA B 348 1.32 -1.47 22.09
CA ALA B 348 2.04 -1.32 20.84
C ALA B 348 1.33 -2.02 19.70
N GLN B 349 0.45 -2.96 20.04
CA GLN B 349 -0.31 -3.67 19.01
C GLN B 349 -1.41 -2.75 18.50
N ASN B 350 -1.38 -1.55 19.04
CA ASN B 350 -2.28 -0.51 18.70
C ASN B 350 -2.16 -0.35 17.20
N VAL B 351 -0.98 -0.67 16.67
CA VAL B 351 -0.70 -0.55 15.24
C VAL B 351 -1.65 -1.33 14.32
N GLY B 352 -1.72 -2.64 14.49
CA GLY B 352 -2.61 -3.42 13.66
C GLY B 352 -4.03 -3.52 14.19
N SER B 353 -4.19 -3.46 15.50
CA SER B 353 -5.50 -3.57 16.10
C SER B 353 -6.45 -2.42 15.72
N SER B 354 -5.88 -1.27 15.38
CA SER B 354 -6.68 -0.12 15.01
C SER B 354 -7.23 -0.20 13.61
N ASN B 355 -6.79 -1.16 12.80
CA ASN B 355 -7.34 -1.27 11.45
C ASN B 355 -8.84 -1.22 11.56
N CYS B 356 -9.47 -0.39 10.75
CA CYS B 356 -10.92 -0.27 10.81
C CYS B 356 -11.51 0.55 9.70
N ILE B 357 -12.57 0.03 9.09
CA ILE B 357 -13.26 0.82 8.07
C ILE B 357 -14.61 1.19 8.67
N THR B 358 -14.93 2.47 8.75
CA THR B 358 -16.23 2.86 9.30
C THR B 358 -17.13 3.39 8.15
N LEU B 359 -18.33 2.81 8.05
CA LEU B 359 -19.26 3.16 7.00
C LEU B 359 -20.55 3.74 7.55
N MET B 360 -21.10 4.73 6.83
CA MET B 360 -22.34 5.39 7.23
C MET B 360 -23.36 5.54 6.10
N GLU B 361 -24.57 5.03 6.29
CA GLU B 361 -25.60 5.15 5.26
C GLU B 361 -26.83 5.82 5.80
N ALA B 362 -27.65 6.33 4.86
CA ALA B 362 -28.93 6.94 5.22
C ALA B 362 -29.86 5.74 5.49
N SER B 363 -30.73 5.84 6.48
CA SER B 363 -31.61 4.72 6.77
C SER B 363 -32.93 5.20 7.32
N GLY B 364 -33.87 4.29 7.42
CA GLY B 364 -35.18 4.66 7.93
C GLY B 364 -36.20 4.99 6.84
N PRO B 365 -37.47 5.11 7.25
CA PRO B 365 -38.60 5.42 6.37
C PRO B 365 -38.39 6.68 5.57
N THR B 366 -37.62 7.61 6.12
CA THR B 366 -37.36 8.88 5.46
C THR B 366 -35.87 9.06 5.14
N ASN B 367 -35.06 8.07 5.49
CA ASN B 367 -33.64 8.17 5.23
C ASN B 367 -33.03 9.30 6.03
N GLU B 368 -33.53 9.50 7.23
CA GLU B 368 -32.98 10.56 8.04
C GLU B 368 -32.28 9.91 9.21
N ASP B 369 -32.41 8.59 9.33
CA ASP B 369 -31.73 7.88 10.37
C ASP B 369 -30.36 7.52 9.88
N LEU B 370 -29.41 7.44 10.81
CA LEU B 370 -28.05 7.14 10.46
C LEU B 370 -27.69 5.69 10.72
N TYR B 371 -27.33 4.98 9.65
CA TYR B 371 -26.89 3.59 9.79
C TYR B 371 -25.36 3.68 9.82
N ILE B 372 -24.75 3.09 10.84
CA ILE B 372 -23.30 3.11 10.97
C ILE B 372 -22.75 1.74 11.28
N SER B 373 -21.65 1.41 10.65
CA SER B 373 -20.98 0.14 10.90
C SER B 373 -19.49 0.38 11.01
N CYS B 374 -18.82 -0.52 11.71
CA CYS B 374 -17.37 -0.47 11.88
C CYS B 374 -16.78 -1.90 11.78
N THR B 375 -15.92 -2.15 10.81
CA THR B 375 -15.32 -3.48 10.68
C THR B 375 -13.84 -3.43 11.00
N MET B 376 -13.44 -4.21 12.00
CA MET B 376 -12.06 -4.29 12.44
C MET B 376 -11.61 -5.72 12.33
N PRO B 377 -10.79 -6.02 11.30
CA PRO B 377 -10.22 -7.33 10.94
C PRO B 377 -9.07 -7.88 11.77
N SER B 378 -8.38 -7.03 12.51
CA SER B 378 -7.24 -7.48 13.26
C SER B 378 -7.08 -6.98 14.69
N ILE B 379 -8.06 -7.28 15.54
CA ILE B 379 -7.98 -6.86 16.93
C ILE B 379 -7.17 -7.89 17.74
N GLU B 380 -5.93 -7.55 18.03
CA GLU B 380 -5.07 -8.43 18.81
C GLU B 380 -5.35 -8.15 20.28
N ILE B 381 -6.04 -9.08 20.93
CA ILE B 381 -6.45 -8.89 22.29
C ILE B 381 -6.43 -10.19 23.09
N GLY B 382 -6.39 -10.08 24.40
CA GLY B 382 -6.38 -11.25 25.25
C GLY B 382 -6.88 -10.88 26.63
N THR B 383 -7.35 -11.87 27.38
CA THR B 383 -7.89 -11.67 28.73
C THR B 383 -7.10 -12.43 29.81
N VAL B 384 -5.95 -12.95 29.41
CA VAL B 384 -5.13 -13.72 30.30
C VAL B 384 -3.69 -13.50 29.95
N GLY B 385 -2.83 -13.48 30.97
CA GLY B 385 -1.41 -13.30 30.74
C GLY B 385 -1.07 -11.86 30.49
N GLY B 386 0.23 -11.61 30.29
CA GLY B 386 0.69 -10.26 30.04
C GLY B 386 0.33 -9.30 31.15
N GLY B 387 -0.07 -8.09 30.74
CA GLY B 387 -0.46 -7.06 31.69
C GLY B 387 -1.77 -7.43 32.31
N THR B 388 -2.39 -8.46 31.76
CA THR B 388 -3.65 -8.95 32.26
C THR B 388 -3.50 -9.59 33.62
N ASN B 389 -2.25 -9.86 34.03
CA ASN B 389 -2.00 -10.49 35.32
C ASN B 389 -1.89 -9.48 36.45
N LEU B 390 -1.71 -8.21 36.11
CA LEU B 390 -1.60 -7.19 37.14
C LEU B 390 -3.00 -6.90 37.68
N LEU B 391 -3.09 -6.56 38.97
CA LEU B 391 -4.38 -6.33 39.61
C LEU B 391 -5.15 -5.08 39.20
N PRO B 392 -4.46 -3.95 39.04
CA PRO B 392 -5.24 -2.76 38.64
C PRO B 392 -5.82 -2.95 37.24
N GLN B 393 -5.04 -3.52 36.33
CA GLN B 393 -5.55 -3.75 34.97
C GLN B 393 -6.71 -4.73 35.06
N GLN B 394 -6.54 -5.75 35.90
CA GLN B 394 -7.58 -6.76 36.10
C GLN B 394 -8.87 -6.11 36.57
N ALA B 395 -8.74 -4.99 37.27
CA ALA B 395 -9.90 -4.27 37.79
C ALA B 395 -10.75 -3.81 36.62
N CYS B 396 -10.11 -3.21 35.62
CA CYS B 396 -10.81 -2.71 34.44
C CYS B 396 -11.37 -3.85 33.62
N LEU B 397 -10.76 -5.04 33.74
CA LEU B 397 -11.27 -6.18 33.01
C LEU B 397 -12.56 -6.68 33.69
N GLN B 398 -12.58 -6.73 35.03
CA GLN B 398 -13.77 -7.19 35.74
C GLN B 398 -14.87 -6.20 35.50
N MET B 399 -14.50 -4.93 35.48
CA MET B 399 -15.46 -3.87 35.24
C MET B 399 -16.26 -4.20 34.00
N LEU B 400 -15.63 -4.90 33.05
CA LEU B 400 -16.31 -5.29 31.80
C LEU B 400 -16.68 -6.77 31.86
N GLY B 401 -16.42 -7.39 33.01
CA GLY B 401 -16.73 -8.79 33.19
C GLY B 401 -16.08 -9.67 32.14
N VAL B 402 -14.79 -9.47 31.92
CA VAL B 402 -14.06 -10.23 30.93
C VAL B 402 -12.84 -10.90 31.53
N GLN B 403 -12.34 -10.29 32.60
CA GLN B 403 -11.15 -10.72 33.34
C GLN B 403 -10.88 -12.24 33.36
N GLY B 404 -9.59 -12.60 33.21
CA GLY B 404 -9.18 -14.00 33.25
C GLY B 404 -9.71 -14.93 32.18
N ALA B 405 -9.43 -16.22 32.30
CA ALA B 405 -9.89 -17.18 31.31
C ALA B 405 -11.35 -17.53 31.50
N CYS B 406 -12.05 -17.78 30.40
CA CYS B 406 -13.44 -18.16 30.51
C CYS B 406 -13.46 -19.67 30.58
N LYS B 407 -13.57 -20.18 31.81
CA LYS B 407 -13.59 -21.61 32.05
C LYS B 407 -14.57 -22.42 31.18
N ASP B 408 -15.85 -22.09 31.24
CA ASP B 408 -16.83 -22.82 30.45
C ASP B 408 -16.54 -22.77 28.96
N ASN B 409 -16.52 -21.57 28.38
CA ASN B 409 -16.24 -21.42 26.95
C ASN B 409 -14.93 -20.67 26.69
N PRO B 410 -13.81 -21.40 26.54
CA PRO B 410 -12.49 -20.83 26.28
C PRO B 410 -12.43 -19.90 25.09
N GLY B 411 -11.90 -18.70 25.32
CA GLY B 411 -11.80 -17.71 24.27
C GLY B 411 -12.91 -16.70 24.34
N GLU B 412 -13.99 -17.06 25.03
CA GLU B 412 -15.14 -16.19 25.15
C GLU B 412 -14.83 -14.80 25.68
N ASN B 413 -14.02 -14.70 26.74
CA ASN B 413 -13.69 -13.39 27.29
C ASN B 413 -12.91 -12.58 26.28
N ALA B 414 -11.91 -13.19 25.66
CA ALA B 414 -11.11 -12.48 24.67
C ALA B 414 -12.06 -11.96 23.59
N ARG B 415 -12.91 -12.86 23.10
CA ARG B 415 -13.85 -12.47 22.06
C ARG B 415 -14.80 -11.38 22.52
N GLN B 416 -15.35 -11.51 23.72
CA GLN B 416 -16.27 -10.51 24.23
C GLN B 416 -15.61 -9.17 24.31
N LEU B 417 -14.37 -9.14 24.80
CA LEU B 417 -13.64 -7.88 24.92
C LEU B 417 -13.40 -7.26 23.55
N ALA B 418 -13.15 -8.12 22.55
CA ALA B 418 -12.90 -7.67 21.19
C ALA B 418 -14.15 -6.93 20.69
N ARG B 419 -15.30 -7.51 20.97
CA ARG B 419 -16.55 -6.90 20.55
C ARG B 419 -16.77 -5.56 21.20
N ILE B 420 -16.40 -5.46 22.45
CA ILE B 420 -16.56 -4.22 23.19
C ILE B 420 -15.63 -3.18 22.58
N VAL B 421 -14.42 -3.61 22.23
CA VAL B 421 -13.48 -2.68 21.64
C VAL B 421 -14.06 -2.15 20.35
N CYS B 422 -14.62 -3.05 19.55
CA CYS B 422 -15.22 -2.64 18.28
C CYS B 422 -16.42 -1.73 18.54
N GLY B 423 -17.25 -2.10 19.52
CA GLY B 423 -18.41 -1.30 19.85
C GLY B 423 -18.04 0.13 20.26
N THR B 424 -17.15 0.22 21.24
CA THR B 424 -16.70 1.52 21.71
C THR B 424 -16.07 2.31 20.56
N VAL B 425 -15.41 1.63 19.63
CA VAL B 425 -14.80 2.36 18.52
C VAL B 425 -15.87 3.01 17.67
N MET B 426 -16.96 2.29 17.45
CA MET B 426 -18.05 2.83 16.66
C MET B 426 -18.58 4.06 17.38
N ALA B 427 -18.75 3.92 18.68
CA ALA B 427 -19.22 5.02 19.51
C ALA B 427 -18.34 6.25 19.28
N GLY B 428 -17.03 6.08 19.44
CA GLY B 428 -16.14 7.20 19.23
C GLY B 428 -16.17 7.73 17.80
N GLU B 429 -16.35 6.83 16.83
CA GLU B 429 -16.39 7.22 15.43
C GLU B 429 -17.60 8.12 15.25
N LEU B 430 -18.72 7.68 15.81
CA LEU B 430 -19.97 8.43 15.76
C LEU B 430 -19.78 9.89 16.25
N SER B 431 -19.33 10.04 17.50
CA SER B 431 -19.12 11.34 18.10
C SER B 431 -18.13 12.24 17.37
N LEU B 432 -16.96 11.73 17.05
CA LEU B 432 -15.98 12.58 16.39
C LEU B 432 -16.44 12.98 15.01
N MET B 433 -16.96 12.01 14.26
CA MET B 433 -17.45 12.30 12.91
C MET B 433 -18.45 13.45 13.00
N ALA B 434 -19.37 13.33 13.95
CA ALA B 434 -20.38 14.35 14.19
C ALA B 434 -19.71 15.69 14.42
N ALA B 435 -18.86 15.75 15.45
CA ALA B 435 -18.16 16.98 15.77
C ALA B 435 -17.52 17.59 14.54
N LEU B 436 -16.92 16.77 13.69
CA LEU B 436 -16.25 17.26 12.49
C LEU B 436 -17.26 17.81 11.51
N ALA B 437 -18.40 17.12 11.42
CA ALA B 437 -19.47 17.54 10.54
C ALA B 437 -19.98 18.89 10.99
N ALA B 438 -20.27 19.00 12.28
CA ALA B 438 -20.77 20.22 12.88
C ALA B 438 -19.78 21.37 12.99
N GLY B 439 -18.50 21.09 12.79
CA GLY B 439 -17.50 22.13 12.89
C GLY B 439 -17.13 22.38 14.35
N HIS B 440 -16.79 21.31 15.06
CA HIS B 440 -16.47 21.46 16.46
C HIS B 440 -15.08 21.04 16.99
N LEU B 441 -14.25 20.39 16.18
CA LEU B 441 -12.96 19.93 16.68
C LEU B 441 -12.24 21.00 17.49
N VAL B 442 -11.93 22.12 16.85
CA VAL B 442 -11.28 23.23 17.56
C VAL B 442 -12.44 23.94 18.27
N LYS B 443 -12.38 23.93 19.61
CA LYS B 443 -13.40 24.55 20.47
C LYS B 443 -14.42 23.48 20.93
N LYS C 39 -25.27 -3.70 -51.29
CA LYS C 39 -25.32 -4.82 -52.30
C LYS C 39 -24.42 -4.50 -53.49
N PHE C 40 -24.57 -3.29 -53.99
CA PHE C 40 -23.81 -2.77 -55.10
C PHE C 40 -23.70 -1.27 -54.82
N LEU C 41 -24.85 -0.64 -54.58
CA LEU C 41 -24.96 0.79 -54.28
C LEU C 41 -23.62 1.48 -54.21
N SER C 42 -23.43 2.50 -55.03
CA SER C 42 -22.17 3.21 -55.00
C SER C 42 -21.72 3.40 -53.54
N ASP C 43 -20.41 3.48 -53.32
CA ASP C 43 -19.89 3.66 -51.98
C ASP C 43 -20.64 4.78 -51.26
N ALA C 44 -20.48 6.02 -51.76
CA ALA C 44 -21.12 7.21 -51.19
C ALA C 44 -22.63 7.07 -51.07
N GLU C 45 -23.16 6.06 -51.72
CA GLU C 45 -24.58 5.79 -51.70
C GLU C 45 -24.91 5.18 -50.35
N ILE C 46 -23.94 4.47 -49.78
CA ILE C 46 -24.14 3.88 -48.47
C ILE C 46 -23.96 5.02 -47.49
N ILE C 47 -22.93 5.83 -47.73
CA ILE C 47 -22.66 7.00 -46.91
C ILE C 47 -23.98 7.73 -46.71
N GLN C 48 -24.37 8.53 -47.70
CA GLN C 48 -25.62 9.29 -47.66
C GLN C 48 -26.74 8.49 -47.05
N LEU C 49 -26.92 7.27 -47.54
CA LEU C 49 -27.96 6.37 -47.03
C LEU C 49 -27.92 6.36 -45.52
N VAL C 50 -26.76 5.98 -44.96
CA VAL C 50 -26.60 5.93 -43.52
C VAL C 50 -26.95 7.26 -42.91
N ASN C 51 -26.30 8.32 -43.40
CA ASN C 51 -26.55 9.68 -42.91
C ASN C 51 -28.04 10.01 -42.80
N ALA C 52 -28.74 9.93 -43.94
CA ALA C 52 -30.17 10.21 -44.02
C ALA C 52 -31.00 9.29 -43.14
N LYS C 53 -30.40 8.19 -42.68
CA LYS C 53 -31.13 7.28 -41.83
C LYS C 53 -30.58 7.43 -40.41
N HIS C 54 -29.34 7.88 -40.35
CA HIS C 54 -28.65 8.03 -39.09
C HIS C 54 -28.38 6.61 -38.59
N ILE C 55 -27.95 5.73 -39.50
CA ILE C 55 -27.64 4.35 -39.12
C ILE C 55 -26.26 4.43 -38.45
N PRO C 56 -26.18 4.05 -37.17
CA PRO C 56 -24.91 4.12 -36.45
C PRO C 56 -23.79 3.35 -37.17
N ALA C 57 -22.66 4.02 -37.41
CA ALA C 57 -21.53 3.39 -38.09
C ALA C 57 -21.33 1.93 -37.65
N TYR C 58 -21.30 1.70 -36.35
CA TYR C 58 -21.11 0.36 -35.85
C TYR C 58 -22.10 -0.64 -36.42
N LYS C 59 -23.16 -0.12 -37.02
CA LYS C 59 -24.13 -1.01 -37.59
C LYS C 59 -23.52 -1.63 -38.85
N LEU C 60 -22.77 -0.84 -39.62
CA LEU C 60 -22.14 -1.28 -40.87
C LEU C 60 -21.92 -2.76 -41.09
N GLU C 61 -21.04 -3.37 -40.30
CA GLU C 61 -20.74 -4.78 -40.43
C GLU C 61 -21.94 -5.67 -40.71
N THR C 62 -23.10 -5.34 -40.15
CA THR C 62 -24.30 -6.14 -40.41
C THR C 62 -24.95 -5.68 -41.72
N LEU C 63 -25.15 -4.37 -41.83
CA LEU C 63 -25.74 -3.77 -43.02
C LEU C 63 -24.95 -4.18 -44.29
N ILE C 64 -23.73 -3.67 -44.44
CA ILE C 64 -22.89 -4.00 -45.61
C ILE C 64 -22.52 -5.49 -45.74
N GLU C 65 -22.07 -5.86 -46.94
CA GLU C 65 -21.63 -7.23 -47.25
C GLU C 65 -20.12 -7.15 -47.31
N THR C 66 -19.44 -7.95 -46.51
CA THR C 66 -17.97 -7.96 -46.48
C THR C 66 -17.42 -6.94 -45.48
N HIS C 67 -16.68 -7.48 -44.51
CA HIS C 67 -16.08 -6.70 -43.44
C HIS C 67 -15.24 -5.49 -43.88
N GLU C 68 -14.37 -5.70 -44.86
CA GLU C 68 -13.52 -4.62 -45.35
C GLU C 68 -14.29 -3.41 -45.97
N ARG C 69 -15.53 -3.62 -46.37
CA ARG C 69 -16.32 -2.52 -46.94
C ARG C 69 -16.69 -1.62 -45.77
N GLY C 70 -17.34 -2.22 -44.77
CA GLY C 70 -17.76 -1.50 -43.59
C GLY C 70 -16.64 -0.74 -42.90
N VAL C 71 -15.42 -1.25 -42.92
CA VAL C 71 -14.37 -0.50 -42.26
C VAL C 71 -13.95 0.62 -43.19
N SER C 72 -13.90 0.33 -44.50
CA SER C 72 -13.50 1.33 -45.48
C SER C 72 -14.49 2.47 -45.53
N ILE C 73 -15.76 2.13 -45.34
CA ILE C 73 -16.80 3.14 -45.34
C ILE C 73 -16.69 3.93 -44.02
N ARG C 74 -16.58 3.21 -42.90
CA ARG C 74 -16.44 3.90 -41.62
C ARG C 74 -15.29 4.89 -41.62
N ARG C 75 -14.14 4.46 -42.15
CA ARG C 75 -13.02 5.37 -42.21
C ARG C 75 -13.51 6.61 -42.94
N GLN C 76 -14.18 6.39 -44.06
CA GLN C 76 -14.72 7.45 -44.90
C GLN C 76 -15.67 8.38 -44.14
N LEU C 77 -16.61 7.82 -43.36
CA LEU C 77 -17.52 8.69 -42.61
C LEU C 77 -16.68 9.52 -41.62
N LEU C 78 -15.86 8.82 -40.83
CA LEU C 78 -15.01 9.41 -39.83
C LEU C 78 -14.15 10.58 -40.32
N SER C 79 -13.55 10.42 -41.49
CA SER C 79 -12.67 11.45 -42.02
C SER C 79 -13.32 12.80 -42.10
N LYS C 80 -14.60 12.82 -42.43
CA LYS C 80 -15.38 14.05 -42.55
C LYS C 80 -15.73 14.67 -41.21
N LYS C 81 -15.50 13.93 -40.14
CA LYS C 81 -15.75 14.43 -38.78
C LYS C 81 -14.43 14.95 -38.21
N LEU C 82 -13.33 14.77 -38.94
CA LEU C 82 -12.01 15.18 -38.46
C LEU C 82 -11.48 16.53 -38.97
N SER C 83 -10.62 17.13 -38.16
CA SER C 83 -10.01 18.41 -38.50
C SER C 83 -8.95 18.25 -39.59
N GLU C 84 -8.80 17.02 -40.10
CA GLU C 84 -7.85 16.72 -41.17
C GLU C 84 -8.29 15.37 -41.74
N PRO C 85 -9.35 15.38 -42.56
CA PRO C 85 -9.96 14.19 -43.21
C PRO C 85 -8.99 13.14 -43.70
N SER C 86 -7.74 13.55 -43.92
CA SER C 86 -6.70 12.62 -44.37
C SER C 86 -5.73 12.29 -43.24
N SER C 87 -6.26 12.00 -42.05
CA SER C 87 -5.41 11.67 -40.91
C SER C 87 -5.11 10.19 -40.95
N LEU C 88 -6.13 9.43 -41.34
CA LEU C 88 -6.03 7.98 -41.43
C LEU C 88 -5.25 7.54 -42.67
N GLN C 89 -4.61 8.50 -43.34
CA GLN C 89 -3.86 8.19 -44.53
C GLN C 89 -2.80 7.13 -44.25
N TYR C 90 -2.30 7.07 -43.04
CA TYR C 90 -1.28 6.08 -42.71
C TYR C 90 -1.67 4.98 -41.74
N LEU C 91 -2.97 4.88 -41.42
CA LEU C 91 -3.44 3.83 -40.53
C LEU C 91 -3.92 2.71 -41.45
N PRO C 92 -3.19 1.58 -41.47
CA PRO C 92 -3.51 0.39 -42.30
C PRO C 92 -4.91 -0.10 -42.00
N TYR C 93 -5.37 -1.10 -42.74
CA TYR C 93 -6.70 -1.66 -42.51
C TYR C 93 -7.07 -2.60 -43.63
N ARG C 94 -6.45 -2.39 -44.79
CA ARG C 94 -6.74 -3.19 -45.96
C ARG C 94 -6.29 -4.66 -45.88
N ASP C 95 -7.16 -5.52 -46.38
CA ASP C 95 -6.91 -6.95 -46.42
C ASP C 95 -6.45 -7.54 -45.08
N TYR C 96 -7.17 -7.22 -44.02
CA TYR C 96 -6.88 -7.78 -42.70
C TYR C 96 -8.00 -8.78 -42.42
N ASN C 97 -7.78 -9.73 -41.53
CA ASN C 97 -8.84 -10.71 -41.27
C ASN C 97 -9.84 -10.27 -40.21
N TYR C 98 -10.76 -9.40 -40.61
CA TYR C 98 -11.76 -8.89 -39.69
C TYR C 98 -12.83 -9.92 -39.33
N SER C 99 -12.87 -11.04 -40.06
CA SER C 99 -13.88 -12.07 -39.79
C SER C 99 -13.86 -12.52 -38.32
N LEU C 100 -12.65 -12.59 -37.76
CA LEU C 100 -12.42 -12.99 -36.37
C LEU C 100 -12.68 -11.85 -35.38
N VAL C 101 -12.10 -10.69 -35.69
CA VAL C 101 -12.21 -9.50 -34.88
C VAL C 101 -13.65 -9.06 -34.58
N MET C 102 -14.37 -8.58 -35.58
CA MET C 102 -15.73 -8.14 -35.33
C MET C 102 -16.49 -9.25 -34.63
N GLY C 103 -17.33 -8.86 -33.70
CA GLY C 103 -18.10 -9.83 -32.95
C GLY C 103 -17.32 -10.61 -31.91
N ALA C 104 -16.07 -10.23 -31.63
CA ALA C 104 -15.28 -10.95 -30.64
C ALA C 104 -14.09 -10.20 -30.01
N CYS C 105 -13.58 -9.19 -30.69
CA CYS C 105 -12.43 -8.51 -30.12
C CYS C 105 -12.45 -6.99 -30.15
N CYS C 106 -13.03 -6.41 -31.19
CA CYS C 106 -13.05 -4.97 -31.31
C CYS C 106 -14.29 -4.48 -32.07
N GLU C 107 -14.79 -3.30 -31.70
CA GLU C 107 -15.97 -2.70 -32.34
C GLU C 107 -15.53 -1.47 -33.16
N ASN C 108 -16.42 -0.96 -34.01
CA ASN C 108 -16.10 0.21 -34.85
C ASN C 108 -14.74 0.16 -35.47
N VAL C 109 -14.32 -1.03 -35.87
CA VAL C 109 -13.01 -1.18 -36.46
C VAL C 109 -12.77 -0.17 -37.58
N ILE C 110 -11.60 0.46 -37.58
CA ILE C 110 -11.25 1.41 -38.62
C ILE C 110 -9.87 1.05 -39.16
N GLY C 111 -9.40 -0.15 -38.81
CA GLY C 111 -8.09 -0.58 -39.27
C GLY C 111 -7.39 -1.34 -38.17
N TYR C 112 -6.06 -1.45 -38.28
CA TYR C 112 -5.28 -2.15 -37.27
C TYR C 112 -3.96 -1.43 -37.00
N MET C 113 -3.40 -1.67 -35.82
CA MET C 113 -2.15 -1.04 -35.41
C MET C 113 -0.94 -2.00 -35.40
N PRO C 114 0.06 -1.72 -36.23
CA PRO C 114 1.28 -2.51 -36.35
C PRO C 114 2.29 -2.21 -35.23
N ILE C 115 2.58 -3.25 -34.44
CA ILE C 115 3.55 -3.12 -33.35
C ILE C 115 4.80 -3.96 -33.66
N PRO C 116 5.94 -3.30 -33.80
CA PRO C 116 7.17 -4.06 -34.10
C PRO C 116 7.30 -5.27 -33.19
N VAL C 117 7.65 -6.41 -33.77
CA VAL C 117 7.81 -7.62 -32.97
C VAL C 117 9.25 -8.11 -33.06
N GLY C 118 9.96 -8.04 -31.95
CA GLY C 118 11.33 -8.50 -31.93
C GLY C 118 11.36 -9.89 -31.29
N VAL C 119 12.52 -10.49 -31.21
CA VAL C 119 12.61 -11.81 -30.60
C VAL C 119 13.85 -11.85 -29.72
N ALA C 120 13.74 -12.55 -28.60
CA ALA C 120 14.85 -12.64 -27.67
C ALA C 120 15.05 -14.10 -27.29
N GLY C 121 16.31 -14.49 -27.13
CA GLY C 121 16.60 -15.86 -26.76
C GLY C 121 17.81 -16.46 -27.45
N PRO C 122 17.97 -17.79 -27.34
CA PRO C 122 17.05 -18.68 -26.64
C PRO C 122 16.97 -18.43 -25.13
N LEU C 123 15.84 -18.80 -24.56
CA LEU C 123 15.66 -18.65 -23.13
C LEU C 123 15.81 -20.06 -22.65
N CYS C 124 16.91 -20.32 -21.96
CA CYS C 124 17.18 -21.65 -21.44
C CYS C 124 16.45 -21.74 -20.12
N LEU C 125 15.24 -22.27 -20.21
CA LEU C 125 14.39 -22.39 -19.06
C LEU C 125 13.92 -23.82 -18.92
N ASP C 126 14.08 -24.37 -17.72
CA ASP C 126 13.66 -25.74 -17.45
C ASP C 126 14.12 -26.69 -18.55
N GLU C 127 15.40 -26.62 -18.86
CA GLU C 127 16.02 -27.46 -19.86
C GLU C 127 15.30 -27.47 -21.19
N LYS C 128 14.96 -26.29 -21.65
CA LYS C 128 14.32 -26.12 -22.95
C LYS C 128 14.81 -24.77 -23.43
N GLU C 129 14.55 -24.46 -24.68
CA GLU C 129 14.98 -23.17 -25.19
C GLU C 129 13.77 -22.57 -25.87
N PHE C 130 13.51 -21.32 -25.58
CA PHE C 130 12.36 -20.65 -26.19
C PHE C 130 12.83 -19.42 -26.91
N GLN C 131 12.19 -19.15 -28.05
CA GLN C 131 12.49 -17.96 -28.81
C GLN C 131 11.31 -17.07 -28.44
N VAL C 132 11.53 -16.14 -27.52
CA VAL C 132 10.48 -15.25 -27.04
C VAL C 132 10.16 -14.03 -27.90
N PRO C 133 8.90 -13.96 -28.37
CA PRO C 133 8.45 -12.85 -29.20
C PRO C 133 8.05 -11.69 -28.30
N MET C 134 8.44 -10.47 -28.68
CA MET C 134 8.12 -9.32 -27.87
C MET C 134 7.63 -8.20 -28.78
N ALA C 135 6.34 -7.88 -28.68
CA ALA C 135 5.76 -6.81 -29.50
C ALA C 135 6.00 -5.51 -28.76
N THR C 136 6.93 -4.70 -29.26
CA THR C 136 7.23 -3.45 -28.57
C THR C 136 7.61 -2.32 -29.51
N THR C 137 7.75 -1.14 -28.89
CA THR C 137 8.09 0.08 -29.58
C THR C 137 9.20 0.81 -28.81
N GLU C 138 9.73 0.15 -27.78
CA GLU C 138 10.79 0.73 -26.96
C GLU C 138 12.17 0.16 -27.28
N GLY C 139 13.04 1.02 -27.82
CA GLY C 139 14.38 0.57 -28.17
C GLY C 139 15.19 0.01 -27.01
N CYS C 140 15.93 -1.06 -27.30
CA CYS C 140 16.80 -1.74 -26.34
C CYS C 140 16.09 -2.80 -25.51
N LEU C 141 14.77 -2.71 -25.40
CA LEU C 141 14.03 -3.68 -24.62
C LEU C 141 14.34 -5.09 -25.10
N VAL C 142 14.20 -5.31 -26.40
CA VAL C 142 14.50 -6.62 -26.96
C VAL C 142 16.01 -6.90 -26.80
N ALA C 143 16.83 -5.94 -27.20
CA ALA C 143 18.28 -6.08 -27.07
C ALA C 143 18.67 -6.48 -25.65
N SER C 144 18.11 -5.76 -24.68
CA SER C 144 18.41 -6.01 -23.27
C SER C 144 17.92 -7.37 -22.81
N THR C 145 16.70 -7.74 -23.20
CA THR C 145 16.14 -9.03 -22.78
C THR C 145 16.98 -10.15 -23.38
N ASN C 146 17.52 -9.87 -24.55
CA ASN C 146 18.36 -10.83 -25.21
C ASN C 146 19.63 -11.00 -24.38
N ARG C 147 20.32 -9.87 -24.17
CA ARG C 147 21.56 -9.87 -23.40
C ARG C 147 21.32 -10.58 -22.07
N GLY C 148 20.10 -10.46 -21.54
CA GLY C 148 19.79 -11.11 -20.28
C GLY C 148 19.65 -12.60 -20.47
N CYS C 149 19.04 -12.99 -21.59
CA CYS C 149 18.86 -14.40 -21.88
C CYS C 149 20.21 -15.07 -22.05
N ARG C 150 21.13 -14.31 -22.62
CA ARG C 150 22.46 -14.79 -22.89
C ARG C 150 23.18 -15.16 -21.61
N ALA C 151 23.19 -14.23 -20.65
CA ALA C 151 23.83 -14.48 -19.38
C ALA C 151 23.28 -15.77 -18.77
N ILE C 152 21.97 -15.97 -18.90
CA ILE C 152 21.33 -17.16 -18.35
C ILE C 152 21.77 -18.43 -19.09
N GLY C 153 21.85 -18.36 -20.42
CA GLY C 153 22.26 -19.51 -21.20
C GLY C 153 23.65 -20.00 -20.81
N LEU C 154 24.59 -19.06 -20.74
CA LEU C 154 25.96 -19.37 -20.35
C LEU C 154 26.04 -19.57 -18.82
N GLY C 155 24.90 -19.73 -18.19
CA GLY C 155 24.90 -19.91 -16.75
C GLY C 155 24.29 -21.21 -16.34
N GLY C 156 24.06 -22.08 -17.31
CA GLY C 156 23.48 -23.37 -16.98
C GLY C 156 21.98 -23.34 -17.12
N GLY C 157 21.43 -22.18 -17.47
CA GLY C 157 20.00 -22.05 -17.66
C GLY C 157 19.23 -21.68 -16.40
N ALA C 158 17.91 -21.56 -16.56
CA ALA C 158 17.03 -21.19 -15.48
C ALA C 158 15.96 -22.22 -15.16
N SER C 159 15.48 -22.19 -13.93
CA SER C 159 14.45 -23.10 -13.43
C SER C 159 13.24 -22.31 -12.95
N SER C 160 12.06 -22.88 -13.18
CA SER C 160 10.84 -22.21 -12.78
C SER C 160 9.79 -23.20 -12.29
N ARG C 161 8.88 -22.69 -11.47
CA ARG C 161 7.81 -23.48 -10.90
C ARG C 161 6.55 -22.66 -10.78
N VAL C 162 5.43 -23.25 -11.16
CA VAL C 162 4.14 -22.59 -11.06
C VAL C 162 3.67 -22.96 -9.67
N LEU C 163 3.56 -21.97 -8.79
CA LEU C 163 3.17 -22.19 -7.40
C LEU C 163 1.68 -22.32 -7.20
N ALA C 164 0.90 -21.63 -8.01
CA ALA C 164 -0.55 -21.73 -7.87
C ALA C 164 -1.24 -21.31 -9.15
N ASP C 165 -2.50 -21.73 -9.30
CA ASP C 165 -3.27 -21.43 -10.48
C ASP C 165 -4.73 -21.20 -10.18
N GLY C 166 -5.22 -20.00 -10.48
CA GLY C 166 -6.62 -19.72 -10.21
C GLY C 166 -6.99 -18.28 -10.53
N MET C 167 -7.96 -18.09 -11.42
CA MET C 167 -8.43 -16.77 -11.78
C MET C 167 -9.48 -16.48 -10.73
N THR C 168 -9.73 -15.21 -10.44
CA THR C 168 -10.68 -14.86 -9.40
C THR C 168 -11.68 -13.81 -9.83
N ARG C 169 -12.78 -13.77 -9.07
CA ARG C 169 -13.85 -12.81 -9.27
C ARG C 169 -14.46 -12.50 -7.89
N GLY C 170 -14.48 -11.24 -7.50
CA GLY C 170 -15.02 -10.88 -6.21
C GLY C 170 -16.17 -9.89 -6.20
N PRO C 171 -17.41 -10.39 -6.33
CA PRO C 171 -18.55 -9.47 -6.32
C PRO C 171 -18.83 -8.86 -4.97
N VAL C 172 -19.61 -7.78 -4.96
CA VAL C 172 -20.04 -7.14 -3.71
C VAL C 172 -21.49 -7.56 -3.57
N VAL C 173 -21.85 -7.97 -2.37
CA VAL C 173 -23.19 -8.41 -2.13
C VAL C 173 -23.62 -7.68 -0.87
N ARG C 174 -24.91 -7.43 -0.72
CA ARG C 174 -25.39 -6.71 0.45
C ARG C 174 -26.49 -7.40 1.20
N LEU C 175 -26.56 -7.11 2.48
CA LEU C 175 -27.59 -7.67 3.33
C LEU C 175 -28.20 -6.54 4.14
N PRO C 176 -29.35 -6.80 4.76
CA PRO C 176 -29.99 -5.75 5.55
C PRO C 176 -29.09 -5.24 6.67
N ARG C 177 -28.53 -6.15 7.45
CA ARG C 177 -27.66 -5.77 8.56
C ARG C 177 -26.34 -6.51 8.49
N ALA C 178 -25.35 -5.95 9.18
CA ALA C 178 -24.04 -6.55 9.23
C ALA C 178 -24.14 -7.93 9.85
N CYS C 179 -25.07 -8.09 10.80
CA CYS C 179 -25.28 -9.37 11.46
C CYS C 179 -25.70 -10.40 10.46
N ASP C 180 -26.31 -9.93 9.38
CA ASP C 180 -26.76 -10.83 8.33
C ASP C 180 -25.58 -11.20 7.46
N SER C 181 -24.77 -10.20 7.08
CA SER C 181 -23.58 -10.46 6.28
C SER C 181 -22.79 -11.52 7.03
N ALA C 182 -22.61 -11.26 8.31
CA ALA C 182 -21.88 -12.14 9.21
C ALA C 182 -22.37 -13.57 9.07
N GLU C 183 -23.69 -13.75 9.14
CA GLU C 183 -24.29 -15.08 9.03
C GLU C 183 -23.94 -15.71 7.70
N VAL C 184 -24.08 -14.97 6.62
CA VAL C 184 -23.76 -15.51 5.30
C VAL C 184 -22.30 -15.94 5.23
N LYS C 185 -21.42 -15.10 5.78
CA LYS C 185 -20.00 -15.41 5.77
C LYS C 185 -19.75 -16.74 6.43
N ALA C 186 -20.33 -16.92 7.61
CA ALA C 186 -20.17 -18.17 8.34
C ALA C 186 -20.74 -19.35 7.55
N TRP C 187 -21.85 -19.12 6.87
CA TRP C 187 -22.50 -20.15 6.07
C TRP C 187 -21.56 -20.60 4.95
N LEU C 188 -21.09 -19.64 4.17
CA LEU C 188 -20.19 -19.89 3.08
C LEU C 188 -18.96 -20.63 3.60
N GLU C 189 -18.67 -20.50 4.89
CA GLU C 189 -17.50 -21.17 5.44
C GLU C 189 -17.74 -22.57 5.98
N THR C 190 -19.01 -22.96 6.06
CA THR C 190 -19.29 -24.31 6.52
C THR C 190 -19.01 -25.17 5.30
N SER C 191 -18.63 -26.43 5.51
CA SER C 191 -18.33 -27.34 4.41
C SER C 191 -19.52 -27.60 3.49
N GLU C 192 -20.71 -27.73 4.05
CA GLU C 192 -21.87 -27.99 3.22
C GLU C 192 -22.20 -26.77 2.40
N GLY C 193 -22.16 -25.60 3.05
CA GLY C 193 -22.46 -24.35 2.38
C GLY C 193 -21.57 -24.17 1.18
N PHE C 194 -20.27 -24.44 1.38
CA PHE C 194 -19.31 -24.32 0.30
C PHE C 194 -19.59 -25.31 -0.81
N ALA C 195 -20.07 -26.48 -0.42
CA ALA C 195 -20.37 -27.53 -1.37
C ALA C 195 -21.50 -27.14 -2.32
N VAL C 196 -22.56 -26.55 -1.79
CA VAL C 196 -23.67 -26.17 -2.64
C VAL C 196 -23.26 -25.01 -3.54
N ILE C 197 -22.41 -24.13 -3.02
CA ILE C 197 -21.93 -23.02 -3.83
C ILE C 197 -21.01 -23.55 -4.93
N LYS C 198 -20.12 -24.48 -4.56
CA LYS C 198 -19.19 -25.06 -5.52
C LYS C 198 -19.94 -25.78 -6.64
N GLU C 199 -20.95 -26.57 -6.25
CA GLU C 199 -21.76 -27.32 -7.19
C GLU C 199 -22.30 -26.38 -8.25
N ALA C 200 -22.98 -25.35 -7.77
CA ALA C 200 -23.57 -24.35 -8.65
C ALA C 200 -22.51 -23.74 -9.54
N PHE C 201 -21.40 -23.34 -8.92
CA PHE C 201 -20.32 -22.72 -9.66
C PHE C 201 -19.74 -23.63 -10.75
N ASP C 202 -19.41 -24.86 -10.37
CA ASP C 202 -18.81 -25.79 -11.32
C ASP C 202 -19.72 -26.23 -12.45
N SER C 203 -21.03 -26.26 -12.19
CA SER C 203 -22.00 -26.66 -13.20
C SER C 203 -22.05 -25.67 -14.34
N THR C 204 -21.23 -24.63 -14.23
CA THR C 204 -21.18 -23.56 -15.21
C THR C 204 -20.36 -23.87 -16.45
N SER C 205 -19.29 -24.63 -16.27
CA SER C 205 -18.41 -24.94 -17.38
C SER C 205 -17.70 -26.26 -17.19
N ARG C 206 -17.06 -26.70 -18.26
CA ARG C 206 -16.32 -27.94 -18.28
C ARG C 206 -15.06 -27.82 -17.44
N PHE C 207 -14.53 -26.60 -17.33
CA PHE C 207 -13.30 -26.37 -16.58
C PHE C 207 -13.47 -25.65 -15.26
N ALA C 208 -14.68 -25.18 -14.99
CA ALA C 208 -14.95 -24.46 -13.76
C ALA C 208 -14.89 -25.38 -12.52
N ARG C 209 -13.77 -25.36 -11.80
CA ARG C 209 -13.66 -26.15 -10.59
C ARG C 209 -13.22 -25.25 -9.45
N LEU C 210 -14.22 -24.67 -8.79
CA LEU C 210 -14.04 -23.75 -7.69
C LEU C 210 -13.13 -24.28 -6.60
N GLN C 211 -12.04 -23.55 -6.38
CA GLN C 211 -11.09 -23.87 -5.34
C GLN C 211 -11.63 -23.24 -4.07
N LYS C 212 -10.79 -22.54 -3.33
CA LYS C 212 -11.25 -21.90 -2.10
C LYS C 212 -12.23 -20.76 -2.35
N LEU C 213 -12.62 -20.14 -1.24
CA LEU C 213 -13.55 -19.03 -1.24
C LEU C 213 -13.08 -18.06 -0.15
N HIS C 214 -12.64 -16.87 -0.53
CA HIS C 214 -12.16 -15.89 0.45
C HIS C 214 -13.24 -14.81 0.67
N THR C 215 -13.81 -14.74 1.85
CA THR C 215 -14.85 -13.74 2.10
C THR C 215 -14.32 -12.59 2.93
N SER C 216 -14.92 -11.41 2.78
CA SER C 216 -14.49 -10.23 3.51
C SER C 216 -15.66 -9.30 3.73
N ILE C 217 -15.89 -9.00 5.01
CA ILE C 217 -16.98 -8.15 5.46
C ILE C 217 -16.65 -6.68 5.70
N ALA C 218 -17.55 -5.82 5.26
CA ALA C 218 -17.45 -4.39 5.44
C ALA C 218 -18.86 -3.98 5.87
N GLY C 219 -19.14 -4.06 7.16
CA GLY C 219 -20.47 -3.71 7.62
C GLY C 219 -21.48 -4.67 7.03
N ARG C 220 -22.52 -4.15 6.39
CA ARG C 220 -23.51 -5.06 5.81
C ARG C 220 -23.13 -5.54 4.40
N ASN C 221 -21.93 -5.17 3.97
CA ASN C 221 -21.40 -5.57 2.68
C ASN C 221 -20.61 -6.85 2.84
N LEU C 222 -20.59 -7.68 1.81
CA LEU C 222 -19.84 -8.93 1.85
C LEU C 222 -19.13 -9.10 0.55
N TYR C 223 -17.80 -9.14 0.57
CA TYR C 223 -17.03 -9.34 -0.66
C TYR C 223 -16.62 -10.80 -0.73
N ILE C 224 -17.05 -11.50 -1.78
CA ILE C 224 -16.73 -12.91 -1.93
C ILE C 224 -15.77 -13.11 -3.09
N ARG C 225 -14.58 -13.64 -2.79
CA ARG C 225 -13.56 -13.87 -3.81
C ARG C 225 -13.69 -15.32 -4.23
N PHE C 226 -14.10 -15.55 -5.48
CA PHE C 226 -14.27 -16.90 -6.02
C PHE C 226 -12.99 -17.25 -6.76
N GLN C 227 -12.46 -18.45 -6.52
CA GLN C 227 -11.25 -18.84 -7.21
C GLN C 227 -11.38 -20.20 -7.88
N SER C 228 -11.05 -20.25 -9.15
CA SER C 228 -11.17 -21.49 -9.89
C SER C 228 -10.14 -21.59 -11.00
N ARG C 229 -9.84 -22.81 -11.43
CA ARG C 229 -8.90 -23.01 -12.52
C ARG C 229 -9.73 -22.76 -13.76
N SER C 230 -9.14 -22.92 -14.93
CA SER C 230 -9.90 -22.65 -16.16
C SER C 230 -9.17 -23.16 -17.40
N GLY C 231 -8.55 -24.33 -17.29
CA GLY C 231 -7.82 -24.87 -18.41
C GLY C 231 -6.77 -23.89 -18.91
N ASP C 232 -6.69 -23.73 -20.22
CA ASP C 232 -5.72 -22.83 -20.83
C ASP C 232 -6.31 -21.47 -21.20
N ALA C 233 -7.44 -21.14 -20.57
CA ALA C 233 -8.11 -19.88 -20.79
C ALA C 233 -7.69 -18.97 -19.66
N MET C 234 -7.62 -17.67 -19.92
CA MET C 234 -7.25 -16.73 -18.86
C MET C 234 -8.40 -16.81 -17.83
N GLY C 235 -9.57 -17.18 -18.34
CA GLY C 235 -10.73 -17.40 -17.49
C GLY C 235 -11.56 -16.29 -16.88
N MET C 236 -11.27 -15.05 -17.23
CA MET C 236 -12.02 -13.93 -16.67
C MET C 236 -13.51 -14.14 -16.96
N ASN C 237 -13.82 -14.59 -18.17
CA ASN C 237 -15.21 -14.82 -18.56
C ASN C 237 -15.84 -16.03 -17.89
N MET C 238 -15.17 -17.16 -17.97
CA MET C 238 -15.68 -18.37 -17.35
C MET C 238 -16.06 -18.14 -15.89
N ILE C 239 -15.15 -17.48 -15.14
CA ILE C 239 -15.35 -17.20 -13.73
C ILE C 239 -16.56 -16.32 -13.45
N SER C 240 -16.77 -15.31 -14.28
CA SER C 240 -17.91 -14.42 -14.09
C SER C 240 -19.21 -15.22 -14.18
N LYS C 241 -19.28 -16.10 -15.19
CA LYS C 241 -20.43 -16.98 -15.40
C LYS C 241 -20.65 -17.85 -14.18
N GLY C 242 -19.54 -18.35 -13.65
CA GLY C 242 -19.59 -19.21 -12.50
C GLY C 242 -20.03 -18.51 -11.22
N THR C 243 -19.46 -17.34 -10.94
CA THR C 243 -19.84 -16.65 -9.71
C THR C 243 -21.29 -16.22 -9.81
N GLU C 244 -21.73 -15.85 -11.01
CA GLU C 244 -23.10 -15.43 -11.18
C GLU C 244 -24.04 -16.58 -10.83
N LYS C 245 -23.79 -17.75 -11.40
CA LYS C 245 -24.66 -18.88 -11.09
C LYS C 245 -24.61 -19.20 -9.60
N ALA C 246 -23.43 -19.05 -9.02
CA ALA C 246 -23.25 -19.33 -7.61
C ALA C 246 -23.98 -18.31 -6.73
N LEU C 247 -23.94 -17.04 -7.15
CA LEU C 247 -24.60 -15.99 -6.39
C LEU C 247 -26.10 -16.21 -6.38
N SER C 248 -26.62 -16.88 -7.41
CA SER C 248 -28.05 -17.15 -7.49
C SER C 248 -28.39 -18.20 -6.45
N LYS C 249 -27.65 -19.30 -6.49
CA LYS C 249 -27.88 -20.37 -5.53
C LYS C 249 -27.73 -19.79 -4.12
N LEU C 250 -26.78 -18.87 -3.96
CA LEU C 250 -26.58 -18.24 -2.66
C LEU C 250 -27.82 -17.44 -2.26
N HIS C 251 -28.43 -16.80 -3.26
CA HIS C 251 -29.61 -16.00 -3.04
C HIS C 251 -30.78 -16.85 -2.55
N GLU C 252 -30.89 -18.05 -3.09
CA GLU C 252 -31.97 -18.96 -2.72
C GLU C 252 -31.97 -19.19 -1.22
N TYR C 253 -30.78 -19.17 -0.62
CA TYR C 253 -30.64 -19.38 0.81
C TYR C 253 -30.77 -18.10 1.61
N PHE C 254 -30.37 -16.98 1.02
CA PHE C 254 -30.50 -15.69 1.71
C PHE C 254 -31.20 -14.75 0.76
N PRO C 255 -32.50 -14.95 0.59
CA PRO C 255 -33.37 -14.17 -0.27
C PRO C 255 -33.26 -12.67 -0.02
N GLU C 256 -32.89 -12.29 1.19
CA GLU C 256 -32.76 -10.87 1.50
C GLU C 256 -31.44 -10.26 1.05
N MET C 257 -30.65 -11.03 0.33
CA MET C 257 -29.34 -10.57 -0.12
C MET C 257 -29.36 -9.84 -1.45
N GLN C 258 -28.73 -8.68 -1.50
CA GLN C 258 -28.67 -7.91 -2.72
C GLN C 258 -27.35 -8.10 -3.44
N ILE C 259 -27.42 -8.52 -4.69
CA ILE C 259 -26.21 -8.71 -5.47
C ILE C 259 -25.94 -7.38 -6.14
N LEU C 260 -25.10 -6.57 -5.52
CA LEU C 260 -24.79 -5.25 -6.03
C LEU C 260 -23.99 -5.21 -7.32
N ALA C 261 -23.00 -6.10 -7.48
CA ALA C 261 -22.18 -6.15 -8.69
C ALA C 261 -21.30 -7.39 -8.74
N VAL C 262 -21.33 -8.15 -9.85
CA VAL C 262 -20.49 -9.36 -9.98
C VAL C 262 -19.03 -9.06 -9.69
N SER C 263 -18.67 -7.81 -9.88
CA SER C 263 -17.31 -7.38 -9.61
C SER C 263 -17.33 -6.17 -8.70
N GLY C 264 -16.95 -6.41 -7.44
CA GLY C 264 -16.89 -5.34 -6.46
C GLY C 264 -15.44 -4.97 -6.18
N ASN C 265 -14.59 -5.10 -7.19
CA ASN C 265 -13.16 -4.78 -7.08
C ASN C 265 -12.38 -5.63 -6.08
N TYR C 266 -12.90 -6.78 -5.70
CA TYR C 266 -12.20 -7.65 -4.76
C TYR C 266 -11.54 -8.83 -5.49
N CYS C 267 -11.49 -8.77 -6.80
CA CYS C 267 -10.91 -9.85 -7.59
C CYS C 267 -9.39 -9.96 -7.42
N THR C 268 -8.62 -8.91 -7.74
CA THR C 268 -9.10 -7.63 -8.26
C THR C 268 -8.67 -7.63 -9.72
N ASP C 269 -9.47 -7.03 -10.61
CA ASP C 269 -9.06 -7.03 -12.00
C ASP C 269 -8.59 -5.65 -12.48
N LYS C 270 -7.48 -5.65 -13.18
CA LYS C 270 -6.87 -4.44 -13.76
C LYS C 270 -6.64 -3.20 -12.90
N LYS C 271 -6.56 -3.39 -11.59
CA LYS C 271 -6.30 -2.29 -10.66
C LYS C 271 -5.27 -2.78 -9.63
N PRO C 272 -4.36 -1.90 -9.18
CA PRO C 272 -3.37 -2.35 -8.19
C PRO C 272 -4.09 -2.80 -6.92
N ALA C 273 -3.70 -3.96 -6.37
CA ALA C 273 -4.33 -4.48 -5.16
C ALA C 273 -3.45 -5.44 -4.34
N ALA C 274 -3.26 -5.13 -3.06
CA ALA C 274 -2.46 -5.97 -2.17
C ALA C 274 -2.96 -7.39 -2.14
N ILE C 275 -4.25 -7.58 -2.39
CA ILE C 275 -4.79 -8.92 -2.34
C ILE C 275 -4.28 -9.81 -3.47
N ASN C 276 -4.06 -9.24 -4.65
CA ASN C 276 -3.54 -10.05 -5.73
C ASN C 276 -2.11 -10.44 -5.34
N TRP C 277 -1.38 -9.49 -4.77
CA TRP C 277 0.00 -9.71 -4.35
C TRP C 277 0.13 -10.76 -3.26
N ILE C 278 -0.77 -10.71 -2.28
CA ILE C 278 -0.70 -11.62 -1.15
C ILE C 278 -1.42 -12.95 -1.38
N GLU C 279 -2.60 -12.90 -1.97
CA GLU C 279 -3.38 -14.10 -2.18
C GLU C 279 -3.06 -14.74 -3.53
N GLY C 280 -2.53 -13.94 -4.46
CA GLY C 280 -2.23 -14.45 -5.79
C GLY C 280 -3.44 -14.37 -6.71
N ARG C 281 -3.21 -14.34 -8.02
CA ARG C 281 -4.32 -14.30 -8.96
C ARG C 281 -3.78 -14.73 -10.30
N GLY C 282 -4.41 -15.74 -10.89
CA GLY C 282 -3.93 -16.23 -12.17
C GLY C 282 -2.91 -17.26 -11.82
N LYS C 283 -1.72 -17.11 -12.36
CA LYS C 283 -0.66 -18.05 -12.08
C LYS C 283 0.47 -17.42 -11.30
N SER C 284 0.85 -18.06 -10.21
CA SER C 284 1.94 -17.60 -9.35
C SER C 284 3.12 -18.45 -9.74
N VAL C 285 4.28 -17.83 -9.98
CA VAL C 285 5.44 -18.59 -10.40
C VAL C 285 6.78 -18.03 -9.93
N VAL C 286 7.73 -18.93 -9.62
CA VAL C 286 9.07 -18.52 -9.19
C VAL C 286 10.07 -18.80 -10.30
N CYS C 287 11.19 -18.09 -10.25
CA CYS C 287 12.18 -18.30 -11.26
C CYS C 287 13.53 -18.06 -10.64
N GLU C 288 14.56 -18.73 -11.15
CA GLU C 288 15.91 -18.58 -10.64
C GLU C 288 16.94 -19.01 -11.68
N ALA C 289 18.17 -18.61 -11.45
CA ALA C 289 19.28 -18.94 -12.32
C ALA C 289 20.54 -18.50 -11.55
N VAL C 290 21.72 -18.98 -11.94
CA VAL C 290 22.94 -18.53 -11.27
C VAL C 290 23.90 -18.16 -12.37
N ILE C 291 24.25 -16.89 -12.44
CA ILE C 291 25.16 -16.47 -13.48
C ILE C 291 26.61 -16.54 -12.98
N PRO C 292 27.48 -17.26 -13.72
CA PRO C 292 28.90 -17.43 -13.38
C PRO C 292 29.60 -16.08 -13.37
N ALA C 293 30.34 -15.81 -12.31
CA ALA C 293 31.06 -14.55 -12.18
C ALA C 293 31.68 -14.07 -13.49
N LYS C 294 32.25 -14.99 -14.26
CA LYS C 294 32.87 -14.61 -15.52
C LYS C 294 31.81 -13.98 -16.42
N VAL C 295 30.67 -14.67 -16.56
CA VAL C 295 29.56 -14.21 -17.40
C VAL C 295 29.01 -12.84 -17.00
N VAL C 296 29.04 -12.54 -15.71
CA VAL C 296 28.57 -11.26 -15.21
C VAL C 296 29.53 -10.16 -15.66
N ARG C 297 30.84 -10.43 -15.56
CA ARG C 297 31.83 -9.46 -15.96
C ARG C 297 31.87 -9.33 -17.48
N GLU C 298 31.72 -10.46 -18.18
CA GLU C 298 31.80 -10.44 -19.65
C GLU C 298 30.53 -10.06 -20.39
N VAL C 299 29.45 -10.78 -20.14
CA VAL C 299 28.19 -10.46 -20.81
C VAL C 299 27.50 -9.23 -20.21
N LEU C 300 27.20 -9.29 -18.92
CA LEU C 300 26.51 -8.18 -18.25
C LEU C 300 27.35 -6.95 -17.95
N LYS C 301 28.66 -7.06 -18.14
CA LYS C 301 29.56 -5.92 -17.93
C LYS C 301 29.62 -5.33 -16.54
N THR C 302 29.58 -6.16 -15.50
CA THR C 302 29.69 -5.67 -14.11
C THR C 302 30.13 -6.76 -13.17
N THR C 303 29.82 -6.52 -11.90
CA THR C 303 30.17 -7.39 -10.79
C THR C 303 28.96 -7.94 -10.07
N THR C 304 29.05 -9.18 -9.62
CA THR C 304 27.96 -9.76 -8.87
C THR C 304 27.76 -8.90 -7.63
N GLU C 305 28.87 -8.43 -7.08
CA GLU C 305 28.81 -7.59 -5.90
C GLU C 305 28.04 -6.30 -6.16
N ALA C 306 28.28 -5.72 -7.33
CA ALA C 306 27.64 -4.48 -7.73
C ALA C 306 26.16 -4.70 -8.02
N MET C 307 25.84 -5.78 -8.73
CA MET C 307 24.47 -6.12 -9.01
C MET C 307 23.69 -6.16 -7.69
N ILE C 308 24.12 -7.02 -6.79
CA ILE C 308 23.50 -7.18 -5.49
C ILE C 308 23.35 -5.89 -4.71
N GLU C 309 24.38 -5.04 -4.75
CA GLU C 309 24.34 -3.77 -4.04
C GLU C 309 23.22 -2.87 -4.61
N VAL C 310 22.97 -3.02 -5.90
CA VAL C 310 21.96 -2.24 -6.59
C VAL C 310 20.58 -2.84 -6.37
N ASN C 311 20.48 -4.16 -6.48
CA ASN C 311 19.19 -4.81 -6.32
C ASN C 311 18.55 -4.48 -5.01
N ILE C 312 19.33 -4.55 -3.94
CA ILE C 312 18.81 -4.30 -2.59
C ILE C 312 18.37 -2.87 -2.39
N ASN C 313 19.25 -1.95 -2.71
CA ASN C 313 18.92 -0.55 -2.53
C ASN C 313 17.93 0.04 -3.54
N LYS C 314 17.75 -0.65 -4.67
CA LYS C 314 16.82 -0.17 -5.68
C LYS C 314 15.52 -0.93 -5.54
N ASN C 315 15.53 -2.20 -5.92
CA ASN C 315 14.33 -3.02 -5.87
C ASN C 315 13.76 -3.31 -4.50
N LEU C 316 14.53 -3.05 -3.44
CA LEU C 316 13.98 -3.30 -2.12
C LEU C 316 13.80 -2.01 -1.35
N VAL C 317 14.91 -1.41 -0.96
CA VAL C 317 14.84 -0.20 -0.19
C VAL C 317 14.17 0.93 -0.97
N GLY C 318 14.46 1.04 -2.26
CA GLY C 318 13.87 2.09 -3.10
C GLY C 318 12.37 1.95 -3.25
N SER C 319 11.95 0.76 -3.68
CA SER C 319 10.54 0.46 -3.84
C SER C 319 9.80 0.72 -2.52
N ALA C 320 10.42 0.33 -1.41
CA ALA C 320 9.76 0.55 -0.13
C ALA C 320 9.66 2.05 0.15
N MET C 321 10.66 2.80 -0.26
CA MET C 321 10.62 4.21 0.00
C MET C 321 9.51 4.89 -0.77
N ALA C 322 9.22 4.36 -1.96
CA ALA C 322 8.18 4.92 -2.83
C ALA C 322 6.80 4.39 -2.41
N GLY C 323 6.77 3.56 -1.38
CA GLY C 323 5.50 3.03 -0.95
C GLY C 323 4.90 2.12 -1.98
N SER C 324 5.67 1.14 -2.46
CA SER C 324 5.15 0.20 -3.44
C SER C 324 4.51 -1.01 -2.80
N ILE C 325 3.54 -1.60 -3.48
CA ILE C 325 2.91 -2.81 -2.99
C ILE C 325 3.03 -3.66 -4.22
N GLY C 326 3.88 -4.69 -4.19
CA GLY C 326 4.03 -5.55 -5.35
C GLY C 326 5.06 -5.22 -6.39
N GLY C 327 5.68 -4.03 -6.34
CA GLY C 327 6.67 -3.69 -7.34
C GLY C 327 8.12 -3.66 -6.91
N TYR C 328 8.64 -4.79 -6.45
CA TYR C 328 10.03 -4.83 -6.03
C TYR C 328 10.83 -5.42 -7.18
N ASN C 329 10.82 -4.71 -8.29
CA ASN C 329 11.53 -5.14 -9.49
C ASN C 329 11.90 -3.94 -10.34
N ALA C 330 12.81 -4.14 -11.29
CA ALA C 330 13.26 -3.05 -12.12
C ALA C 330 12.29 -2.66 -13.23
N HIS C 331 11.97 -3.59 -14.11
CA HIS C 331 11.04 -3.28 -15.17
C HIS C 331 10.26 -4.49 -15.63
N ALA C 332 9.82 -5.30 -14.69
CA ALA C 332 9.06 -6.48 -15.04
C ALA C 332 7.95 -6.13 -16.05
N ALA C 333 7.34 -4.96 -15.90
CA ALA C 333 6.27 -4.52 -16.79
C ALA C 333 6.66 -4.50 -18.26
N ASN C 334 7.82 -3.93 -18.58
CA ASN C 334 8.31 -3.86 -19.96
C ASN C 334 8.25 -5.24 -20.63
N ILE C 335 8.66 -6.27 -19.89
CA ILE C 335 8.69 -7.62 -20.42
C ILE C 335 7.30 -8.23 -20.51
N VAL C 336 6.46 -7.99 -19.51
CA VAL C 336 5.12 -8.56 -19.57
C VAL C 336 4.29 -8.00 -20.74
N THR C 337 4.27 -6.68 -20.85
CA THR C 337 3.52 -6.02 -21.89
C THR C 337 3.93 -6.52 -23.27
N ALA C 338 5.23 -6.47 -23.54
CA ALA C 338 5.74 -6.91 -24.84
C ALA C 338 5.27 -8.31 -25.22
N ILE C 339 5.46 -9.26 -24.31
CA ILE C 339 5.06 -10.64 -24.55
C ILE C 339 3.56 -10.68 -24.65
N TYR C 340 2.88 -9.93 -23.78
CA TYR C 340 1.41 -9.92 -23.78
C TYR C 340 0.80 -9.43 -25.11
N ILE C 341 1.35 -8.35 -25.66
CA ILE C 341 0.86 -7.81 -26.90
C ILE C 341 1.15 -8.76 -28.05
N ALA C 342 2.35 -9.34 -28.02
CA ALA C 342 2.78 -10.27 -29.05
C ALA C 342 1.98 -11.57 -29.05
N CYS C 343 1.58 -12.02 -27.87
CA CYS C 343 0.85 -13.27 -27.77
C CYS C 343 -0.65 -13.21 -27.53
N GLY C 344 -1.26 -12.08 -27.86
CA GLY C 344 -2.71 -11.95 -27.70
C GLY C 344 -3.33 -11.94 -26.31
N GLN C 345 -2.57 -11.52 -25.30
CA GLN C 345 -3.08 -11.45 -23.93
C GLN C 345 -3.74 -10.09 -23.72
N ASP C 346 -4.34 -9.87 -22.56
CA ASP C 346 -4.96 -8.57 -22.28
C ASP C 346 -3.89 -7.61 -21.79
N ALA C 347 -3.36 -6.78 -22.68
CA ALA C 347 -2.30 -5.85 -22.28
C ALA C 347 -2.64 -4.96 -21.08
N ALA C 348 -3.92 -4.83 -20.74
CA ALA C 348 -4.31 -3.99 -19.61
C ALA C 348 -4.09 -4.72 -18.29
N GLN C 349 -4.03 -6.04 -18.34
CA GLN C 349 -3.79 -6.85 -17.14
C GLN C 349 -2.30 -6.76 -16.77
N ASN C 350 -1.63 -5.95 -17.57
CA ASN C 350 -0.25 -5.64 -17.39
C ASN C 350 -0.11 -5.13 -15.96
N VAL C 351 -1.18 -4.52 -15.46
CA VAL C 351 -1.24 -3.94 -14.12
C VAL C 351 -0.90 -4.92 -13.00
N GLY C 352 -1.69 -5.98 -12.88
CA GLY C 352 -1.45 -6.96 -11.83
C GLY C 352 -0.44 -8.04 -12.21
N SER C 353 -0.37 -8.37 -13.49
CA SER C 353 0.54 -9.38 -13.98
C SER C 353 2.00 -9.02 -13.77
N SER C 354 2.30 -7.73 -13.74
CA SER C 354 3.67 -7.29 -13.54
C SER C 354 4.16 -7.37 -12.10
N ASN C 355 3.28 -7.68 -11.15
CA ASN C 355 3.75 -7.80 -9.78
C ASN C 355 4.95 -8.75 -9.78
N CYS C 356 6.01 -8.35 -9.11
CA CYS C 356 7.20 -9.17 -9.10
C CYS C 356 8.28 -8.69 -8.15
N ILE C 357 8.81 -9.61 -7.34
CA ILE C 357 9.92 -9.24 -6.47
C ILE C 357 11.15 -9.97 -7.03
N THR C 358 12.20 -9.21 -7.37
CA THR C 358 13.42 -9.82 -7.89
C THR C 358 14.53 -9.74 -6.82
N LEU C 359 15.09 -10.90 -6.51
CA LEU C 359 16.13 -11.01 -5.50
C LEU C 359 17.45 -11.49 -6.06
N MET C 360 18.55 -10.93 -5.55
CA MET C 360 19.90 -11.30 -5.99
C MET C 360 20.87 -11.57 -4.83
N GLU C 361 21.47 -12.76 -4.81
CA GLU C 361 22.43 -13.10 -3.75
C GLU C 361 23.77 -13.48 -4.33
N ALA C 362 24.79 -13.43 -3.47
CA ALA C 362 26.13 -13.84 -3.87
C ALA C 362 26.08 -15.36 -3.81
N SER C 363 26.72 -16.03 -4.74
CA SER C 363 26.71 -17.47 -4.72
C SER C 363 28.00 -18.07 -5.25
N GLY C 364 28.14 -19.38 -5.07
CA GLY C 364 29.33 -20.06 -5.53
C GLY C 364 30.42 -20.21 -4.48
N PRO C 365 31.47 -20.99 -4.80
CA PRO C 365 32.61 -21.27 -3.93
C PRO C 365 33.30 -20.00 -3.44
N THR C 366 33.23 -18.95 -4.25
CA THR C 366 33.87 -17.69 -3.93
C THR C 366 32.86 -16.57 -3.72
N ASN C 367 31.58 -16.88 -3.89
CA ASN C 367 30.54 -15.87 -3.77
C ASN C 367 30.73 -14.81 -4.83
N GLU C 368 31.15 -15.23 -6.02
CA GLU C 368 31.35 -14.27 -7.08
C GLU C 368 30.32 -14.54 -8.14
N ASP C 369 29.58 -15.63 -7.94
CA ASP C 369 28.51 -15.97 -8.86
C ASP C 369 27.25 -15.26 -8.38
N LEU C 370 26.40 -14.92 -9.35
CA LEU C 370 25.17 -14.23 -9.09
C LEU C 370 23.97 -15.16 -9.04
N TYR C 371 23.34 -15.25 -7.88
CA TYR C 371 22.11 -16.04 -7.74
C TYR C 371 20.97 -15.04 -7.92
N ILE C 372 20.04 -15.32 -8.82
CA ILE C 372 18.93 -14.41 -9.06
C ILE C 372 17.62 -15.15 -9.12
N SER C 373 16.60 -14.55 -8.50
CA SER C 373 15.28 -15.16 -8.53
C SER C 373 14.26 -14.08 -8.81
N CYS C 374 13.10 -14.48 -9.31
CA CYS C 374 12.00 -13.56 -9.61
C CYS C 374 10.68 -14.25 -9.26
N THR C 375 9.93 -13.68 -8.31
CA THR C 375 8.66 -14.29 -7.96
C THR C 375 7.51 -13.40 -8.41
N MET C 376 6.62 -13.96 -9.23
CA MET C 376 5.47 -13.26 -9.77
C MET C 376 4.23 -14.03 -9.38
N PRO C 377 3.48 -13.54 -8.37
CA PRO C 377 2.26 -14.08 -7.79
C PRO C 377 0.97 -13.96 -8.56
N SER C 378 0.90 -13.03 -9.51
CA SER C 378 -0.36 -12.83 -10.22
C SER C 378 -0.30 -12.66 -11.75
N ILE C 379 0.24 -13.66 -12.43
CA ILE C 379 0.34 -13.60 -13.87
C ILE C 379 -1.00 -14.03 -14.48
N GLU C 380 -1.76 -13.05 -14.97
CA GLU C 380 -3.05 -13.35 -15.60
C GLU C 380 -2.75 -13.62 -17.06
N ILE C 381 -2.88 -14.89 -17.44
CA ILE C 381 -2.53 -15.29 -18.79
C ILE C 381 -3.43 -16.42 -19.28
N GLY C 382 -3.46 -16.59 -20.60
CA GLY C 382 -4.29 -17.66 -21.16
C GLY C 382 -3.78 -17.98 -22.57
N THR C 383 -4.12 -19.19 -23.05
CA THR C 383 -3.66 -19.65 -24.37
C THR C 383 -4.83 -19.95 -25.30
N VAL C 384 -6.01 -19.56 -24.88
CA VAL C 384 -7.20 -19.82 -25.66
C VAL C 384 -8.17 -18.67 -25.47
N GLY C 385 -8.90 -18.34 -26.53
CA GLY C 385 -9.87 -17.27 -26.47
C GLY C 385 -9.22 -15.92 -26.58
N GLY C 386 -10.03 -14.88 -26.54
CA GLY C 386 -9.54 -13.53 -26.61
C GLY C 386 -8.73 -13.26 -27.86
N GLY C 387 -7.66 -12.48 -27.70
CA GLY C 387 -6.81 -12.17 -28.83
C GLY C 387 -6.04 -13.41 -29.23
N THR C 388 -6.16 -14.45 -28.42
CA THR C 388 -5.51 -15.72 -28.69
C THR C 388 -6.14 -16.39 -29.90
N ASN C 389 -7.31 -15.90 -30.32
CA ASN C 389 -8.00 -16.48 -31.47
C ASN C 389 -7.55 -15.88 -32.80
N LEU C 390 -6.85 -14.76 -32.76
CA LEU C 390 -6.39 -14.14 -33.98
C LEU C 390 -5.16 -14.89 -34.46
N LEU C 391 -4.99 -14.98 -35.78
CA LEU C 391 -3.88 -15.74 -36.35
C LEU C 391 -2.47 -15.20 -36.15
N PRO C 392 -2.28 -13.89 -36.30
CA PRO C 392 -0.91 -13.40 -36.11
C PRO C 392 -0.47 -13.60 -34.66
N GLN C 393 -1.37 -13.38 -33.71
CA GLN C 393 -1.02 -13.56 -32.30
C GLN C 393 -0.72 -15.04 -32.09
N GLN C 394 -1.55 -15.89 -32.71
CA GLN C 394 -1.38 -17.32 -32.61
C GLN C 394 -0.02 -17.74 -33.13
N ALA C 395 0.53 -16.96 -34.07
CA ALA C 395 1.84 -17.26 -34.61
C ALA C 395 2.88 -17.19 -33.51
N CYS C 396 2.83 -16.11 -32.72
CA CYS C 396 3.76 -15.94 -31.63
C CYS C 396 3.55 -16.99 -30.53
N LEU C 397 2.35 -17.53 -30.44
CA LEU C 397 2.09 -18.56 -29.45
C LEU C 397 2.71 -19.88 -29.90
N GLN C 398 2.61 -20.18 -31.18
CA GLN C 398 3.17 -21.42 -31.69
C GLN C 398 4.67 -21.33 -31.58
N MET C 399 5.18 -20.15 -31.86
CA MET C 399 6.60 -19.88 -31.79
C MET C 399 7.13 -20.37 -30.44
N LEU C 400 6.29 -20.35 -29.41
CA LEU C 400 6.67 -20.79 -28.06
C LEU C 400 6.00 -22.14 -27.79
N GLY C 401 5.32 -22.66 -28.80
CA GLY C 401 4.65 -23.94 -28.68
C GLY C 401 3.70 -23.97 -27.51
N VAL C 402 2.84 -22.98 -27.44
CA VAL C 402 1.87 -22.89 -26.35
C VAL C 402 0.46 -22.75 -26.89
N GLN C 403 0.38 -22.21 -28.10
CA GLN C 403 -0.87 -21.97 -28.82
C GLN C 403 -2.03 -22.94 -28.53
N GLY C 404 -3.24 -22.40 -28.42
CA GLY C 404 -4.43 -23.22 -28.19
C GLY C 404 -4.52 -23.98 -26.89
N ALA C 405 -5.55 -24.79 -26.75
CA ALA C 405 -5.71 -25.58 -25.53
C ALA C 405 -4.80 -26.78 -25.52
N CYS C 406 -4.36 -27.19 -24.35
CA CYS C 406 -3.52 -28.36 -24.27
C CYS C 406 -4.45 -29.54 -24.02
N LYS C 407 -4.76 -30.24 -25.09
CA LYS C 407 -5.62 -31.43 -25.09
C LYS C 407 -5.36 -32.42 -23.95
N ASP C 408 -4.17 -33.00 -23.97
CA ASP C 408 -3.78 -33.99 -22.96
C ASP C 408 -3.87 -33.44 -21.54
N ASN C 409 -3.10 -32.40 -21.25
CA ASN C 409 -3.11 -31.81 -19.92
C ASN C 409 -3.64 -30.37 -19.93
N PRO C 410 -4.95 -30.20 -19.70
CA PRO C 410 -5.60 -28.89 -19.69
C PRO C 410 -4.96 -27.90 -18.73
N GLY C 411 -4.66 -26.72 -19.25
CA GLY C 411 -4.03 -25.70 -18.43
C GLY C 411 -2.54 -25.63 -18.67
N GLU C 412 -1.97 -26.73 -19.15
CA GLU C 412 -0.55 -26.81 -19.38
C GLU C 412 0.04 -25.69 -20.22
N ASN C 413 -0.62 -25.33 -21.31
CA ASN C 413 -0.10 -24.26 -22.15
C ASN C 413 -0.11 -22.94 -21.40
N ALA C 414 -1.22 -22.64 -20.75
CA ALA C 414 -1.32 -21.40 -19.99
C ALA C 414 -0.19 -21.40 -18.99
N ARG C 415 -0.07 -22.47 -18.23
CA ARG C 415 1.00 -22.57 -17.25
C ARG C 415 2.38 -22.43 -17.84
N GLN C 416 2.63 -23.11 -18.96
CA GLN C 416 3.94 -23.05 -19.58
C GLN C 416 4.26 -21.63 -19.99
N LEU C 417 3.28 -20.95 -20.58
CA LEU C 417 3.50 -19.57 -21.03
C LEU C 417 3.81 -18.67 -19.83
N ALA C 418 3.14 -18.94 -18.71
CA ALA C 418 3.34 -18.18 -17.49
C ALA C 418 4.79 -18.29 -17.08
N ARG C 419 5.32 -19.51 -17.12
CA ARG C 419 6.71 -19.75 -16.74
C ARG C 419 7.67 -19.01 -17.66
N ILE C 420 7.31 -18.96 -18.94
CA ILE C 420 8.15 -18.27 -19.91
C ILE C 420 8.15 -16.78 -19.62
N VAL C 421 6.97 -16.26 -19.27
CA VAL C 421 6.85 -14.84 -18.95
C VAL C 421 7.74 -14.55 -17.76
N CYS C 422 7.66 -15.39 -16.73
CA CYS C 422 8.49 -15.20 -15.55
C CYS C 422 9.98 -15.32 -15.90
N GLY C 423 10.31 -16.34 -16.71
CA GLY C 423 11.69 -16.55 -17.12
C GLY C 423 12.25 -15.34 -17.86
N THR C 424 11.52 -14.90 -18.88
CA THR C 424 11.95 -13.75 -19.66
C THR C 424 12.05 -12.50 -18.77
N VAL C 425 11.18 -12.40 -17.78
CA VAL C 425 11.24 -11.25 -16.89
C VAL C 425 12.56 -11.27 -16.13
N MET C 426 12.97 -12.43 -15.65
CA MET C 426 14.23 -12.54 -14.93
C MET C 426 15.37 -12.11 -15.85
N ALA C 427 15.30 -12.57 -17.08
CA ALA C 427 16.31 -12.22 -18.07
C ALA C 427 16.41 -10.70 -18.15
N GLY C 428 15.26 -10.04 -18.39
CA GLY C 428 15.25 -8.59 -18.50
C GLY C 428 15.75 -7.93 -17.23
N GLU C 429 15.37 -8.49 -16.08
CA GLU C 429 15.78 -7.93 -14.81
C GLU C 429 17.28 -7.97 -14.73
N LEU C 430 17.84 -9.11 -15.09
CA LEU C 430 19.28 -9.31 -15.11
C LEU C 430 20.00 -8.21 -15.90
N SER C 431 19.67 -8.10 -17.18
CA SER C 431 20.29 -7.12 -18.08
C SER C 431 20.15 -5.67 -17.65
N LEU C 432 18.94 -5.23 -17.33
CA LEU C 432 18.73 -3.85 -16.92
C LEU C 432 19.45 -3.55 -15.60
N MET C 433 19.31 -4.45 -14.64
CA MET C 433 19.97 -4.25 -13.36
C MET C 433 21.44 -4.04 -13.61
N ALA C 434 22.02 -4.90 -14.46
CA ALA C 434 23.44 -4.82 -14.81
C ALA C 434 23.75 -3.44 -15.37
N ALA C 435 23.05 -3.08 -16.44
CA ALA C 435 23.23 -1.77 -17.08
C ALA C 435 23.20 -0.64 -16.05
N LEU C 436 22.28 -0.74 -15.08
CA LEU C 436 22.16 0.29 -14.04
C LEU C 436 23.36 0.30 -13.15
N ALA C 437 23.83 -0.89 -12.82
CA ALA C 437 25.01 -1.05 -11.98
C ALA C 437 26.22 -0.45 -12.68
N ALA C 438 26.39 -0.83 -13.94
CA ALA C 438 27.51 -0.37 -14.74
C ALA C 438 27.46 1.10 -15.16
N GLY C 439 26.30 1.73 -15.02
CA GLY C 439 26.15 3.12 -15.44
C GLY C 439 25.92 3.20 -16.95
N HIS C 440 25.03 2.34 -17.47
CA HIS C 440 24.75 2.25 -18.90
C HIS C 440 23.37 2.67 -19.48
N LEU C 441 22.40 3.06 -18.67
CA LEU C 441 21.11 3.44 -19.24
C LEU C 441 21.22 4.61 -20.21
N VAL C 442 21.93 5.65 -19.83
CA VAL C 442 22.07 6.81 -20.72
C VAL C 442 23.30 6.63 -21.61
N LYS C 443 23.51 5.39 -22.05
CA LYS C 443 24.62 5.02 -22.94
C LYS C 443 23.97 4.14 -24.00
N SER C 444 23.18 3.17 -23.53
CA SER C 444 22.45 2.27 -24.42
C SER C 444 21.34 3.07 -25.14
N HIS C 445 20.52 3.78 -24.35
CA HIS C 445 19.44 4.62 -24.87
C HIS C 445 20.07 5.94 -25.33
N GLY D 32 23.61 -21.04 -56.88
CA GLY D 32 23.84 -22.42 -56.32
C GLY D 32 24.34 -22.44 -54.87
N ASN D 33 25.60 -22.02 -54.69
CA ASN D 33 26.27 -21.96 -53.37
C ASN D 33 27.60 -21.21 -53.59
N ALA D 34 28.16 -20.60 -52.55
CA ALA D 34 29.44 -19.89 -52.70
C ALA D 34 30.16 -19.69 -51.35
N GLU D 35 31.14 -18.79 -51.28
CA GLU D 35 31.85 -18.52 -50.01
C GLU D 35 32.69 -17.22 -49.99
N LYS D 36 32.46 -16.40 -48.95
CA LYS D 36 33.13 -15.11 -48.71
C LYS D 36 32.29 -13.86 -49.03
N GLY D 37 32.52 -12.79 -48.29
CA GLY D 37 31.79 -11.56 -48.49
C GLY D 37 31.98 -11.02 -49.90
N ALA D 38 30.92 -10.46 -50.48
CA ALA D 38 31.00 -9.91 -51.83
C ALA D 38 29.89 -8.90 -52.11
N LYS D 39 29.19 -9.05 -53.25
CA LYS D 39 28.08 -8.16 -53.69
C LYS D 39 26.65 -8.74 -53.54
N PHE D 40 25.87 -8.19 -52.60
CA PHE D 40 24.50 -8.64 -52.31
C PHE D 40 24.42 -10.06 -51.77
N LEU D 41 24.85 -11.01 -52.61
CA LEU D 41 24.88 -12.43 -52.25
C LEU D 41 23.45 -12.96 -52.23
N SER D 42 23.24 -14.15 -51.66
CA SER D 42 21.90 -14.71 -51.60
C SER D 42 21.49 -15.13 -50.18
N ASP D 43 20.19 -15.05 -49.90
CA ASP D 43 19.68 -15.46 -48.60
C ASP D 43 20.45 -16.74 -48.35
N ALA D 44 20.35 -17.62 -49.35
CA ALA D 44 21.00 -18.92 -49.36
C ALA D 44 22.13 -19.00 -48.37
N GLU D 45 23.25 -18.33 -48.64
CA GLU D 45 24.36 -18.41 -47.71
C GLU D 45 24.75 -17.14 -47.00
N ILE D 46 24.00 -16.05 -47.14
CA ILE D 46 24.37 -14.86 -46.36
C ILE D 46 24.21 -15.39 -44.93
N ILE D 47 23.36 -16.41 -44.82
CA ILE D 47 23.08 -17.08 -43.57
C ILE D 47 24.37 -17.69 -43.07
N GLN D 48 25.14 -18.25 -44.01
CA GLN D 48 26.41 -18.88 -43.70
C GLN D 48 27.33 -18.00 -42.88
N LEU D 49 27.49 -16.75 -43.31
CA LEU D 49 28.35 -15.80 -42.62
C LEU D 49 27.85 -15.41 -41.24
N VAL D 50 26.59 -15.76 -40.97
CA VAL D 50 25.98 -15.48 -39.68
C VAL D 50 26.42 -16.61 -38.75
N ASN D 51 26.49 -17.81 -39.31
CA ASN D 51 26.94 -18.97 -38.56
C ASN D 51 28.44 -18.76 -38.42
N ALA D 52 29.05 -18.20 -39.47
CA ALA D 52 30.47 -17.91 -39.49
C ALA D 52 30.81 -17.03 -38.28
N LYS D 53 29.77 -16.50 -37.64
CA LYS D 53 29.90 -15.65 -36.45
C LYS D 53 30.66 -14.35 -36.72
N HIS D 54 30.31 -13.69 -37.81
CA HIS D 54 30.94 -12.43 -38.19
C HIS D 54 29.80 -11.46 -38.46
N ILE D 55 28.63 -12.03 -38.72
CA ILE D 55 27.41 -11.26 -38.97
C ILE D 55 26.37 -11.76 -37.97
N PRO D 56 26.41 -11.24 -36.74
CA PRO D 56 25.43 -11.67 -35.73
C PRO D 56 24.01 -11.34 -36.22
N ALA D 57 23.05 -12.19 -35.87
CA ALA D 57 21.65 -12.01 -36.28
C ALA D 57 21.19 -10.54 -36.31
N TYR D 58 21.04 -9.95 -35.14
CA TYR D 58 20.58 -8.59 -35.01
C TYR D 58 21.37 -7.49 -35.73
N LYS D 59 22.38 -7.86 -36.50
CA LYS D 59 23.12 -6.82 -37.19
C LYS D 59 22.81 -6.80 -38.67
N LEU D 60 21.99 -7.73 -39.10
CA LEU D 60 21.61 -7.84 -40.51
C LEU D 60 21.36 -6.51 -41.22
N GLU D 61 20.65 -5.58 -40.58
CA GLU D 61 20.41 -4.29 -41.23
C GLU D 61 21.71 -3.49 -41.35
N THR D 62 22.68 -3.80 -40.49
CA THR D 62 23.98 -3.14 -40.52
C THR D 62 24.63 -3.44 -41.86
N LEU D 63 24.67 -4.72 -42.19
CA LEU D 63 25.27 -5.20 -43.43
C LEU D 63 24.34 -5.04 -44.62
N ILE D 64 23.32 -5.89 -44.71
CA ILE D 64 22.39 -5.86 -45.85
C ILE D 64 21.97 -4.45 -46.33
N GLU D 65 21.32 -4.41 -47.49
CA GLU D 65 20.90 -3.15 -48.11
C GLU D 65 19.43 -2.75 -47.89
N THR D 66 18.54 -3.72 -47.81
CA THR D 66 17.12 -3.44 -47.57
C THR D 66 16.59 -4.03 -46.29
N HIS D 67 16.16 -3.14 -45.39
CA HIS D 67 15.63 -3.56 -44.11
C HIS D 67 14.80 -4.83 -44.26
N GLU D 68 13.78 -4.79 -45.12
CA GLU D 68 12.92 -5.95 -45.33
C GLU D 68 13.64 -7.32 -45.59
N ARG D 69 14.78 -7.27 -46.27
CA ARG D 69 15.52 -8.50 -46.53
C ARG D 69 16.00 -8.97 -45.16
N GLY D 70 16.57 -8.02 -44.41
CA GLY D 70 17.07 -8.31 -43.08
C GLY D 70 16.05 -9.09 -42.28
N VAL D 71 14.84 -8.56 -42.17
CA VAL D 71 13.77 -9.21 -41.44
C VAL D 71 13.48 -10.61 -42.04
N SER D 72 13.58 -10.69 -43.37
CA SER D 72 13.34 -11.95 -44.05
C SER D 72 14.37 -12.99 -43.62
N ILE D 73 15.64 -12.59 -43.65
CA ILE D 73 16.74 -13.48 -43.25
C ILE D 73 16.64 -13.93 -41.78
N ARG D 74 16.26 -13.00 -40.90
CA ARG D 74 16.12 -13.30 -39.48
C ARG D 74 14.98 -14.25 -39.25
N ARG D 75 13.87 -14.02 -39.96
CA ARG D 75 12.73 -14.92 -39.81
C ARG D 75 13.18 -16.30 -40.27
N GLN D 76 14.13 -16.32 -41.22
CA GLN D 76 14.67 -17.57 -41.76
C GLN D 76 15.56 -18.21 -40.69
N LEU D 77 16.58 -17.48 -40.24
CA LEU D 77 17.42 -18.00 -39.19
C LEU D 77 16.48 -18.49 -38.09
N LEU D 78 15.81 -17.55 -37.42
CA LEU D 78 14.86 -17.88 -36.35
C LEU D 78 13.96 -19.05 -36.68
N SER D 79 13.63 -19.17 -37.97
CA SER D 79 12.76 -20.22 -38.48
C SER D 79 13.20 -21.64 -38.08
N LYS D 80 14.48 -21.93 -38.34
CA LYS D 80 15.03 -23.23 -38.03
C LYS D 80 15.33 -23.35 -36.55
N LYS D 81 15.50 -22.23 -35.88
CA LYS D 81 15.75 -22.28 -34.45
C LYS D 81 14.45 -22.74 -33.81
N LEU D 82 13.38 -22.77 -34.60
CA LEU D 82 12.06 -23.13 -34.08
C LEU D 82 11.55 -24.57 -34.21
N SER D 83 10.85 -24.98 -33.15
CA SER D 83 10.27 -26.30 -33.07
C SER D 83 9.16 -26.52 -34.09
N GLU D 84 8.40 -25.47 -34.37
CA GLU D 84 7.28 -25.50 -35.31
C GLU D 84 7.58 -24.36 -36.29
N PRO D 85 8.61 -24.53 -37.14
CA PRO D 85 9.06 -23.55 -38.14
C PRO D 85 7.97 -22.92 -39.03
N SER D 86 6.85 -23.63 -39.14
CA SER D 86 5.71 -23.16 -39.93
C SER D 86 4.88 -22.12 -39.17
N SER D 87 5.31 -21.75 -37.97
CA SER D 87 4.61 -20.76 -37.14
C SER D 87 4.64 -19.40 -37.80
N LEU D 88 5.86 -18.87 -37.91
CA LEU D 88 6.11 -17.58 -38.53
C LEU D 88 5.23 -17.29 -39.75
N GLN D 89 4.68 -18.33 -40.34
CA GLN D 89 3.87 -18.19 -41.55
C GLN D 89 2.80 -17.15 -41.44
N TYR D 90 1.99 -17.16 -40.38
CA TYR D 90 0.94 -16.15 -40.29
C TYR D 90 1.27 -14.91 -39.45
N LEU D 91 2.55 -14.60 -39.42
CA LEU D 91 3.06 -13.43 -38.72
C LEU D 91 3.49 -12.44 -39.81
N PRO D 92 2.68 -11.40 -40.03
CA PRO D 92 2.93 -10.36 -41.03
C PRO D 92 4.33 -9.83 -40.90
N TYR D 93 4.80 -9.10 -41.90
CA TYR D 93 6.14 -8.52 -41.85
C TYR D 93 6.45 -7.81 -43.14
N ARG D 94 5.86 -8.31 -44.22
CA ARG D 94 6.09 -7.76 -45.54
C ARG D 94 5.61 -6.32 -45.67
N ASP D 95 6.39 -5.53 -46.38
CA ASP D 95 6.07 -4.13 -46.61
C ASP D 95 5.56 -3.42 -45.36
N TYR D 96 6.51 -2.91 -44.58
CA TYR D 96 6.25 -2.14 -43.37
C TYR D 96 7.47 -1.23 -43.23
N ASN D 97 7.25 0.08 -43.26
CA ASN D 97 8.37 1.00 -43.13
C ASN D 97 9.18 0.61 -41.90
N TYR D 98 10.30 -0.05 -42.12
CA TYR D 98 11.16 -0.47 -41.00
C TYR D 98 12.28 0.54 -40.76
N SER D 99 12.52 1.41 -41.74
CA SER D 99 13.57 2.38 -41.59
C SER D 99 13.36 3.18 -40.31
N LEU D 100 12.10 3.24 -39.87
CA LEU D 100 11.69 3.98 -38.67
C LEU D 100 11.67 3.22 -37.33
N VAL D 101 11.71 1.90 -37.38
CA VAL D 101 11.72 1.06 -36.19
C VAL D 101 13.17 0.71 -35.91
N MET D 102 13.85 0.14 -36.90
CA MET D 102 15.24 -0.20 -36.71
C MET D 102 15.85 1.14 -36.31
N GLY D 103 16.70 1.14 -35.30
CA GLY D 103 17.32 2.39 -34.88
C GLY D 103 16.91 2.88 -33.49
N ALA D 104 15.62 2.82 -33.14
CA ALA D 104 15.19 3.28 -31.82
C ALA D 104 13.85 2.77 -31.30
N CYS D 105 13.22 1.82 -31.99
CA CYS D 105 11.93 1.30 -31.51
C CYS D 105 11.88 -0.19 -31.26
N CYS D 106 12.87 -0.95 -31.76
CA CYS D 106 12.88 -2.40 -31.60
C CYS D 106 14.11 -3.08 -32.21
N GLU D 107 14.50 -4.22 -31.62
CA GLU D 107 15.66 -4.98 -32.07
C GLU D 107 15.24 -6.42 -32.38
N ASN D 108 15.84 -7.02 -33.40
CA ASN D 108 15.52 -8.37 -33.82
C ASN D 108 14.18 -8.49 -34.50
N VAL D 109 13.77 -7.41 -35.16
CA VAL D 109 12.48 -7.38 -35.85
C VAL D 109 12.21 -8.59 -36.74
N ILE D 110 11.19 -9.37 -36.39
CA ILE D 110 10.79 -10.55 -37.16
C ILE D 110 9.37 -10.33 -37.67
N GLY D 111 8.96 -9.07 -37.77
CA GLY D 111 7.63 -8.76 -38.27
C GLY D 111 6.91 -7.76 -37.38
N TYR D 112 5.60 -7.69 -37.52
CA TYR D 112 4.81 -6.76 -36.71
C TYR D 112 3.51 -7.40 -36.25
N MET D 113 2.94 -6.88 -35.17
CA MET D 113 1.70 -7.41 -34.62
C MET D 113 0.48 -6.48 -34.82
N PRO D 114 -0.53 -6.97 -35.57
CA PRO D 114 -1.76 -6.22 -35.86
C PRO D 114 -2.75 -6.22 -34.74
N ILE D 115 -3.03 -5.03 -34.20
CA ILE D 115 -4.00 -4.89 -33.11
C ILE D 115 -5.25 -4.15 -33.60
N PRO D 116 -6.39 -4.82 -33.56
CA PRO D 116 -7.61 -4.16 -34.03
C PRO D 116 -7.73 -2.77 -33.44
N VAL D 117 -8.10 -1.80 -34.27
CA VAL D 117 -8.27 -0.43 -33.81
C VAL D 117 -9.71 0.02 -34.00
N GLY D 118 -10.42 0.23 -32.90
CA GLY D 118 -11.80 0.67 -32.99
C GLY D 118 -11.82 2.16 -32.70
N VAL D 119 -12.99 2.76 -32.77
CA VAL D 119 -13.09 4.20 -32.50
C VAL D 119 -14.33 4.45 -31.65
N ALA D 120 -14.20 5.38 -30.71
CA ALA D 120 -15.30 5.71 -29.84
C ALA D 120 -15.51 7.21 -29.82
N GLY D 121 -16.77 7.61 -29.75
CA GLY D 121 -17.05 9.03 -29.73
C GLY D 121 -18.26 9.46 -30.54
N PRO D 122 -18.43 10.77 -30.75
CA PRO D 122 -17.51 11.80 -30.29
C PRO D 122 -17.41 11.91 -28.77
N LEU D 123 -16.26 12.40 -28.30
CA LEU D 123 -16.11 12.61 -26.87
C LEU D 123 -16.27 14.11 -26.77
N CYS D 124 -17.35 14.53 -26.15
CA CYS D 124 -17.61 15.95 -25.99
C CYS D 124 -16.89 16.35 -24.73
N LEU D 125 -15.67 16.83 -24.96
CA LEU D 125 -14.79 17.23 -23.89
C LEU D 125 -14.34 18.67 -24.06
N ASP D 126 -14.52 19.47 -23.02
CA ASP D 126 -14.11 20.86 -23.09
C ASP D 126 -14.56 21.53 -24.38
N GLU D 127 -15.85 21.38 -24.67
CA GLU D 127 -16.44 22.00 -25.84
C GLU D 127 -15.75 21.64 -27.13
N LYS D 128 -15.41 20.38 -27.28
CA LYS D 128 -14.78 19.91 -28.51
C LYS D 128 -15.25 18.49 -28.64
N GLU D 129 -15.01 17.90 -29.79
CA GLU D 129 -15.42 16.53 -29.99
C GLU D 129 -14.22 15.77 -30.51
N PHE D 130 -13.98 14.61 -29.92
CA PHE D 130 -12.84 13.83 -30.35
C PHE D 130 -13.31 12.45 -30.77
N GLN D 131 -12.66 11.93 -31.80
CA GLN D 131 -12.96 10.58 -32.24
C GLN D 131 -11.79 9.81 -31.68
N VAL D 132 -12.01 9.13 -30.55
CA VAL D 132 -10.95 8.39 -29.88
C VAL D 132 -10.62 7.01 -30.41
N PRO D 133 -9.37 6.82 -30.87
CA PRO D 133 -8.89 5.54 -31.40
C PRO D 133 -8.48 4.62 -30.25
N MET D 134 -8.88 3.36 -30.31
CA MET D 134 -8.55 2.43 -29.26
C MET D 134 -8.07 1.13 -29.85
N ALA D 135 -6.79 0.85 -29.72
CA ALA D 135 -6.22 -0.39 -30.23
C ALA D 135 -6.46 -1.47 -29.19
N THR D 136 -7.39 -2.37 -29.47
CA THR D 136 -7.67 -3.42 -28.51
C THR D 136 -8.04 -4.75 -29.14
N THR D 137 -8.17 -5.75 -28.28
CA THR D 137 -8.51 -7.09 -28.66
C THR D 137 -9.61 -7.63 -27.74
N GLU D 138 -10.16 -6.74 -26.89
CA GLU D 138 -11.22 -7.11 -25.95
C GLU D 138 -12.59 -6.62 -26.40
N GLY D 139 -13.46 -7.56 -26.74
CA GLY D 139 -14.80 -7.21 -27.17
C GLY D 139 -15.61 -6.41 -26.18
N CYS D 140 -16.37 -5.45 -26.71
CA CYS D 140 -17.23 -4.56 -25.93
C CYS D 140 -16.51 -3.34 -25.37
N LEU D 141 -15.18 -3.40 -25.27
CA LEU D 141 -14.44 -2.26 -24.72
C LEU D 141 -14.78 -1.00 -25.52
N VAL D 142 -14.63 -1.08 -26.85
CA VAL D 142 -14.94 0.06 -27.70
C VAL D 142 -16.43 0.35 -27.62
N ALA D 143 -17.26 -0.68 -27.78
CA ALA D 143 -18.72 -0.49 -27.69
C ALA D 143 -19.10 0.23 -26.39
N SER D 144 -18.54 -0.24 -25.27
CA SER D 144 -18.82 0.32 -23.95
C SER D 144 -18.34 1.75 -23.84
N THR D 145 -17.12 2.00 -24.30
CA THR D 145 -16.56 3.35 -24.23
C THR D 145 -17.39 4.30 -25.07
N ASN D 146 -17.95 3.76 -26.15
CA ASN D 146 -18.80 4.54 -27.02
C ASN D 146 -20.06 4.88 -26.25
N ARG D 147 -20.74 3.84 -25.76
CA ARG D 147 -21.97 4.02 -24.99
C ARG D 147 -21.74 5.02 -23.88
N GLY D 148 -20.54 5.04 -23.33
CA GLY D 148 -20.23 5.98 -22.28
C GLY D 148 -20.09 7.38 -22.84
N CYS D 149 -19.45 7.51 -24.01
CA CYS D 149 -19.28 8.82 -24.63
C CYS D 149 -20.63 9.43 -24.95
N ARG D 150 -21.57 8.55 -25.32
CA ARG D 150 -22.91 8.93 -25.68
C ARG D 150 -23.62 9.59 -24.53
N ALA D 151 -23.60 8.93 -23.38
CA ALA D 151 -24.24 9.48 -22.20
C ALA D 151 -23.69 10.87 -21.92
N ILE D 152 -22.38 11.04 -22.11
CA ILE D 152 -21.76 12.33 -21.86
C ILE D 152 -22.20 13.38 -22.88
N GLY D 153 -22.27 13.01 -24.16
CA GLY D 153 -22.68 13.95 -25.19
C GLY D 153 -24.09 14.49 -24.93
N LEU D 154 -25.02 13.58 -24.63
CA LEU D 154 -26.37 13.98 -24.32
C LEU D 154 -26.45 14.54 -22.92
N GLY D 155 -25.30 14.85 -22.32
CA GLY D 155 -25.32 15.36 -20.97
C GLY D 155 -24.71 16.74 -20.88
N GLY D 156 -24.47 17.34 -22.03
CA GLY D 156 -23.89 18.67 -22.00
C GLY D 156 -22.40 18.62 -22.16
N GLY D 157 -21.87 17.39 -22.22
CA GLY D 157 -20.44 17.24 -22.38
C GLY D 157 -19.67 17.18 -21.08
N ALA D 158 -18.35 17.01 -21.21
CA ALA D 158 -17.47 16.92 -20.05
C ALA D 158 -16.41 18.02 -19.99
N SER D 159 -15.92 18.29 -18.78
CA SER D 159 -14.89 19.30 -18.54
C SER D 159 -13.66 18.66 -17.89
N SER D 160 -12.48 19.14 -18.28
CA SER D 160 -11.24 18.58 -17.74
C SER D 160 -10.20 19.65 -17.50
N ARG D 161 -9.28 19.36 -16.58
CA ARG D 161 -8.21 20.28 -16.22
C ARG D 161 -6.96 19.50 -15.90
N VAL D 162 -5.84 19.96 -16.45
CA VAL D 162 -4.53 19.38 -16.18
C VAL D 162 -4.09 20.08 -14.92
N LEU D 163 -3.94 19.33 -13.84
CA LEU D 163 -3.56 19.87 -12.53
C LEU D 163 -2.07 20.05 -12.35
N ALA D 164 -1.27 19.20 -13.00
CA ALA D 164 0.17 19.33 -12.88
C ALA D 164 0.85 18.60 -14.01
N ASP D 165 2.09 18.99 -14.28
CA ASP D 165 2.85 18.39 -15.36
C ASP D 165 4.31 18.24 -15.03
N GLY D 166 4.81 17.01 -15.03
CA GLY D 166 6.21 16.80 -14.73
C GLY D 166 6.59 15.34 -14.66
N MET D 167 7.55 14.95 -15.49
CA MET D 167 8.03 13.57 -15.51
C MET D 167 9.07 13.53 -14.42
N THR D 168 9.28 12.37 -13.81
CA THR D 168 10.26 12.28 -12.74
C THR D 168 11.28 11.17 -12.90
N ARG D 169 12.38 11.32 -12.17
CA ARG D 169 13.45 10.34 -12.15
C ARG D 169 14.05 10.39 -10.74
N GLY D 170 14.09 9.25 -10.04
CA GLY D 170 14.63 9.22 -8.70
C GLY D 170 15.80 8.28 -8.46
N PRO D 171 17.04 8.71 -8.71
CA PRO D 171 18.19 7.82 -8.49
C PRO D 171 18.48 7.55 -7.03
N VAL D 172 19.26 6.50 -6.79
CA VAL D 172 19.70 6.19 -5.43
C VAL D 172 21.15 6.65 -5.39
N VAL D 173 21.50 7.36 -4.33
CA VAL D 173 22.85 7.84 -4.18
C VAL D 173 23.29 7.43 -2.77
N ARG D 174 24.57 7.21 -2.58
CA ARG D 174 25.05 6.80 -1.27
C ARG D 174 26.16 7.65 -0.72
N LEU D 175 26.21 7.70 0.60
CA LEU D 175 27.24 8.43 1.30
C LEU D 175 27.86 7.54 2.36
N PRO D 176 29.02 7.93 2.87
CA PRO D 176 29.67 7.11 3.89
C PRO D 176 28.76 6.87 5.10
N ARG D 177 28.24 7.96 5.65
CA ARG D 177 27.37 7.86 6.83
C ARG D 177 26.04 8.56 6.59
N ALA D 178 25.06 8.18 7.40
CA ALA D 178 23.73 8.75 7.32
C ALA D 178 23.82 10.24 7.58
N CYS D 179 24.75 10.63 8.44
CA CYS D 179 24.98 12.03 8.77
C CYS D 179 25.38 12.77 7.53
N ASP D 180 26.02 12.06 6.61
CA ASP D 180 26.44 12.67 5.39
C ASP D 180 25.27 12.84 4.45
N SER D 181 24.45 11.79 4.32
CA SER D 181 23.26 11.84 3.50
C SER D 181 22.47 13.06 3.94
N ALA D 182 22.27 13.12 5.27
CA ALA D 182 21.55 14.18 5.91
C ALA D 182 22.04 15.53 5.44
N GLU D 183 23.36 15.71 5.46
CA GLU D 183 23.95 16.97 5.03
C GLU D 183 23.59 17.27 3.59
N VAL D 184 23.73 16.29 2.71
CA VAL D 184 23.41 16.48 1.31
C VAL D 184 21.95 16.88 1.15
N LYS D 185 21.08 16.21 1.90
CA LYS D 185 19.64 16.51 1.82
C LYS D 185 19.40 17.96 2.13
N ALA D 186 19.98 18.42 3.23
CA ALA D 186 19.83 19.80 3.63
C ALA D 186 20.38 20.75 2.58
N TRP D 187 21.49 20.38 1.97
CA TRP D 187 22.13 21.20 0.95
C TRP D 187 21.18 21.36 -0.25
N LEU D 188 20.70 20.21 -0.74
CA LEU D 188 19.80 20.19 -1.87
C LEU D 188 18.58 21.04 -1.55
N GLU D 189 18.29 21.21 -0.27
CA GLU D 189 17.12 22.00 0.12
C GLU D 189 17.38 23.48 0.31
N THR D 190 18.63 23.91 0.26
CA THR D 190 18.92 25.33 0.38
C THR D 190 18.64 25.88 -1.02
N SER D 191 18.25 27.14 -1.10
CA SER D 191 17.94 27.75 -2.39
C SER D 191 19.11 27.78 -3.36
N GLU D 192 20.31 28.06 -2.85
CA GLU D 192 21.47 28.11 -3.73
C GLU D 192 21.83 26.71 -4.22
N GLY D 193 21.80 25.74 -3.30
CA GLY D 193 22.09 24.37 -3.66
C GLY D 193 21.18 23.90 -4.78
N PHE D 194 19.88 24.18 -4.65
CA PHE D 194 18.90 23.82 -5.67
C PHE D 194 19.16 24.53 -7.00
N ALA D 195 19.63 25.78 -6.91
CA ALA D 195 19.93 26.57 -8.08
C ALA D 195 21.09 25.97 -8.88
N VAL D 196 22.15 25.49 -8.21
CA VAL D 196 23.26 24.91 -8.97
C VAL D 196 22.84 23.58 -9.57
N ILE D 197 22.02 22.84 -8.83
CA ILE D 197 21.55 21.57 -9.34
C ILE D 197 20.63 21.81 -10.55
N LYS D 198 19.75 22.81 -10.42
CA LYS D 198 18.82 23.15 -11.49
C LYS D 198 19.55 23.61 -12.73
N GLU D 199 20.56 24.44 -12.55
CA GLU D 199 21.31 24.93 -13.69
C GLU D 199 21.91 23.78 -14.46
N ALA D 200 22.56 22.88 -13.74
CA ALA D 200 23.17 21.73 -14.36
C ALA D 200 22.09 20.91 -15.07
N PHE D 201 20.99 20.68 -14.38
CA PHE D 201 19.91 19.88 -14.93
C PHE D 201 19.32 20.50 -16.21
N ASP D 202 18.98 21.78 -16.14
CA ASP D 202 18.38 22.46 -17.29
C ASP D 202 19.30 22.61 -18.51
N SER D 203 20.61 22.68 -18.27
CA SER D 203 21.58 22.84 -19.36
C SER D 203 21.63 21.59 -20.22
N THR D 204 20.83 20.61 -19.84
CA THR D 204 20.76 19.33 -20.52
C THR D 204 19.94 19.34 -21.80
N SER D 205 18.86 20.11 -21.80
CA SER D 205 17.98 20.17 -22.95
C SER D 205 17.27 21.49 -23.09
N ARG D 206 16.61 21.66 -24.23
CA ARG D 206 15.87 22.85 -24.56
C ARG D 206 14.62 22.93 -23.70
N PHE D 207 14.09 21.78 -23.30
CA PHE D 207 12.86 21.74 -22.51
C PHE D 207 13.04 21.36 -21.05
N ALA D 208 14.25 20.97 -20.68
CA ALA D 208 14.52 20.58 -19.30
C ALA D 208 14.46 21.76 -18.34
N ARG D 209 13.36 21.88 -17.62
CA ARG D 209 13.26 22.96 -16.65
C ARG D 209 12.80 22.38 -15.33
N LEU D 210 13.80 21.99 -14.55
CA LEU D 210 13.64 21.36 -13.25
C LEU D 210 12.74 22.13 -12.33
N GLN D 211 11.65 21.48 -11.92
CA GLN D 211 10.69 22.04 -10.98
C GLN D 211 11.24 21.73 -9.60
N LYS D 212 10.40 21.20 -8.73
CA LYS D 212 10.81 20.86 -7.37
C LYS D 212 11.84 19.71 -7.35
N LEU D 213 12.21 19.36 -6.11
CA LEU D 213 13.17 18.30 -5.87
C LEU D 213 12.70 17.64 -4.58
N HIS D 214 12.24 16.40 -4.65
CA HIS D 214 11.79 15.68 -3.46
C HIS D 214 12.88 14.69 -2.99
N THR D 215 13.46 14.91 -1.82
CA THR D 215 14.51 14.00 -1.34
C THR D 215 13.97 13.08 -0.26
N SER D 216 14.57 11.90 -0.15
CA SER D 216 14.14 10.93 0.86
C SER D 216 15.33 10.07 1.33
N ILE D 217 15.53 10.07 2.65
CA ILE D 217 16.65 9.37 3.28
C ILE D 217 16.32 8.02 3.85
N ALA D 218 17.24 7.08 3.62
CA ALA D 218 17.12 5.73 4.15
C ALA D 218 18.52 5.44 4.66
N GLY D 219 18.82 5.83 5.89
CA GLY D 219 20.14 5.60 6.42
C GLY D 219 21.16 6.39 5.60
N ARG D 220 22.21 5.74 5.11
CA ARG D 220 23.19 6.49 4.33
C ARG D 220 22.81 6.60 2.85
N ASN D 221 21.59 6.15 2.53
CA ASN D 221 21.06 6.22 1.18
C ASN D 221 20.25 7.50 1.04
N LEU D 222 20.26 8.06 -0.15
CA LEU D 222 19.50 9.27 -0.43
C LEU D 222 18.78 9.11 -1.75
N TYR D 223 17.45 9.16 -1.72
CA TYR D 223 16.69 9.06 -2.96
C TYR D 223 16.27 10.48 -3.37
N ILE D 224 16.69 10.91 -4.55
CA ILE D 224 16.36 12.23 -5.03
C ILE D 224 15.40 12.13 -6.20
N ARG D 225 14.22 12.72 -6.02
CA ARG D 225 13.19 12.71 -7.07
C ARG D 225 13.30 14.02 -7.84
N PHE D 226 13.73 13.93 -9.10
CA PHE D 226 13.88 15.10 -9.95
C PHE D 226 12.60 15.27 -10.75
N GLN D 227 12.07 16.49 -10.79
CA GLN D 227 10.85 16.72 -11.56
C GLN D 227 10.99 17.87 -12.56
N SER D 228 10.65 17.59 -13.82
CA SER D 228 10.78 18.61 -14.84
C SER D 228 9.74 18.43 -15.93
N ARG D 229 9.44 19.50 -16.65
CA ARG D 229 8.49 19.45 -17.75
C ARG D 229 9.31 18.88 -18.88
N SER D 230 8.73 18.76 -20.06
CA SER D 230 9.48 18.22 -21.19
C SER D 230 8.75 18.42 -22.51
N GLY D 231 8.14 19.59 -22.67
CA GLY D 231 7.37 19.82 -23.88
C GLY D 231 6.31 18.75 -24.13
N ASP D 232 6.25 18.28 -25.37
CA ASP D 232 5.27 17.26 -25.74
C ASP D 232 5.88 15.87 -25.77
N ALA D 233 7.02 15.72 -25.08
CA ALA D 233 7.69 14.43 -25.00
C ALA D 233 7.27 13.81 -23.67
N MET D 234 7.21 12.49 -23.61
CA MET D 234 6.84 11.82 -22.37
C MET D 234 7.97 12.13 -21.40
N GLY D 235 9.14 12.39 -21.98
CA GLY D 235 10.30 12.82 -21.23
C GLY D 235 11.14 11.89 -20.36
N MET D 236 10.84 10.60 -20.37
CA MET D 236 11.61 9.65 -19.57
C MET D 236 13.10 9.78 -19.93
N ASN D 237 13.40 9.93 -21.21
CA ASN D 237 14.79 10.06 -21.64
C ASN D 237 15.42 11.38 -21.28
N MET D 238 14.74 12.47 -21.62
CA MET D 238 15.26 13.79 -21.32
C MET D 238 15.64 13.93 -19.85
N ILE D 239 14.75 13.46 -18.98
CA ILE D 239 14.94 13.54 -17.53
C ILE D 239 16.14 12.75 -17.04
N SER D 240 16.37 11.57 -17.60
CA SER D 240 17.52 10.74 -17.22
C SER D 240 18.82 11.50 -17.53
N LYS D 241 18.88 12.13 -18.71
CA LYS D 241 20.03 12.91 -19.11
C LYS D 241 20.23 14.07 -18.16
N GLY D 242 19.12 14.67 -17.75
CA GLY D 242 19.17 15.80 -16.85
C GLY D 242 19.61 15.43 -15.44
N THR D 243 19.05 14.36 -14.88
CA THR D 243 19.44 13.99 -13.53
C THR D 243 20.90 13.54 -13.53
N GLU D 244 21.34 12.88 -14.59
CA GLU D 244 22.71 12.44 -14.64
C GLU D 244 23.64 13.63 -14.59
N LYS D 245 23.41 14.64 -15.43
CA LYS D 245 24.27 15.83 -15.41
C LYS D 245 24.21 16.50 -14.06
N ALA D 246 23.04 16.47 -13.43
CA ALA D 246 22.85 17.08 -12.12
C ALA D 246 23.59 16.30 -11.04
N LEU D 247 23.54 14.98 -11.13
CA LEU D 247 24.21 14.14 -10.15
C LEU D 247 25.72 14.37 -10.20
N SER D 248 26.23 14.73 -11.37
CA SER D 248 27.66 15.00 -11.52
C SER D 248 27.99 16.27 -10.76
N LYS D 249 27.28 17.34 -11.08
CA LYS D 249 27.51 18.59 -10.39
C LYS D 249 27.34 18.37 -8.88
N LEU D 250 26.41 17.49 -8.51
CA LEU D 250 26.19 17.20 -7.10
C LEU D 250 27.43 16.53 -6.50
N HIS D 251 28.05 15.68 -7.31
CA HIS D 251 29.25 14.96 -6.90
C HIS D 251 30.42 15.91 -6.63
N GLU D 252 30.54 16.94 -7.46
CA GLU D 252 31.61 17.93 -7.32
C GLU D 252 31.59 18.51 -5.93
N TYR D 253 30.40 18.63 -5.35
CA TYR D 253 30.25 19.17 -4.01
C TYR D 253 30.39 18.12 -2.92
N PHE D 254 30.03 16.89 -3.22
CA PHE D 254 30.16 15.82 -2.23
C PHE D 254 30.84 14.68 -2.92
N PRO D 255 32.15 14.84 -3.13
CA PRO D 255 33.02 13.87 -3.79
C PRO D 255 32.92 12.48 -3.19
N GLU D 256 32.55 12.39 -1.93
CA GLU D 256 32.42 11.09 -1.29
C GLU D 256 31.09 10.40 -1.56
N MET D 257 30.30 10.96 -2.46
CA MET D 257 29.00 10.40 -2.77
C MET D 257 29.02 9.38 -3.88
N GLN D 258 28.40 8.23 -3.64
CA GLN D 258 28.33 7.19 -4.64
C GLN D 258 27.00 7.21 -5.38
N ILE D 259 27.05 7.32 -6.70
CA ILE D 259 25.84 7.30 -7.51
C ILE D 259 25.59 5.84 -7.82
N LEU D 260 24.73 5.22 -7.04
CA LEU D 260 24.43 3.82 -7.20
C LEU D 260 23.66 3.46 -8.45
N ALA D 261 22.66 4.27 -8.83
CA ALA D 261 21.81 4.03 -10.02
C ALA D 261 20.92 5.24 -10.34
N VAL D 262 20.91 5.67 -11.61
CA VAL D 262 20.11 6.84 -12.01
C VAL D 262 18.67 6.60 -11.65
N SER D 263 18.30 5.34 -11.54
CA SER D 263 16.95 5.00 -11.17
C SER D 263 16.95 4.06 -10.00
N GLY D 264 16.58 4.59 -8.83
CA GLY D 264 16.52 3.79 -7.62
C GLY D 264 15.08 3.48 -7.25
N ASN D 265 14.23 3.37 -8.27
CA ASN D 265 12.81 3.09 -8.09
C ASN D 265 12.03 4.15 -7.30
N TYR D 266 12.55 5.37 -7.23
CA TYR D 266 11.84 6.42 -6.50
C TYR D 266 11.17 7.40 -7.49
N CYS D 267 11.16 7.04 -8.77
CA CYS D 267 10.55 7.89 -9.79
C CYS D 267 9.03 8.03 -9.64
N THR D 268 8.26 6.94 -9.69
CA THR D 268 8.72 5.56 -9.90
C THR D 268 8.29 5.20 -11.32
N ASP D 269 9.10 4.41 -12.03
CA ASP D 269 8.69 4.05 -13.37
C ASP D 269 8.21 2.61 -13.51
N LYS D 270 7.09 2.43 -14.19
CA LYS D 270 6.46 1.13 -14.46
C LYS D 270 6.27 0.15 -13.32
N LYS D 271 6.19 0.63 -12.09
CA LYS D 271 5.93 -0.20 -10.92
C LYS D 271 4.91 0.52 -10.03
N PRO D 272 4.00 -0.23 -9.38
CA PRO D 272 3.03 0.45 -8.52
C PRO D 272 3.74 1.21 -7.40
N ALA D 273 3.35 2.45 -7.13
CA ALA D 273 3.99 3.24 -6.09
C ALA D 273 3.12 4.35 -5.54
N ALA D 274 2.90 4.35 -4.22
CA ALA D 274 2.09 5.38 -3.57
C ALA D 274 2.62 6.78 -3.87
N ILE D 275 3.90 6.90 -4.18
CA ILE D 275 4.44 8.22 -4.42
C ILE D 275 3.91 8.80 -5.72
N ASN D 276 3.70 7.97 -6.74
CA ASN D 276 3.17 8.49 -7.98
C ASN D 276 1.74 8.95 -7.72
N TRP D 277 1.03 8.18 -6.90
CA TRP D 277 -0.35 8.49 -6.56
C TRP D 277 -0.49 9.78 -5.77
N ILE D 278 0.41 9.98 -4.81
CA ILE D 278 0.37 11.14 -3.94
C ILE D 278 1.07 12.38 -4.47
N GLU D 279 2.22 12.18 -5.06
CA GLU D 279 3.01 13.29 -5.55
C GLU D 279 2.68 13.59 -7.01
N GLY D 280 2.15 12.60 -7.71
CA GLY D 280 1.84 12.76 -9.13
C GLY D 280 3.06 12.44 -9.99
N ARG D 281 2.84 12.09 -11.25
CA ARG D 281 3.95 11.83 -12.16
C ARG D 281 3.41 11.95 -13.56
N GLY D 282 4.04 12.80 -14.36
CA GLY D 282 3.56 12.98 -15.71
C GLY D 282 2.52 14.07 -15.64
N LYS D 283 1.31 13.77 -16.11
CA LYS D 283 0.25 14.76 -16.10
C LYS D 283 -0.86 14.32 -15.16
N SER D 284 -1.26 15.22 -14.27
CA SER D 284 -2.34 14.94 -13.32
C SER D 284 -3.53 15.69 -13.92
N VAL D 285 -4.68 15.03 -13.97
CA VAL D 285 -5.84 15.66 -14.56
C VAL D 285 -7.18 15.24 -13.96
N VAL D 286 -8.12 16.19 -13.89
CA VAL D 286 -9.48 15.91 -13.38
C VAL D 286 -10.48 15.91 -14.50
N CYS D 287 -11.59 15.23 -14.28
CA CYS D 287 -12.59 15.15 -15.30
C CYS D 287 -13.94 15.07 -14.62
N GLU D 288 -14.96 15.59 -15.29
CA GLU D 288 -16.32 15.57 -14.76
C GLU D 288 -17.35 15.76 -15.87
N ALA D 289 -18.60 15.44 -15.53
CA ALA D 289 -19.72 15.54 -16.44
C ALA D 289 -20.94 15.27 -15.60
N VAL D 290 -22.12 15.66 -16.08
CA VAL D 290 -23.35 15.38 -15.32
C VAL D 290 -24.30 14.76 -16.32
N ILE D 291 -24.67 13.51 -16.07
CA ILE D 291 -25.58 12.83 -16.97
C ILE D 291 -27.02 13.01 -16.48
N PRO D 292 -27.90 13.52 -17.37
CA PRO D 292 -29.32 13.76 -17.08
C PRO D 292 -30.01 12.45 -16.74
N ALA D 293 -30.76 12.45 -15.65
CA ALA D 293 -31.46 11.25 -15.22
C ALA D 293 -32.09 10.48 -16.36
N LYS D 294 -32.66 11.19 -17.34
CA LYS D 294 -33.28 10.53 -18.49
C LYS D 294 -32.21 9.69 -19.20
N VAL D 295 -31.09 10.32 -19.52
CA VAL D 295 -29.97 9.67 -20.21
C VAL D 295 -29.42 8.44 -19.49
N VAL D 296 -29.47 8.47 -18.16
CA VAL D 296 -28.99 7.35 -17.37
C VAL D 296 -29.95 6.17 -17.55
N ARG D 297 -31.24 6.47 -17.51
CA ARG D 297 -32.23 5.43 -17.67
C ARG D 297 -32.27 4.94 -19.10
N GLU D 298 -32.14 5.86 -20.05
CA GLU D 298 -32.21 5.48 -21.45
C GLU D 298 -30.95 4.93 -22.09
N VAL D 299 -29.86 5.68 -22.02
CA VAL D 299 -28.61 5.22 -22.62
C VAL D 299 -27.91 4.18 -21.74
N LEU D 300 -27.64 4.54 -20.49
CA LEU D 300 -26.93 3.63 -19.59
C LEU D 300 -27.76 2.49 -19.02
N LYS D 301 -29.07 2.55 -19.22
CA LYS D 301 -29.96 1.49 -18.73
C LYS D 301 -30.01 1.25 -17.22
N THR D 302 -29.97 2.31 -16.41
CA THR D 302 -30.06 2.18 -14.95
C THR D 302 -30.51 3.46 -14.30
N THR D 303 -30.20 3.55 -13.01
CA THR D 303 -30.54 4.66 -12.14
C THR D 303 -29.33 5.35 -11.57
N THR D 304 -29.42 6.67 -11.44
CA THR D 304 -28.34 7.43 -10.84
C THR D 304 -28.15 6.89 -9.44
N GLU D 305 -29.24 6.58 -8.78
CA GLU D 305 -29.16 6.06 -7.43
C GLU D 305 -28.39 4.73 -7.39
N ALA D 306 -28.64 3.89 -8.39
CA ALA D 306 -27.99 2.57 -8.48
C ALA D 306 -26.52 2.73 -8.81
N MET D 307 -26.24 3.61 -9.76
CA MET D 307 -24.87 3.88 -10.13
C MET D 307 -24.05 4.21 -8.86
N ILE D 308 -24.49 5.27 -8.18
CA ILE D 308 -23.84 5.74 -6.97
C ILE D 308 -23.70 4.68 -5.92
N GLU D 309 -24.72 3.85 -5.74
CA GLU D 309 -24.69 2.78 -4.74
C GLU D 309 -23.58 1.77 -5.07
N VAL D 310 -23.32 1.61 -6.36
CA VAL D 310 -22.30 0.69 -6.84
C VAL D 310 -20.91 1.33 -6.81
N ASN D 311 -20.81 2.59 -7.21
CA ASN D 311 -19.52 3.25 -7.22
C ASN D 311 -18.88 3.26 -5.86
N ILE D 312 -19.65 3.60 -4.84
CA ILE D 312 -19.13 3.66 -3.49
C ILE D 312 -18.69 2.31 -2.96
N ASN D 313 -19.58 1.33 -3.01
CA ASN D 313 -19.25 0.03 -2.50
C ASN D 313 -18.29 -0.78 -3.37
N LYS D 314 -18.09 -0.37 -4.60
CA LYS D 314 -17.18 -1.08 -5.48
C LYS D 314 -15.85 -0.31 -5.53
N ASN D 315 -15.86 0.82 -6.22
CA ASN D 315 -14.67 1.65 -6.38
C ASN D 315 -14.10 2.25 -5.11
N LEU D 316 -14.85 2.25 -4.02
CA LEU D 316 -14.30 2.82 -2.80
C LEU D 316 -14.14 1.74 -1.75
N VAL D 317 -15.25 1.27 -1.22
CA VAL D 317 -15.18 0.26 -0.20
C VAL D 317 -14.51 -1.04 -0.67
N GLY D 318 -14.78 -1.43 -1.92
CA GLY D 318 -14.20 -2.66 -2.44
C GLY D 318 -12.70 -2.54 -2.62
N SER D 319 -12.29 -1.49 -3.32
CA SER D 319 -10.89 -1.25 -3.55
C SER D 319 -10.15 -1.19 -2.23
N ALA D 320 -10.74 -0.54 -1.24
CA ALA D 320 -10.09 -0.44 0.05
C ALA D 320 -9.98 -1.83 0.68
N MET D 321 -10.97 -2.67 0.47
CA MET D 321 -10.92 -3.98 1.08
C MET D 321 -9.82 -4.84 0.47
N ALA D 322 -9.51 -4.58 -0.80
CA ALA D 322 -8.49 -5.35 -1.50
C ALA D 322 -7.11 -4.75 -1.27
N GLY D 323 -7.06 -3.71 -0.45
CA GLY D 323 -5.79 -3.07 -0.19
C GLY D 323 -5.22 -2.42 -1.43
N SER D 324 -5.99 -1.57 -2.09
CA SER D 324 -5.49 -0.91 -3.27
C SER D 324 -4.84 0.43 -2.95
N ILE D 325 -3.87 0.83 -3.74
CA ILE D 325 -3.25 2.14 -3.55
C ILE D 325 -3.36 2.65 -4.97
N GLY D 326 -4.20 3.66 -5.18
CA GLY D 326 -4.35 4.22 -6.52
C GLY D 326 -5.41 3.65 -7.46
N GLY D 327 -6.05 2.53 -7.10
CA GLY D 327 -7.05 1.96 -8.00
C GLY D 327 -8.50 2.00 -7.55
N TYR D 328 -9.01 3.20 -7.38
CA TYR D 328 -10.41 3.33 -6.97
C TYR D 328 -11.22 3.62 -8.22
N ASN D 329 -11.20 2.68 -9.14
CA ASN D 329 -11.90 2.83 -10.39
C ASN D 329 -12.26 1.45 -10.92
N ALA D 330 -13.18 1.40 -11.89
CA ALA D 330 -13.65 0.14 -12.45
C ALA D 330 -12.69 -0.50 -13.43
N HIS D 331 -12.36 0.19 -14.51
CA HIS D 331 -11.43 -0.37 -15.45
C HIS D 331 -10.64 0.69 -16.21
N ALA D 332 -10.20 1.70 -15.49
CA ALA D 332 -9.43 2.77 -16.14
C ALA D 332 -8.34 2.19 -17.02
N ALA D 333 -7.75 1.08 -16.59
CA ALA D 333 -6.68 0.43 -17.36
C ALA D 333 -7.06 0.06 -18.79
N ASN D 334 -8.22 -0.57 -18.94
CA ASN D 334 -8.73 -0.95 -20.27
C ASN D 334 -8.66 0.23 -21.23
N ILE D 335 -9.08 1.40 -20.76
CA ILE D 335 -9.09 2.58 -21.60
C ILE D 335 -7.71 3.17 -21.85
N VAL D 336 -6.87 3.15 -20.85
CA VAL D 336 -5.52 3.71 -21.03
C VAL D 336 -4.70 2.88 -22.03
N THR D 337 -4.67 1.57 -21.81
CA THR D 337 -3.92 0.67 -22.67
C THR D 337 -4.34 0.81 -24.15
N ALA D 338 -5.65 0.72 -24.39
CA ALA D 338 -6.19 0.83 -25.76
C ALA D 338 -5.71 2.10 -26.45
N ILE D 339 -5.92 3.24 -25.82
CA ILE D 339 -5.49 4.52 -26.39
C ILE D 339 -3.97 4.54 -26.49
N TYR D 340 -3.29 4.02 -25.48
CA TYR D 340 -1.84 4.01 -25.48
C TYR D 340 -1.25 3.23 -26.64
N ILE D 341 -1.78 2.04 -26.91
CA ILE D 341 -1.29 1.21 -28.00
C ILE D 341 -1.61 1.87 -29.33
N ALA D 342 -2.82 2.42 -29.44
CA ALA D 342 -3.24 3.07 -30.66
C ALA D 342 -2.44 4.33 -30.95
N CYS D 343 -2.05 5.07 -29.93
CA CYS D 343 -1.31 6.31 -30.14
C CYS D 343 0.20 6.30 -29.92
N GLY D 344 0.81 5.11 -29.95
CA GLY D 344 2.26 5.05 -29.77
C GLY D 344 2.88 5.38 -28.42
N GLN D 345 2.14 5.21 -27.33
CA GLN D 345 2.66 5.49 -26.00
C GLN D 345 3.30 4.20 -25.47
N ASP D 346 3.93 4.26 -24.30
CA ASP D 346 4.55 3.07 -23.72
C ASP D 346 3.46 2.26 -23.02
N ALA D 347 2.97 1.22 -23.66
CA ALA D 347 1.91 0.43 -23.05
C ALA D 347 2.24 -0.15 -21.68
N ALA D 348 3.53 -0.18 -21.33
CA ALA D 348 3.93 -0.73 -20.02
C ALA D 348 3.71 0.29 -18.92
N GLN D 349 3.66 1.58 -19.27
CA GLN D 349 3.40 2.63 -18.29
C GLN D 349 1.92 2.62 -17.89
N ASN D 350 1.25 1.64 -18.46
CA ASN D 350 -0.12 1.40 -18.20
C ASN D 350 -0.25 1.26 -16.72
N VAL D 351 0.82 0.78 -16.09
CA VAL D 351 0.87 0.54 -14.65
C VAL D 351 0.52 1.77 -13.79
N GLY D 352 1.31 2.83 -13.94
CA GLY D 352 1.05 4.03 -13.16
C GLY D 352 0.04 4.97 -13.78
N SER D 353 0.00 5.01 -15.12
CA SER D 353 -0.92 5.87 -15.83
C SER D 353 -2.38 5.56 -15.53
N SER D 354 -2.67 4.32 -15.18
CA SER D 354 -4.03 3.94 -14.87
C SER D 354 -4.52 4.37 -13.50
N ASN D 355 -3.65 4.93 -12.67
CA ASN D 355 -4.12 5.37 -11.36
C ASN D 355 -5.31 6.28 -11.59
N CYS D 356 -6.38 6.06 -10.82
CA CYS D 356 -7.56 6.84 -10.99
C CYS D 356 -8.63 6.60 -9.97
N ILE D 357 -9.14 7.67 -9.39
CA ILE D 357 -10.26 7.51 -8.45
C ILE D 357 -11.53 8.09 -9.18
N THR D 358 -12.58 7.28 -9.32
CA THR D 358 -13.80 7.76 -9.98
C THR D 358 -14.89 7.92 -8.93
N LEU D 359 -15.48 9.12 -8.91
CA LEU D 359 -16.51 9.46 -7.95
C LEU D 359 -17.84 9.81 -8.60
N MET D 360 -18.93 9.41 -7.94
CA MET D 360 -20.27 9.64 -8.43
C MET D 360 -21.23 10.19 -7.37
N GLU D 361 -21.84 11.32 -7.65
CA GLU D 361 -22.81 11.92 -6.71
C GLU D 361 -24.14 12.14 -7.38
N ALA D 362 -25.15 12.28 -6.54
CA ALA D 362 -26.50 12.58 -7.00
C ALA D 362 -26.46 14.08 -7.31
N SER D 363 -27.11 14.51 -8.37
CA SER D 363 -27.09 15.93 -8.69
C SER D 363 -28.38 16.37 -9.33
N GLY D 364 -28.53 17.68 -9.48
CA GLY D 364 -29.73 18.23 -10.09
C GLY D 364 -30.81 18.63 -9.10
N PRO D 365 -31.85 19.31 -9.59
CA PRO D 365 -32.99 19.79 -8.82
C PRO D 365 -33.68 18.67 -8.05
N THR D 366 -33.62 17.45 -8.57
CA THR D 366 -34.25 16.32 -7.90
C THR D 366 -33.23 15.27 -7.46
N ASN D 367 -31.95 15.52 -7.73
CA ASN D 367 -30.91 14.56 -7.39
C ASN D 367 -31.11 13.28 -8.15
N GLU D 368 -31.55 13.41 -9.40
CA GLU D 368 -31.78 12.25 -10.26
C GLU D 368 -30.68 12.23 -11.29
N ASP D 369 -29.97 13.34 -11.38
CA ASP D 369 -28.89 13.45 -12.33
C ASP D 369 -27.63 12.88 -11.71
N LEU D 370 -26.78 12.33 -12.58
CA LEU D 370 -25.55 11.72 -12.14
C LEU D 370 -24.36 12.62 -12.33
N TYR D 371 -23.73 13.01 -11.23
CA TYR D 371 -22.50 13.80 -11.30
C TYR D 371 -21.35 12.79 -11.22
N ILE D 372 -20.43 12.85 -12.17
CA ILE D 372 -19.32 11.93 -12.20
C ILE D 372 -18.01 12.63 -12.44
N SER D 373 -16.98 12.20 -11.70
CA SER D 373 -15.65 12.77 -11.88
C SER D 373 -14.65 11.65 -11.87
N CYS D 374 -13.50 11.92 -12.49
CA CYS D 374 -12.38 10.98 -12.57
C CYS D 374 -11.07 11.71 -12.42
N THR D 375 -10.32 11.40 -11.35
CA THR D 375 -9.03 12.07 -11.13
C THR D 375 -7.86 11.09 -11.34
N MET D 376 -7.00 11.43 -12.29
CA MET D 376 -5.85 10.63 -12.63
C MET D 376 -4.62 11.49 -12.45
N PRO D 377 -3.86 11.24 -11.36
CA PRO D 377 -2.64 11.92 -10.93
C PRO D 377 -1.37 11.61 -11.68
N SER D 378 -1.29 10.47 -12.35
CA SER D 378 -0.05 10.10 -13.01
C SER D 378 -0.12 9.57 -14.44
N ILE D 379 -0.63 10.39 -15.35
CA ILE D 379 -0.73 9.99 -16.75
C ILE D 379 0.61 10.26 -17.45
N GLU D 380 1.38 9.21 -17.67
CA GLU D 380 2.65 9.35 -18.36
C GLU D 380 2.35 9.26 -19.85
N ILE D 381 2.47 10.38 -20.52
CA ILE D 381 2.13 10.43 -21.92
C ILE D 381 3.01 11.41 -22.69
N GLY D 382 3.06 11.25 -24.00
CA GLY D 382 3.87 12.13 -24.83
C GLY D 382 3.35 12.11 -26.27
N THR D 383 3.67 13.15 -27.02
CA THR D 383 3.21 13.31 -28.40
C THR D 383 4.37 13.40 -29.38
N VAL D 384 5.56 13.11 -28.89
CA VAL D 384 6.74 13.18 -29.71
C VAL D 384 7.70 12.11 -29.27
N GLY D 385 8.44 11.57 -30.22
CA GLY D 385 9.41 10.53 -29.91
C GLY D 385 8.76 9.18 -29.68
N GLY D 386 9.58 8.19 -29.35
CA GLY D 386 9.07 6.86 -29.10
C GLY D 386 8.28 6.28 -30.26
N GLY D 387 7.20 5.58 -29.91
CA GLY D 387 6.33 4.99 -30.91
C GLY D 387 5.57 6.09 -31.62
N THR D 388 5.69 7.30 -31.08
CA THR D 388 5.04 8.46 -31.66
C THR D 388 5.68 8.82 -33.00
N ASN D 389 6.84 8.25 -33.29
CA ASN D 389 7.52 8.54 -34.54
C ASN D 389 7.07 7.65 -35.67
N LEU D 390 6.38 6.56 -35.35
CA LEU D 390 5.90 5.65 -36.40
C LEU D 390 4.67 6.27 -37.05
N LEU D 391 4.50 6.04 -38.36
CA LEU D 391 3.40 6.64 -39.09
C LEU D 391 2.00 6.15 -38.76
N PRO D 392 1.82 4.84 -38.58
CA PRO D 392 0.45 4.42 -38.26
C PRO D 392 -0.01 4.97 -36.91
N GLN D 393 0.90 4.98 -35.94
CA GLN D 393 0.56 5.49 -34.62
C GLN D 393 0.27 6.98 -34.78
N GLN D 394 1.09 7.64 -35.58
CA GLN D 394 0.93 9.06 -35.83
C GLN D 394 -0.46 9.34 -36.43
N ALA D 395 -1.02 8.37 -37.14
CA ALA D 395 -2.33 8.52 -37.74
C ALA D 395 -3.36 8.71 -36.65
N CYS D 396 -3.29 7.87 -35.62
CA CYS D 396 -4.22 7.97 -34.51
C CYS D 396 -4.02 9.24 -33.72
N LEU D 397 -2.82 9.79 -33.78
CA LEU D 397 -2.56 11.01 -33.06
C LEU D 397 -3.22 12.18 -33.81
N GLN D 398 -3.08 12.21 -35.13
CA GLN D 398 -3.66 13.28 -35.92
C GLN D 398 -5.15 13.21 -35.78
N MET D 399 -5.65 11.98 -35.75
CA MET D 399 -7.08 11.74 -35.62
C MET D 399 -7.59 12.53 -34.42
N LEU D 400 -6.73 12.75 -33.43
CA LEU D 400 -7.10 13.51 -32.22
C LEU D 400 -6.45 14.88 -32.27
N GLY D 401 -5.78 15.15 -33.39
CA GLY D 401 -5.14 16.44 -33.56
C GLY D 401 -4.17 16.74 -32.44
N VAL D 402 -3.31 15.79 -32.13
CA VAL D 402 -2.34 15.97 -31.08
C VAL D 402 -0.93 15.71 -31.59
N GLN D 403 -0.84 14.89 -32.62
CA GLN D 403 0.41 14.48 -33.26
C GLN D 403 1.55 15.50 -33.23
N GLY D 404 2.79 15.01 -33.01
CA GLY D 404 3.98 15.84 -32.98
C GLY D 404 4.06 16.90 -31.92
N ALA D 405 5.08 17.74 -31.99
CA ALA D 405 5.24 18.78 -30.99
C ALA D 405 4.33 19.96 -31.28
N CYS D 406 3.88 20.64 -30.23
CA CYS D 406 3.05 21.80 -30.42
C CYS D 406 3.98 23.00 -30.47
N LYS D 407 4.32 23.42 -31.68
CA LYS D 407 5.20 24.54 -31.89
C LYS D 407 4.87 25.81 -31.06
N ASP D 408 3.67 26.34 -31.24
CA ASP D 408 3.29 27.55 -30.52
C ASP D 408 3.39 27.37 -29.01
N ASN D 409 2.62 26.45 -28.46
CA ASN D 409 2.64 26.20 -27.01
C ASN D 409 3.17 24.80 -26.68
N PRO D 410 4.50 24.69 -26.43
CA PRO D 410 5.15 23.42 -26.10
C PRO D 410 4.52 22.69 -24.94
N GLY D 411 4.21 21.41 -25.17
CA GLY D 411 3.60 20.60 -24.14
C GLY D 411 2.10 20.51 -24.30
N GLU D 412 1.53 21.45 -25.05
CA GLU D 412 0.10 21.48 -25.28
C GLU D 412 -0.49 20.18 -25.83
N ASN D 413 0.16 19.58 -26.82
CA ASN D 413 -0.37 18.34 -27.36
C ASN D 413 -0.35 17.25 -26.30
N ALA D 414 0.77 17.11 -25.60
CA ALA D 414 0.87 16.09 -24.58
C ALA D 414 -0.26 16.33 -23.60
N ARG D 415 -0.37 17.55 -23.11
CA ARG D 415 -1.42 17.86 -22.17
C ARG D 415 -2.81 17.59 -22.73
N GLN D 416 -3.06 17.99 -23.97
CA GLN D 416 -4.36 17.77 -24.57
C GLN D 416 -4.67 16.29 -24.62
N LEU D 417 -3.70 15.49 -25.03
CA LEU D 417 -3.93 14.06 -25.12
C LEU D 417 -4.25 13.47 -23.74
N ALA D 418 -3.57 14.00 -22.72
CA ALA D 418 -3.77 13.55 -21.35
C ALA D 418 -5.22 13.76 -20.97
N ARG D 419 -5.74 14.92 -21.31
CA ARG D 419 -7.12 15.23 -20.99
C ARG D 419 -8.09 14.30 -21.71
N ILE D 420 -7.76 13.96 -22.95
CA ILE D 420 -8.59 13.06 -23.72
C ILE D 420 -8.57 11.68 -23.06
N VAL D 421 -7.38 11.26 -22.64
CA VAL D 421 -7.27 9.96 -21.97
C VAL D 421 -8.14 9.97 -20.71
N CYS D 422 -8.06 11.05 -19.94
CA CYS D 422 -8.87 11.12 -18.74
C CYS D 422 -10.36 11.16 -19.10
N GLY D 423 -10.70 11.94 -20.13
CA GLY D 423 -12.10 12.04 -20.58
C GLY D 423 -12.68 10.69 -21.00
N THR D 424 -11.93 9.99 -21.87
CA THR D 424 -12.35 8.68 -22.35
C THR D 424 -12.47 7.70 -21.18
N VAL D 425 -11.59 7.84 -20.20
CA VAL D 425 -11.67 6.95 -19.06
C VAL D 425 -12.99 7.16 -18.33
N MET D 426 -13.37 8.41 -18.15
CA MET D 426 -14.64 8.68 -17.45
C MET D 426 -15.78 8.05 -18.24
N ALA D 427 -15.73 8.20 -19.56
CA ALA D 427 -16.71 7.60 -20.44
C ALA D 427 -16.80 6.12 -20.16
N GLY D 428 -15.66 5.42 -20.25
CA GLY D 428 -15.64 3.98 -19.98
C GLY D 428 -16.15 3.66 -18.57
N GLU D 429 -15.73 4.45 -17.59
CA GLU D 429 -16.15 4.24 -16.23
C GLU D 429 -17.67 4.27 -16.15
N LEU D 430 -18.26 5.31 -16.78
CA LEU D 430 -19.70 5.52 -16.84
C LEU D 430 -20.42 4.26 -17.34
N SER D 431 -20.05 3.81 -18.55
CA SER D 431 -20.68 2.64 -19.17
C SER D 431 -20.54 1.33 -18.41
N LEU D 432 -19.32 1.01 -17.99
CA LEU D 432 -19.11 -0.24 -17.27
C LEU D 432 -19.83 -0.21 -15.92
N MET D 433 -19.69 0.89 -15.19
CA MET D 433 -20.35 1.00 -13.91
C MET D 433 -21.83 0.74 -14.09
N ALA D 434 -22.41 1.37 -15.11
CA ALA D 434 -23.82 1.20 -15.44
C ALA D 434 -24.12 -0.28 -15.65
N ALA D 435 -23.44 -0.88 -16.62
CA ALA D 435 -23.59 -2.30 -16.91
C ALA D 435 -23.57 -3.16 -15.64
N LEU D 436 -22.65 -2.84 -14.74
CA LEU D 436 -22.53 -3.60 -13.49
C LEU D 436 -23.75 -3.36 -12.61
N ALA D 437 -24.21 -2.13 -12.58
CA ALA D 437 -25.38 -1.77 -11.78
C ALA D 437 -26.58 -2.52 -12.31
N ALA D 438 -26.77 -2.45 -13.62
CA ALA D 438 -27.90 -3.10 -14.28
C ALA D 438 -27.83 -4.63 -14.33
N GLY D 439 -26.66 -5.20 -14.05
CA GLY D 439 -26.54 -6.65 -14.12
C GLY D 439 -26.40 -7.06 -15.57
N HIS D 440 -25.73 -6.21 -16.34
CA HIS D 440 -25.54 -6.46 -17.76
C HIS D 440 -24.18 -7.04 -18.14
N LEU D 441 -23.23 -7.04 -17.21
CA LEU D 441 -21.88 -7.53 -17.49
C LEU D 441 -21.76 -8.93 -18.12
N VAL D 442 -22.45 -9.93 -17.58
CA VAL D 442 -22.33 -11.27 -18.15
C VAL D 442 -22.90 -11.38 -19.55
N LYS D 443 -24.00 -10.67 -19.81
CA LYS D 443 -24.61 -10.67 -21.15
C LYS D 443 -23.57 -10.04 -22.08
N SER D 444 -23.07 -8.86 -21.70
CA SER D 444 -22.06 -8.16 -22.47
C SER D 444 -21.45 -6.98 -21.70
#